data_6LUO
# 
_entry.id   6LUO 
# 
_audit_conform.dict_name       mmcif_pdbx.dic 
_audit_conform.dict_version    5.398 
_audit_conform.dict_location   http://mmcif.pdb.org/dictionaries/ascii/mmcif_pdbx.dic 
# 
loop_
_database_2.database_id 
_database_2.database_code 
_database_2.pdbx_database_accession 
_database_2.pdbx_DOI 
PDB   6LUO         pdb_00006luo 10.2210/pdb6luo/pdb 
WWPDB D_1300014789 ?            ?                   
# 
loop_
_pdbx_audit_revision_history.ordinal 
_pdbx_audit_revision_history.data_content_type 
_pdbx_audit_revision_history.major_revision 
_pdbx_audit_revision_history.minor_revision 
_pdbx_audit_revision_history.revision_date 
1 'Structure model' 1 0 2021-04-28 
2 'Structure model' 1 1 2021-11-10 
3 'Structure model' 1 2 2023-11-29 
4 'Structure model' 1 3 2024-11-13 
# 
_pdbx_audit_revision_details.ordinal             1 
_pdbx_audit_revision_details.revision_ordinal    1 
_pdbx_audit_revision_details.data_content_type   'Structure model' 
_pdbx_audit_revision_details.provider            repository 
_pdbx_audit_revision_details.type                'Initial release' 
_pdbx_audit_revision_details.description         ? 
_pdbx_audit_revision_details.details             ? 
# 
loop_
_pdbx_audit_revision_group.ordinal 
_pdbx_audit_revision_group.revision_ordinal 
_pdbx_audit_revision_group.data_content_type 
_pdbx_audit_revision_group.group 
1 2 'Structure model' 'Database references'    
2 3 'Structure model' 'Data collection'        
3 3 'Structure model' 'Derived calculations'   
4 3 'Structure model' 'Refinement description' 
5 4 'Structure model' 'Structure summary'      
# 
loop_
_pdbx_audit_revision_category.ordinal 
_pdbx_audit_revision_category.revision_ordinal 
_pdbx_audit_revision_category.data_content_type 
_pdbx_audit_revision_category.category 
1 2 'Structure model' citation                      
2 2 'Structure model' citation_author               
3 2 'Structure model' database_2                    
4 3 'Structure model' atom_type                     
5 3 'Structure model' chem_comp_atom                
6 3 'Structure model' chem_comp_bond                
7 3 'Structure model' pdbx_initial_refinement_model 
8 4 'Structure model' pdbx_entry_details            
9 4 'Structure model' pdbx_modification_feature     
# 
loop_
_pdbx_audit_revision_item.ordinal 
_pdbx_audit_revision_item.revision_ordinal 
_pdbx_audit_revision_item.data_content_type 
_pdbx_audit_revision_item.item 
1  2 'Structure model' '_citation.country'                   
2  2 'Structure model' '_citation.journal_abbrev'            
3  2 'Structure model' '_citation.journal_id_CSD'            
4  2 'Structure model' '_citation.journal_id_ISSN'           
5  2 'Structure model' '_citation.pdbx_database_id_DOI'      
6  2 'Structure model' '_citation.pdbx_database_id_PubMed'   
7  2 'Structure model' '_citation.title'                     
8  2 'Structure model' '_citation.year'                      
9  2 'Structure model' '_database_2.pdbx_DOI'                
10 2 'Structure model' '_database_2.pdbx_database_accession' 
11 3 'Structure model' '_atom_type.pdbx_N_electrons'         
12 3 'Structure model' '_atom_type.pdbx_scat_Z'              
# 
_pdbx_database_status.status_code                     REL 
_pdbx_database_status.status_code_sf                  REL 
_pdbx_database_status.status_code_mr                  ? 
_pdbx_database_status.entry_id                        6LUO 
_pdbx_database_status.recvd_initial_deposition_date   2020-01-30 
_pdbx_database_status.SG_entry                        N 
_pdbx_database_status.deposit_site                    PDBJ 
_pdbx_database_status.process_site                    PDBJ 
_pdbx_database_status.status_code_cs                  ? 
_pdbx_database_status.status_code_nmr_data            ? 
_pdbx_database_status.methods_development_category    ? 
_pdbx_database_status.pdb_format_compatible           Y 
# 
loop_
_audit_author.name 
_audit_author.pdbx_ordinal 
_audit_author.identifier_ORCID 
'Xia, C.' 1 0000-0002-3444-0624 
'Wu, Y.'  2 0000-0001-8326-2492 
# 
_citation.abstract                  ? 
_citation.abstract_id_CAS           ? 
_citation.book_id_ISBN              ? 
_citation.book_publisher            ? 
_citation.book_publisher_city       ? 
_citation.book_title                ? 
_citation.coordinate_linkage        ? 
_citation.country                   US 
_citation.database_id_Medline       ? 
_citation.details                   ? 
_citation.id                        primary 
_citation.journal_abbrev            'J Immunol.' 
_citation.journal_id_ASTM           ? 
_citation.journal_id_CSD            ? 
_citation.journal_id_ISSN           1550-6606 
_citation.journal_full              ? 
_citation.journal_issue             ? 
_citation.journal_volume            ? 
_citation.language                  ? 
_citation.page_first                ? 
_citation.page_last                 ? 
_citation.title                     
;The Structure of a Peptide-Loaded Shark MHC Class I Molecule Reveals Features of the Binding between beta 2 -Microglobulin and H Chain Conserved in Evolution.
;
_citation.year                      2021 
_citation.database_id_CSD           ? 
_citation.pdbx_database_id_DOI      10.4049/jimmunol.2001165 
_citation.pdbx_database_id_PubMed   34145057 
_citation.unpublished_flag          ? 
# 
loop_
_citation_author.citation_id 
_citation_author.name 
_citation_author.ordinal 
_citation_author.identifier_ORCID 
primary 'Wu, Y.'         1 0000-0003-4964-888X 
primary 'Zhang, N.'      2 ?                   
primary 'Wei, X.'        3 0000-0001-6660-0242 
primary 'Lu, S.'         4 ?                   
primary 'Li, S.'         5 0000-0001-8643-9994 
primary 'Hashimoto, K.'  6 ?                   
primary 'Dijkstra, J.M.' 7 0000-0001-7097-3826 
primary 'Xia, C.'        8 0000-0002-3444-0624 
# 
loop_
_entity.id 
_entity.type 
_entity.src_method 
_entity.pdbx_description 
_entity.formula_weight 
_entity.pdbx_number_of_molecules 
_entity.pdbx_ec 
_entity.pdbx_mutation 
_entity.pdbx_fragment 
_entity.details 
1 polymer man Beta-2-microglobulin 11039.328 2   ? ? ? ? 
2 water   nat water                18.015    127 ? ? ? ? 
# 
_entity_poly.entity_id                      1 
_entity_poly.type                           'polypeptide(L)' 
_entity_poly.nstd_linkage                   no 
_entity_poly.nstd_monomer                   no 
_entity_poly.pdbx_seq_one_letter_code       
;ATSSPNVQVYTYKLIKEGESNVLLCHAKDFSPPNIKLELLENGRIIPNTTQSDLSFESDWSFKLTRYVEFTPQSGYKYSC
MVTHNGDSKEIQLDRY
;
_entity_poly.pdbx_seq_one_letter_code_can   
;ATSSPNVQVYTYKLIKEGESNVLLCHAKDFSPPNIKLELLENGRIIPNTTQSDLSFESDWSFKLTRYVEFTPQSGYKYSC
MVTHNGDSKEIQLDRY
;
_entity_poly.pdbx_strand_id                 A,B 
_entity_poly.pdbx_target_identifier         ? 
# 
_pdbx_entity_nonpoly.entity_id   2 
_pdbx_entity_nonpoly.name        water 
_pdbx_entity_nonpoly.comp_id     HOH 
# 
loop_
_entity_poly_seq.entity_id 
_entity_poly_seq.num 
_entity_poly_seq.mon_id 
_entity_poly_seq.hetero 
1 1  ALA n 
1 2  THR n 
1 3  SER n 
1 4  SER n 
1 5  PRO n 
1 6  ASN n 
1 7  VAL n 
1 8  GLN n 
1 9  VAL n 
1 10 TYR n 
1 11 THR n 
1 12 TYR n 
1 13 LYS n 
1 14 LEU n 
1 15 ILE n 
1 16 LYS n 
1 17 GLU n 
1 18 GLY n 
1 19 GLU n 
1 20 SER n 
1 21 ASN n 
1 22 VAL n 
1 23 LEU n 
1 24 LEU n 
1 25 CYS n 
1 26 HIS n 
1 27 ALA n 
1 28 LYS n 
1 29 ASP n 
1 30 PHE n 
1 31 SER n 
1 32 PRO n 
1 33 PRO n 
1 34 ASN n 
1 35 ILE n 
1 36 LYS n 
1 37 LEU n 
1 38 GLU n 
1 39 LEU n 
1 40 LEU n 
1 41 GLU n 
1 42 ASN n 
1 43 GLY n 
1 44 ARG n 
1 45 ILE n 
1 46 ILE n 
1 47 PRO n 
1 48 ASN n 
1 49 THR n 
1 50 THR n 
1 51 GLN n 
1 52 SER n 
1 53 ASP n 
1 54 LEU n 
1 55 SER n 
1 56 PHE n 
1 57 GLU n 
1 58 SER n 
1 59 ASP n 
1 60 TRP n 
1 61 SER n 
1 62 PHE n 
1 63 LYS n 
1 64 LEU n 
1 65 THR n 
1 66 ARG n 
1 67 TYR n 
1 68 VAL n 
1 69 GLU n 
1 70 PHE n 
1 71 THR n 
1 72 PRO n 
1 73 GLN n 
1 74 SER n 
1 75 GLY n 
1 76 TYR n 
1 77 LYS n 
1 78 TYR n 
1 79 SER n 
1 80 CYS n 
1 81 MET n 
1 82 VAL n 
1 83 THR n 
1 84 HIS n 
1 85 ASN n 
1 86 GLY n 
1 87 ASP n 
1 88 SER n 
1 89 LYS n 
1 90 GLU n 
1 91 ILE n 
1 92 GLN n 
1 93 LEU n 
1 94 ASP n 
1 95 ARG n 
1 96 TYR n 
# 
_entity_src_gen.entity_id                          1 
_entity_src_gen.pdbx_src_id                        1 
_entity_src_gen.pdbx_alt_source_flag               sample 
_entity_src_gen.pdbx_seq_type                      'Biological sequence' 
_entity_src_gen.pdbx_beg_seq_num                   1 
_entity_src_gen.pdbx_end_seq_num                   96 
_entity_src_gen.gene_src_common_name               'Nurse shark' 
_entity_src_gen.gene_src_genus                     ? 
_entity_src_gen.pdbx_gene_src_gene                 'B2M, b2m' 
_entity_src_gen.gene_src_species                   ? 
_entity_src_gen.gene_src_strain                    ? 
_entity_src_gen.gene_src_tissue                    ? 
_entity_src_gen.gene_src_tissue_fraction           ? 
_entity_src_gen.gene_src_details                   ? 
_entity_src_gen.pdbx_gene_src_fragment             ? 
_entity_src_gen.pdbx_gene_src_scientific_name      'Ginglymostoma cirratum' 
_entity_src_gen.pdbx_gene_src_ncbi_taxonomy_id     7801 
_entity_src_gen.pdbx_gene_src_variant              ? 
_entity_src_gen.pdbx_gene_src_cell_line            ? 
_entity_src_gen.pdbx_gene_src_atcc                 ? 
_entity_src_gen.pdbx_gene_src_organ                ? 
_entity_src_gen.pdbx_gene_src_organelle            ? 
_entity_src_gen.pdbx_gene_src_cell                 ? 
_entity_src_gen.pdbx_gene_src_cellular_location    ? 
_entity_src_gen.host_org_common_name               ? 
_entity_src_gen.pdbx_host_org_scientific_name      'Escherichia coli' 
_entity_src_gen.pdbx_host_org_ncbi_taxonomy_id     562 
_entity_src_gen.host_org_genus                     ? 
_entity_src_gen.pdbx_host_org_gene                 ? 
_entity_src_gen.pdbx_host_org_organ                ? 
_entity_src_gen.host_org_species                   ? 
_entity_src_gen.pdbx_host_org_tissue               ? 
_entity_src_gen.pdbx_host_org_tissue_fraction      ? 
_entity_src_gen.pdbx_host_org_strain               ? 
_entity_src_gen.pdbx_host_org_variant              ? 
_entity_src_gen.pdbx_host_org_cell_line            ? 
_entity_src_gen.pdbx_host_org_atcc                 ? 
_entity_src_gen.pdbx_host_org_culture_collection   ? 
_entity_src_gen.pdbx_host_org_cell                 ? 
_entity_src_gen.pdbx_host_org_organelle            ? 
_entity_src_gen.pdbx_host_org_cellular_location    ? 
_entity_src_gen.pdbx_host_org_vector_type          ? 
_entity_src_gen.pdbx_host_org_vector               ? 
_entity_src_gen.host_org_details                   ? 
_entity_src_gen.expression_system_id               ? 
_entity_src_gen.plasmid_name                       ? 
_entity_src_gen.plasmid_details                    ? 
_entity_src_gen.pdbx_description                   ? 
# 
loop_
_chem_comp.id 
_chem_comp.type 
_chem_comp.mon_nstd_flag 
_chem_comp.name 
_chem_comp.pdbx_synonyms 
_chem_comp.formula 
_chem_comp.formula_weight 
ALA 'L-peptide linking' y ALANINE         ? 'C3 H7 N O2'     89.093  
ARG 'L-peptide linking' y ARGININE        ? 'C6 H15 N4 O2 1' 175.209 
ASN 'L-peptide linking' y ASPARAGINE      ? 'C4 H8 N2 O3'    132.118 
ASP 'L-peptide linking' y 'ASPARTIC ACID' ? 'C4 H7 N O4'     133.103 
CYS 'L-peptide linking' y CYSTEINE        ? 'C3 H7 N O2 S'   121.158 
GLN 'L-peptide linking' y GLUTAMINE       ? 'C5 H10 N2 O3'   146.144 
GLU 'L-peptide linking' y 'GLUTAMIC ACID' ? 'C5 H9 N O4'     147.129 
GLY 'peptide linking'   y GLYCINE         ? 'C2 H5 N O2'     75.067  
HIS 'L-peptide linking' y HISTIDINE       ? 'C6 H10 N3 O2 1' 156.162 
HOH non-polymer         . WATER           ? 'H2 O'           18.015  
ILE 'L-peptide linking' y ISOLEUCINE      ? 'C6 H13 N O2'    131.173 
LEU 'L-peptide linking' y LEUCINE         ? 'C6 H13 N O2'    131.173 
LYS 'L-peptide linking' y LYSINE          ? 'C6 H15 N2 O2 1' 147.195 
MET 'L-peptide linking' y METHIONINE      ? 'C5 H11 N O2 S'  149.211 
PHE 'L-peptide linking' y PHENYLALANINE   ? 'C9 H11 N O2'    165.189 
PRO 'L-peptide linking' y PROLINE         ? 'C5 H9 N O2'     115.130 
SER 'L-peptide linking' y SERINE          ? 'C3 H7 N O3'     105.093 
THR 'L-peptide linking' y THREONINE       ? 'C4 H9 N O3'     119.119 
TRP 'L-peptide linking' y TRYPTOPHAN      ? 'C11 H12 N2 O2'  204.225 
TYR 'L-peptide linking' y TYROSINE        ? 'C9 H11 N O3'    181.189 
VAL 'L-peptide linking' y VALINE          ? 'C5 H11 N O2'    117.146 
# 
loop_
_pdbx_poly_seq_scheme.asym_id 
_pdbx_poly_seq_scheme.entity_id 
_pdbx_poly_seq_scheme.seq_id 
_pdbx_poly_seq_scheme.mon_id 
_pdbx_poly_seq_scheme.ndb_seq_num 
_pdbx_poly_seq_scheme.pdb_seq_num 
_pdbx_poly_seq_scheme.auth_seq_num 
_pdbx_poly_seq_scheme.pdb_mon_id 
_pdbx_poly_seq_scheme.auth_mon_id 
_pdbx_poly_seq_scheme.pdb_strand_id 
_pdbx_poly_seq_scheme.pdb_ins_code 
_pdbx_poly_seq_scheme.hetero 
A 1 1  ALA 1  2  2  ALA ALA A . n 
A 1 2  THR 2  3  3  THR THR A . n 
A 1 3  SER 3  4  4  SER SER A . n 
A 1 4  SER 4  5  5  SER SER A . n 
A 1 5  PRO 5  6  6  PRO PRO A . n 
A 1 6  ASN 6  7  7  ASN ASN A . n 
A 1 7  VAL 7  8  8  VAL VAL A . n 
A 1 8  GLN 8  9  9  GLN GLN A . n 
A 1 9  VAL 9  10 10 VAL VAL A . n 
A 1 10 TYR 10 11 11 TYR TYR A . n 
A 1 11 THR 11 12 12 THR THR A . n 
A 1 12 TYR 12 13 13 TYR TYR A . n 
A 1 13 LYS 13 14 14 LYS LYS A . n 
A 1 14 LEU 14 15 15 LEU LEU A . n 
A 1 15 ILE 15 16 16 ILE ILE A . n 
A 1 16 LYS 16 17 17 LYS LYS A . n 
A 1 17 GLU 17 18 18 GLU GLU A . n 
A 1 18 GLY 18 19 19 GLY GLY A . n 
A 1 19 GLU 19 20 20 GLU GLU A . n 
A 1 20 SER 20 21 21 SER SER A . n 
A 1 21 ASN 21 22 22 ASN ASN A . n 
A 1 22 VAL 22 23 23 VAL VAL A . n 
A 1 23 LEU 23 24 24 LEU LEU A . n 
A 1 24 LEU 24 25 25 LEU LEU A . n 
A 1 25 CYS 25 26 26 CYS CYS A . n 
A 1 26 HIS 26 27 27 HIS HIS A . n 
A 1 27 ALA 27 28 28 ALA ALA A . n 
A 1 28 LYS 28 29 29 LYS LYS A . n 
A 1 29 ASP 29 30 30 ASP ASP A . n 
A 1 30 PHE 30 31 31 PHE PHE A . n 
A 1 31 SER 31 32 32 SER SER A . n 
A 1 32 PRO 32 33 33 PRO PRO A . n 
A 1 33 PRO 33 34 34 PRO PRO A . n 
A 1 34 ASN 34 35 35 ASN ASN A . n 
A 1 35 ILE 35 36 36 ILE ILE A . n 
A 1 36 LYS 36 37 37 LYS LYS A . n 
A 1 37 LEU 37 38 38 LEU LEU A . n 
A 1 38 GLU 38 39 39 GLU GLU A . n 
A 1 39 LEU 39 40 40 LEU LEU A . n 
A 1 40 LEU 40 41 41 LEU LEU A . n 
A 1 41 GLU 41 42 42 GLU GLU A . n 
A 1 42 ASN 42 43 43 ASN ASN A . n 
A 1 43 GLY 43 44 44 GLY GLY A . n 
A 1 44 ARG 44 45 45 ARG ARG A . n 
A 1 45 ILE 45 46 46 ILE ILE A . n 
A 1 46 ILE 46 47 47 ILE ILE A . n 
A 1 47 PRO 47 48 48 PRO PRO A . n 
A 1 48 ASN 48 49 49 ASN ASN A . n 
A 1 49 THR 49 50 50 THR THR A . n 
A 1 50 THR 50 51 51 THR THR A . n 
A 1 51 GLN 51 52 52 GLN GLN A . n 
A 1 52 SER 52 53 53 SER SER A . n 
A 1 53 ASP 53 54 54 ASP ASP A . n 
A 1 54 LEU 54 55 55 LEU LEU A . n 
A 1 55 SER 55 56 56 SER SER A . n 
A 1 56 PHE 56 57 57 PHE PHE A . n 
A 1 57 GLU 57 58 58 GLU GLU A . n 
A 1 58 SER 58 59 59 SER SER A . n 
A 1 59 ASP 59 60 60 ASP ASP A . n 
A 1 60 TRP 60 61 61 TRP TRP A . n 
A 1 61 SER 61 62 62 SER SER A . n 
A 1 62 PHE 62 63 63 PHE PHE A . n 
A 1 63 LYS 63 64 64 LYS LYS A . n 
A 1 64 LEU 64 65 65 LEU LEU A . n 
A 1 65 THR 65 66 66 THR THR A . n 
A 1 66 ARG 66 67 67 ARG ARG A . n 
A 1 67 TYR 67 68 68 TYR TYR A . n 
A 1 68 VAL 68 69 69 VAL VAL A . n 
A 1 69 GLU 69 70 70 GLU GLU A . n 
A 1 70 PHE 70 71 71 PHE PHE A . n 
A 1 71 THR 71 72 72 THR THR A . n 
A 1 72 PRO 72 73 73 PRO PRO A . n 
A 1 73 GLN 73 74 74 GLN GLN A . n 
A 1 74 SER 74 75 75 SER SER A . n 
A 1 75 GLY 75 76 76 GLY GLY A . n 
A 1 76 TYR 76 77 77 TYR TYR A . n 
A 1 77 LYS 77 78 78 LYS LYS A . n 
A 1 78 TYR 78 79 79 TYR TYR A . n 
A 1 79 SER 79 80 80 SER SER A . n 
A 1 80 CYS 80 81 81 CYS CYS A . n 
A 1 81 MET 81 82 82 MET MET A . n 
A 1 82 VAL 82 83 83 VAL VAL A . n 
A 1 83 THR 83 84 84 THR THR A . n 
A 1 84 HIS 84 85 85 HIS HIS A . n 
A 1 85 ASN 85 86 86 ASN ASN A . n 
A 1 86 GLY 86 87 87 GLY GLY A . n 
A 1 87 ASP 87 88 88 ASP ASP A . n 
A 1 88 SER 88 89 89 SER SER A . n 
A 1 89 LYS 89 90 90 LYS LYS A . n 
A 1 90 GLU 90 91 91 GLU GLU A . n 
A 1 91 ILE 91 92 92 ILE ILE A . n 
A 1 92 GLN 92 93 93 GLN GLN A . n 
A 1 93 LEU 93 94 94 LEU LEU A . n 
A 1 94 ASP 94 95 95 ASP ASP A . n 
A 1 95 ARG 95 96 96 ARG ARG A . n 
A 1 96 TYR 96 97 ?  ?   ?   A . n 
B 1 1  ALA 1  2  2  ALA ALA B . n 
B 1 2  THR 2  3  3  THR THR B . n 
B 1 3  SER 3  4  4  SER SER B . n 
B 1 4  SER 4  5  5  SER SER B . n 
B 1 5  PRO 5  6  6  PRO PRO B . n 
B 1 6  ASN 6  7  7  ASN ASN B . n 
B 1 7  VAL 7  8  8  VAL VAL B . n 
B 1 8  GLN 8  9  9  GLN GLN B . n 
B 1 9  VAL 9  10 10 VAL VAL B . n 
B 1 10 TYR 10 11 11 TYR TYR B . n 
B 1 11 THR 11 12 12 THR THR B . n 
B 1 12 TYR 12 13 13 TYR TYR B . n 
B 1 13 LYS 13 14 14 LYS LYS B . n 
B 1 14 LEU 14 15 15 LEU LEU B . n 
B 1 15 ILE 15 16 16 ILE ILE B . n 
B 1 16 LYS 16 17 17 LYS LYS B . n 
B 1 17 GLU 17 18 18 GLU GLU B . n 
B 1 18 GLY 18 19 19 GLY GLY B . n 
B 1 19 GLU 19 20 20 GLU GLU B . n 
B 1 20 SER 20 21 21 SER SER B . n 
B 1 21 ASN 21 22 22 ASN ASN B . n 
B 1 22 VAL 22 23 23 VAL VAL B . n 
B 1 23 LEU 23 24 24 LEU LEU B . n 
B 1 24 LEU 24 25 25 LEU LEU B . n 
B 1 25 CYS 25 26 26 CYS CYS B . n 
B 1 26 HIS 26 27 27 HIS HIS B . n 
B 1 27 ALA 27 28 28 ALA ALA B . n 
B 1 28 LYS 28 29 29 LYS LYS B . n 
B 1 29 ASP 29 30 30 ASP ASP B . n 
B 1 30 PHE 30 31 31 PHE PHE B . n 
B 1 31 SER 31 32 32 SER SER B . n 
B 1 32 PRO 32 33 33 PRO PRO B . n 
B 1 33 PRO 33 34 34 PRO PRO B . n 
B 1 34 ASN 34 35 35 ASN ASN B . n 
B 1 35 ILE 35 36 36 ILE ILE B . n 
B 1 36 LYS 36 37 37 LYS LYS B . n 
B 1 37 LEU 37 38 38 LEU LEU B . n 
B 1 38 GLU 38 39 39 GLU GLU B . n 
B 1 39 LEU 39 40 40 LEU LEU B . n 
B 1 40 LEU 40 41 41 LEU LEU B . n 
B 1 41 GLU 41 42 42 GLU GLU B . n 
B 1 42 ASN 42 43 43 ASN ASN B . n 
B 1 43 GLY 43 44 44 GLY GLY B . n 
B 1 44 ARG 44 45 45 ARG ARG B . n 
B 1 45 ILE 45 46 46 ILE ILE B . n 
B 1 46 ILE 46 47 47 ILE ILE B . n 
B 1 47 PRO 47 48 48 PRO PRO B . n 
B 1 48 ASN 48 49 49 ASN ASN B . n 
B 1 49 THR 49 50 50 THR THR B . n 
B 1 50 THR 50 51 51 THR THR B . n 
B 1 51 GLN 51 52 52 GLN GLN B . n 
B 1 52 SER 52 53 53 SER SER B . n 
B 1 53 ASP 53 54 54 ASP ASP B . n 
B 1 54 LEU 54 55 55 LEU LEU B . n 
B 1 55 SER 55 56 56 SER SER B . n 
B 1 56 PHE 56 57 57 PHE PHE B . n 
B 1 57 GLU 57 58 58 GLU GLU B . n 
B 1 58 SER 58 59 59 SER SER B . n 
B 1 59 ASP 59 60 60 ASP ASP B . n 
B 1 60 TRP 60 61 61 TRP TRP B . n 
B 1 61 SER 61 62 62 SER SER B . n 
B 1 62 PHE 62 63 63 PHE PHE B . n 
B 1 63 LYS 63 64 64 LYS LYS B . n 
B 1 64 LEU 64 65 65 LEU LEU B . n 
B 1 65 THR 65 66 66 THR THR B . n 
B 1 66 ARG 66 67 67 ARG ARG B . n 
B 1 67 TYR 67 68 68 TYR TYR B . n 
B 1 68 VAL 68 69 69 VAL VAL B . n 
B 1 69 GLU 69 70 70 GLU GLU B . n 
B 1 70 PHE 70 71 71 PHE PHE B . n 
B 1 71 THR 71 72 72 THR THR B . n 
B 1 72 PRO 72 73 73 PRO PRO B . n 
B 1 73 GLN 73 74 74 GLN GLN B . n 
B 1 74 SER 74 75 75 SER SER B . n 
B 1 75 GLY 75 76 76 GLY GLY B . n 
B 1 76 TYR 76 77 77 TYR TYR B . n 
B 1 77 LYS 77 78 78 LYS LYS B . n 
B 1 78 TYR 78 79 79 TYR TYR B . n 
B 1 79 SER 79 80 80 SER SER B . n 
B 1 80 CYS 80 81 81 CYS CYS B . n 
B 1 81 MET 81 82 82 MET MET B . n 
B 1 82 VAL 82 83 83 VAL VAL B . n 
B 1 83 THR 83 84 84 THR THR B . n 
B 1 84 HIS 84 85 85 HIS HIS B . n 
B 1 85 ASN 85 86 86 ASN ASN B . n 
B 1 86 GLY 86 87 87 GLY GLY B . n 
B 1 87 ASP 87 88 88 ASP ASP B . n 
B 1 88 SER 88 89 89 SER SER B . n 
B 1 89 LYS 89 90 90 LYS LYS B . n 
B 1 90 GLU 90 91 91 GLU GLU B . n 
B 1 91 ILE 91 92 92 ILE ILE B . n 
B 1 92 GLN 92 93 93 GLN GLN B . n 
B 1 93 LEU 93 94 94 LEU LEU B . n 
B 1 94 ASP 94 95 95 ASP ASP B . n 
B 1 95 ARG 95 96 96 ARG ARG B . n 
B 1 96 TYR 96 97 ?  ?   ?   B . n 
# 
loop_
_pdbx_nonpoly_scheme.asym_id 
_pdbx_nonpoly_scheme.entity_id 
_pdbx_nonpoly_scheme.mon_id 
_pdbx_nonpoly_scheme.ndb_seq_num 
_pdbx_nonpoly_scheme.pdb_seq_num 
_pdbx_nonpoly_scheme.auth_seq_num 
_pdbx_nonpoly_scheme.pdb_mon_id 
_pdbx_nonpoly_scheme.auth_mon_id 
_pdbx_nonpoly_scheme.pdb_strand_id 
_pdbx_nonpoly_scheme.pdb_ins_code 
C 2 HOH 1  101 126 HOH HOH A . 
C 2 HOH 2  102 74  HOH HOH A . 
C 2 HOH 3  103 123 HOH HOH A . 
C 2 HOH 4  104 78  HOH HOH A . 
C 2 HOH 5  105 5   HOH HOH A . 
C 2 HOH 6  106 60  HOH HOH A . 
C 2 HOH 7  107 108 HOH HOH A . 
C 2 HOH 8  108 51  HOH HOH A . 
C 2 HOH 9  109 41  HOH HOH A . 
C 2 HOH 10 110 31  HOH HOH A . 
C 2 HOH 11 111 34  HOH HOH A . 
C 2 HOH 12 112 62  HOH HOH A . 
C 2 HOH 13 113 30  HOH HOH A . 
C 2 HOH 14 114 32  HOH HOH A . 
C 2 HOH 15 115 94  HOH HOH A . 
C 2 HOH 16 116 110 HOH HOH A . 
C 2 HOH 17 117 85  HOH HOH A . 
C 2 HOH 18 118 42  HOH HOH A . 
C 2 HOH 19 119 93  HOH HOH A . 
C 2 HOH 20 120 70  HOH HOH A . 
C 2 HOH 21 121 8   HOH HOH A . 
C 2 HOH 22 122 54  HOH HOH A . 
C 2 HOH 23 123 23  HOH HOH A . 
C 2 HOH 24 124 33  HOH HOH A . 
C 2 HOH 25 125 66  HOH HOH A . 
C 2 HOH 26 126 18  HOH HOH A . 
C 2 HOH 27 127 83  HOH HOH A . 
C 2 HOH 28 128 28  HOH HOH A . 
C 2 HOH 29 129 63  HOH HOH A . 
C 2 HOH 30 130 29  HOH HOH A . 
C 2 HOH 31 131 118 HOH HOH A . 
C 2 HOH 32 132 39  HOH HOH A . 
C 2 HOH 33 133 55  HOH HOH A . 
C 2 HOH 34 134 46  HOH HOH A . 
C 2 HOH 35 135 57  HOH HOH A . 
C 2 HOH 36 136 3   HOH HOH A . 
C 2 HOH 37 137 75  HOH HOH A . 
C 2 HOH 38 138 44  HOH HOH A . 
C 2 HOH 39 139 10  HOH HOH A . 
C 2 HOH 40 140 11  HOH HOH A . 
C 2 HOH 41 141 43  HOH HOH A . 
C 2 HOH 42 142 88  HOH HOH A . 
C 2 HOH 43 143 16  HOH HOH A . 
C 2 HOH 44 144 13  HOH HOH A . 
C 2 HOH 45 145 81  HOH HOH A . 
C 2 HOH 46 146 48  HOH HOH A . 
C 2 HOH 47 147 7   HOH HOH A . 
C 2 HOH 48 148 49  HOH HOH A . 
C 2 HOH 49 149 4   HOH HOH A . 
C 2 HOH 50 150 36  HOH HOH A . 
C 2 HOH 51 151 12  HOH HOH A . 
C 2 HOH 52 152 92  HOH HOH A . 
C 2 HOH 53 153 14  HOH HOH A . 
C 2 HOH 54 154 40  HOH HOH A . 
C 2 HOH 55 155 6   HOH HOH A . 
C 2 HOH 56 156 21  HOH HOH A . 
C 2 HOH 57 157 122 HOH HOH A . 
C 2 HOH 58 158 47  HOH HOH A . 
C 2 HOH 59 159 104 HOH HOH A . 
C 2 HOH 60 160 80  HOH HOH A . 
C 2 HOH 61 161 15  HOH HOH A . 
C 2 HOH 62 162 114 HOH HOH A . 
C 2 HOH 63 163 56  HOH HOH A . 
C 2 HOH 64 164 86  HOH HOH A . 
C 2 HOH 65 165 1   HOH HOH A . 
C 2 HOH 66 166 50  HOH HOH A . 
C 2 HOH 67 167 58  HOH HOH A . 
C 2 HOH 68 168 119 HOH HOH A . 
C 2 HOH 69 169 120 HOH HOH A . 
C 2 HOH 70 170 72  HOH HOH A . 
C 2 HOH 71 171 61  HOH HOH A . 
C 2 HOH 72 172 91  HOH HOH A . 
C 2 HOH 73 173 71  HOH HOH A . 
C 2 HOH 74 174 117 HOH HOH A . 
C 2 HOH 75 175 124 HOH HOH A . 
C 2 HOH 76 176 20  HOH HOH A . 
C 2 HOH 77 177 19  HOH HOH A . 
C 2 HOH 78 178 38  HOH HOH A . 
C 2 HOH 79 179 9   HOH HOH A . 
D 2 HOH 1  101 121 HOH HOH B . 
D 2 HOH 2  102 26  HOH HOH B . 
D 2 HOH 3  103 76  HOH HOH B . 
D 2 HOH 4  104 98  HOH HOH B . 
D 2 HOH 5  105 111 HOH HOH B . 
D 2 HOH 6  106 77  HOH HOH B . 
D 2 HOH 7  107 69  HOH HOH B . 
D 2 HOH 8  108 27  HOH HOH B . 
D 2 HOH 9  109 112 HOH HOH B . 
D 2 HOH 10 110 101 HOH HOH B . 
D 2 HOH 11 111 25  HOH HOH B . 
D 2 HOH 12 112 102 HOH HOH B . 
D 2 HOH 13 113 64  HOH HOH B . 
D 2 HOH 14 114 127 HOH HOH B . 
D 2 HOH 15 115 22  HOH HOH B . 
D 2 HOH 16 116 68  HOH HOH B . 
D 2 HOH 17 117 35  HOH HOH B . 
D 2 HOH 18 118 24  HOH HOH B . 
D 2 HOH 19 119 65  HOH HOH B . 
D 2 HOH 20 120 113 HOH HOH B . 
D 2 HOH 21 121 103 HOH HOH B . 
D 2 HOH 22 122 2   HOH HOH B . 
D 2 HOH 23 123 37  HOH HOH B . 
D 2 HOH 24 124 97  HOH HOH B . 
D 2 HOH 25 125 96  HOH HOH B . 
D 2 HOH 26 126 52  HOH HOH B . 
D 2 HOH 27 127 53  HOH HOH B . 
D 2 HOH 28 128 87  HOH HOH B . 
D 2 HOH 29 129 79  HOH HOH B . 
D 2 HOH 30 130 17  HOH HOH B . 
D 2 HOH 31 131 99  HOH HOH B . 
D 2 HOH 32 132 67  HOH HOH B . 
D 2 HOH 33 133 100 HOH HOH B . 
D 2 HOH 34 134 59  HOH HOH B . 
D 2 HOH 35 135 106 HOH HOH B . 
D 2 HOH 36 136 73  HOH HOH B . 
D 2 HOH 37 137 125 HOH HOH B . 
D 2 HOH 38 138 45  HOH HOH B . 
D 2 HOH 39 139 90  HOH HOH B . 
D 2 HOH 40 140 89  HOH HOH B . 
D 2 HOH 41 141 116 HOH HOH B . 
D 2 HOH 42 142 109 HOH HOH B . 
D 2 HOH 43 143 82  HOH HOH B . 
D 2 HOH 44 144 105 HOH HOH B . 
D 2 HOH 45 145 107 HOH HOH B . 
D 2 HOH 46 146 95  HOH HOH B . 
D 2 HOH 47 147 84  HOH HOH B . 
D 2 HOH 48 148 115 HOH HOH B . 
# 
loop_
_software.citation_id 
_software.classification 
_software.compiler_name 
_software.compiler_version 
_software.contact_author 
_software.contact_author_email 
_software.date 
_software.description 
_software.dependencies 
_software.hardware 
_software.language 
_software.location 
_software.mods 
_software.name 
_software.os 
_software.os_version 
_software.type 
_software.version 
_software.pdbx_ordinal 
? refinement       ? ? ? ? ? ? ? ? ? ? ? REFMAC   ? ? ? 5.8.0258 1 
? 'data reduction' ? ? ? ? ? ? ? ? ? ? ? HKL-2000 ? ? ? .        2 
? 'data scaling'   ? ? ? ? ? ? ? ? ? ? ? HKL-2000 ? ? ? .        3 
? phasing          ? ? ? ? ? ? ? ? ? ? ? PHASER   ? ? ? .        4 
# 
_cell.angle_alpha                  90.000 
_cell.angle_alpha_esd              ? 
_cell.angle_beta                   90.000 
_cell.angle_beta_esd               ? 
_cell.angle_gamma                  120.000 
_cell.angle_gamma_esd              ? 
_cell.entry_id                     6LUO 
_cell.details                      ? 
_cell.formula_units_Z              ? 
_cell.length_a                     88.230 
_cell.length_a_esd                 ? 
_cell.length_b                     88.230 
_cell.length_b_esd                 ? 
_cell.length_c                     67.146 
_cell.length_c_esd                 ? 
_cell.volume                       ? 
_cell.volume_esd                   ? 
_cell.Z_PDB                        12 
_cell.reciprocal_angle_alpha       ? 
_cell.reciprocal_angle_beta        ? 
_cell.reciprocal_angle_gamma       ? 
_cell.reciprocal_angle_alpha_esd   ? 
_cell.reciprocal_angle_beta_esd    ? 
_cell.reciprocal_angle_gamma_esd   ? 
_cell.reciprocal_length_a          ? 
_cell.reciprocal_length_b          ? 
_cell.reciprocal_length_c          ? 
_cell.reciprocal_length_a_esd      ? 
_cell.reciprocal_length_b_esd      ? 
_cell.reciprocal_length_c_esd      ? 
_cell.pdbx_unique_axis             ? 
# 
_symmetry.entry_id                         6LUO 
_symmetry.cell_setting                     ? 
_symmetry.Int_Tables_number                154 
_symmetry.space_group_name_Hall            ? 
_symmetry.space_group_name_H-M             'P 32 2 1' 
_symmetry.pdbx_full_space_group_name_H-M   ? 
# 
_exptl.absorpt_coefficient_mu     ? 
_exptl.absorpt_correction_T_max   ? 
_exptl.absorpt_correction_T_min   ? 
_exptl.absorpt_correction_type    ? 
_exptl.absorpt_process_details    ? 
_exptl.entry_id                   6LUO 
_exptl.crystals_number            1 
_exptl.details                    ? 
_exptl.method                     'X-RAY DIFFRACTION' 
_exptl.method_details             ? 
# 
_exptl_crystal.colour                      ? 
_exptl_crystal.density_diffrn              ? 
_exptl_crystal.density_Matthews            3.42 
_exptl_crystal.density_method              ? 
_exptl_crystal.density_percent_sol         64.00 
_exptl_crystal.description                 ? 
_exptl_crystal.F_000                       ? 
_exptl_crystal.id                          1 
_exptl_crystal.preparation                 ? 
_exptl_crystal.size_max                    ? 
_exptl_crystal.size_mid                    ? 
_exptl_crystal.size_min                    ? 
_exptl_crystal.size_rad                    ? 
_exptl_crystal.colour_lustre               ? 
_exptl_crystal.colour_modifier             ? 
_exptl_crystal.colour_primary              ? 
_exptl_crystal.density_meas                ? 
_exptl_crystal.density_meas_esd            ? 
_exptl_crystal.density_meas_gt             ? 
_exptl_crystal.density_meas_lt             ? 
_exptl_crystal.density_meas_temp           ? 
_exptl_crystal.density_meas_temp_esd       ? 
_exptl_crystal.density_meas_temp_gt        ? 
_exptl_crystal.density_meas_temp_lt        ? 
_exptl_crystal.pdbx_crystal_image_url      ? 
_exptl_crystal.pdbx_crystal_image_format   ? 
_exptl_crystal.pdbx_mosaicity              ? 
_exptl_crystal.pdbx_mosaicity_esd          ? 
# 
_exptl_crystal_grow.apparatus       ? 
_exptl_crystal_grow.atmosphere      ? 
_exptl_crystal_grow.crystal_id      1 
_exptl_crystal_grow.details         ? 
_exptl_crystal_grow.method          'VAPOR DIFFUSION, SITTING DROP' 
_exptl_crystal_grow.method_ref      ? 
_exptl_crystal_grow.pH              7.5 
_exptl_crystal_grow.pressure        ? 
_exptl_crystal_grow.pressure_esd    ? 
_exptl_crystal_grow.seeding         ? 
_exptl_crystal_grow.seeding_ref     ? 
_exptl_crystal_grow.temp            291 
_exptl_crystal_grow.temp_details    ? 
_exptl_crystal_grow.temp_esd        ? 
_exptl_crystal_grow.time            ? 
_exptl_crystal_grow.pdbx_details    
;0.1 M HEPES pH 7.5, 
2%(v/v) polyethylene glycol 400, 
2.0 M ammonium sulfate
;
_exptl_crystal_grow.pdbx_pH_range   ? 
# 
_diffrn.ambient_environment              ? 
_diffrn.ambient_temp                     100 
_diffrn.ambient_temp_details             ? 
_diffrn.ambient_temp_esd                 ? 
_diffrn.crystal_id                       1 
_diffrn.crystal_support                  ? 
_diffrn.crystal_treatment                ? 
_diffrn.details                          ? 
_diffrn.id                               1 
_diffrn.ambient_pressure                 ? 
_diffrn.ambient_pressure_esd             ? 
_diffrn.ambient_pressure_gt              ? 
_diffrn.ambient_pressure_lt              ? 
_diffrn.ambient_temp_gt                  ? 
_diffrn.ambient_temp_lt                  ? 
_diffrn.pdbx_serial_crystal_experiment   N 
# 
_diffrn_detector.details                      ? 
_diffrn_detector.detector                     'IMAGE PLATE' 
_diffrn_detector.diffrn_id                    1 
_diffrn_detector.type                         'RIGAKU RAXIS IV++' 
_diffrn_detector.area_resol_mean              ? 
_diffrn_detector.dtime                        ? 
_diffrn_detector.pdbx_frames_total            ? 
_diffrn_detector.pdbx_collection_time_total   ? 
_diffrn_detector.pdbx_collection_date         2011-09-16 
_diffrn_detector.pdbx_frequency               ? 
# 
_diffrn_radiation.collimation                      ? 
_diffrn_radiation.diffrn_id                        1 
_diffrn_radiation.filter_edge                      ? 
_diffrn_radiation.inhomogeneity                    ? 
_diffrn_radiation.monochromator                    'NI FILTER' 
_diffrn_radiation.polarisn_norm                    ? 
_diffrn_radiation.polarisn_ratio                   ? 
_diffrn_radiation.probe                            ? 
_diffrn_radiation.type                             ? 
_diffrn_radiation.xray_symbol                      ? 
_diffrn_radiation.wavelength_id                    1 
_diffrn_radiation.pdbx_monochromatic_or_laue_m_l   M 
_diffrn_radiation.pdbx_wavelength_list             ? 
_diffrn_radiation.pdbx_wavelength                  ? 
_diffrn_radiation.pdbx_diffrn_protocol             'SINGLE WAVELENGTH' 
_diffrn_radiation.pdbx_analyzer                    ? 
_diffrn_radiation.pdbx_scattering_type             x-ray 
# 
_diffrn_radiation_wavelength.id           1 
_diffrn_radiation_wavelength.wavelength   1.54178 
_diffrn_radiation_wavelength.wt           1.0 
# 
_diffrn_source.current                     ? 
_diffrn_source.details                     ? 
_diffrn_source.diffrn_id                   1 
_diffrn_source.power                       ? 
_diffrn_source.size                        ? 
_diffrn_source.source                      'ROTATING ANODE' 
_diffrn_source.target                      ? 
_diffrn_source.type                        'RIGAKU MICROMAX-007' 
_diffrn_source.voltage                     ? 
_diffrn_source.take-off_angle              ? 
_diffrn_source.pdbx_wavelength_list        1.54178 
_diffrn_source.pdbx_wavelength             ? 
_diffrn_source.pdbx_synchrotron_beamline   ? 
_diffrn_source.pdbx_synchrotron_site       ? 
# 
_reflns.B_iso_Wilson_estimate            ? 
_reflns.entry_id                         6LUO 
_reflns.data_reduction_details           ? 
_reflns.data_reduction_method            ? 
_reflns.d_resolution_high                2.30 
_reflns.d_resolution_low                 50.00 
_reflns.details                          ? 
_reflns.limit_h_max                      ? 
_reflns.limit_h_min                      ? 
_reflns.limit_k_max                      ? 
_reflns.limit_k_min                      ? 
_reflns.limit_l_max                      ? 
_reflns.limit_l_min                      ? 
_reflns.number_all                       ? 
_reflns.number_obs                       12880 
_reflns.observed_criterion               ? 
_reflns.observed_criterion_F_max         ? 
_reflns.observed_criterion_F_min         ? 
_reflns.observed_criterion_I_max         ? 
_reflns.observed_criterion_I_min         ? 
_reflns.observed_criterion_sigma_F       ? 
_reflns.observed_criterion_sigma_I       ? 
_reflns.percent_possible_obs             93.92 
_reflns.R_free_details                   ? 
_reflns.Rmerge_F_all                     ? 
_reflns.Rmerge_F_obs                     ? 
_reflns.Friedel_coverage                 ? 
_reflns.number_gt                        ? 
_reflns.threshold_expression             ? 
_reflns.pdbx_redundancy                  11.9 
_reflns.pdbx_Rmerge_I_obs                0.082 
_reflns.pdbx_Rmerge_I_all                ? 
_reflns.pdbx_Rsym_value                  ? 
_reflns.pdbx_netI_over_av_sigmaI         ? 
_reflns.pdbx_netI_over_sigmaI            33.7 
_reflns.pdbx_res_netI_over_av_sigmaI_2   ? 
_reflns.pdbx_res_netI_over_sigmaI_2      ? 
_reflns.pdbx_chi_squared                 ? 
_reflns.pdbx_scaling_rejects             ? 
_reflns.pdbx_d_res_high_opt              ? 
_reflns.pdbx_d_res_low_opt               ? 
_reflns.pdbx_d_res_opt_method            ? 
_reflns.phase_calculation_details        ? 
_reflns.pdbx_Rrim_I_all                  ? 
_reflns.pdbx_Rpim_I_all                  ? 
_reflns.pdbx_d_opt                       ? 
_reflns.pdbx_number_measured_all         ? 
_reflns.pdbx_diffrn_id                   1 
_reflns.pdbx_ordinal                     1 
_reflns.pdbx_CC_half                     ? 
_reflns.pdbx_CC_star                     ? 
_reflns.pdbx_R_split                     ? 
# 
_reflns_shell.d_res_high                  2.30 
_reflns_shell.d_res_low                   2.38 
_reflns_shell.meanI_over_sigI_all         ? 
_reflns_shell.meanI_over_sigI_obs         14.6 
_reflns_shell.number_measured_all         ? 
_reflns_shell.number_measured_obs         ? 
_reflns_shell.number_possible             ? 
_reflns_shell.number_unique_all           ? 
_reflns_shell.number_unique_obs           949 
_reflns_shell.percent_possible_all        99.70 
_reflns_shell.percent_possible_obs        ? 
_reflns_shell.Rmerge_F_all                ? 
_reflns_shell.Rmerge_F_obs                ? 
_reflns_shell.Rmerge_I_all                ? 
_reflns_shell.Rmerge_I_obs                0.203 
_reflns_shell.meanI_over_sigI_gt          ? 
_reflns_shell.meanI_over_uI_all           ? 
_reflns_shell.meanI_over_uI_gt            ? 
_reflns_shell.number_measured_gt          ? 
_reflns_shell.number_unique_gt            ? 
_reflns_shell.percent_possible_gt         ? 
_reflns_shell.Rmerge_F_gt                 ? 
_reflns_shell.Rmerge_I_gt                 ? 
_reflns_shell.pdbx_redundancy             12.2 
_reflns_shell.pdbx_Rsym_value             ? 
_reflns_shell.pdbx_chi_squared            ? 
_reflns_shell.pdbx_netI_over_sigmaI_all   ? 
_reflns_shell.pdbx_netI_over_sigmaI_obs   ? 
_reflns_shell.pdbx_Rrim_I_all             ? 
_reflns_shell.pdbx_Rpim_I_all             ? 
_reflns_shell.pdbx_rejects                ? 
_reflns_shell.pdbx_ordinal                1 
_reflns_shell.pdbx_diffrn_id              1 
_reflns_shell.pdbx_CC_half                ? 
_reflns_shell.pdbx_CC_star                ? 
_reflns_shell.pdbx_R_split                ? 
# 
_refine.aniso_B[1][1]                            0.370 
_refine.aniso_B[1][2]                            0.185 
_refine.aniso_B[1][3]                            0.000 
_refine.aniso_B[2][2]                            0.370 
_refine.aniso_B[2][3]                            -0.000 
_refine.aniso_B[3][3]                            -1.200 
_refine.B_iso_max                                ? 
_refine.B_iso_mean                               42.496 
_refine.B_iso_min                                ? 
_refine.correlation_coeff_Fo_to_Fc               0.921 
_refine.correlation_coeff_Fo_to_Fc_free          0.910 
_refine.details                                  'Hydrogens have been added in their riding positions' 
_refine.diff_density_max                         ? 
_refine.diff_density_max_esd                     ? 
_refine.diff_density_min                         ? 
_refine.diff_density_min_esd                     ? 
_refine.diff_density_rms                         ? 
_refine.diff_density_rms_esd                     ? 
_refine.entry_id                                 6LUO 
_refine.pdbx_refine_id                           'X-RAY DIFFRACTION' 
_refine.ls_abs_structure_details                 ? 
_refine.ls_abs_structure_Flack                   ? 
_refine.ls_abs_structure_Flack_esd               ? 
_refine.ls_abs_structure_Rogers                  ? 
_refine.ls_abs_structure_Rogers_esd              ? 
_refine.ls_d_res_high                            2.302 
_refine.ls_d_res_low                             33.228 
_refine.ls_extinction_coef                       ? 
_refine.ls_extinction_coef_esd                   ? 
_refine.ls_extinction_expression                 ? 
_refine.ls_extinction_method                     ? 
_refine.ls_goodness_of_fit_all                   ? 
_refine.ls_goodness_of_fit_all_esd               ? 
_refine.ls_goodness_of_fit_obs                   ? 
_refine.ls_goodness_of_fit_obs_esd               ? 
_refine.ls_hydrogen_treatment                    ? 
_refine.ls_matrix_type                           ? 
_refine.ls_number_constraints                    ? 
_refine.ls_number_parameters                     ? 
_refine.ls_number_reflns_all                     ? 
_refine.ls_number_reflns_obs                     12880 
_refine.ls_number_reflns_R_free                  639 
_refine.ls_number_reflns_R_work                  ? 
_refine.ls_number_restraints                     ? 
_refine.ls_percent_reflns_obs                    93.919 
_refine.ls_percent_reflns_R_free                 4.961 
_refine.ls_R_factor_all                          0.239 
_refine.ls_R_factor_obs                          ? 
_refine.ls_R_factor_R_free                       0.2695 
_refine.ls_R_factor_R_free_error                 ? 
_refine.ls_R_factor_R_free_error_details         ? 
_refine.ls_R_factor_R_work                       0.2376 
_refine.ls_R_Fsqd_factor_obs                     ? 
_refine.ls_R_I_factor_obs                        ? 
_refine.ls_redundancy_reflns_all                 ? 
_refine.ls_redundancy_reflns_obs                 ? 
_refine.ls_restrained_S_all                      ? 
_refine.ls_restrained_S_obs                      ? 
_refine.ls_shift_over_esd_max                    ? 
_refine.ls_shift_over_esd_mean                   ? 
_refine.ls_structure_factor_coef                 ? 
_refine.ls_weighting_details                     ? 
_refine.ls_weighting_scheme                      ? 
_refine.ls_wR_factor_all                         ? 
_refine.ls_wR_factor_obs                         ? 
_refine.ls_wR_factor_R_free                      ? 
_refine.ls_wR_factor_R_work                      ? 
_refine.occupancy_max                            ? 
_refine.occupancy_min                            ? 
_refine.solvent_model_details                    ? 
_refine.solvent_model_param_bsol                 ? 
_refine.solvent_model_param_ksol                 ? 
_refine.pdbx_R_complete                          ? 
_refine.ls_R_factor_gt                           ? 
_refine.ls_goodness_of_fit_gt                    ? 
_refine.ls_goodness_of_fit_ref                   ? 
_refine.ls_shift_over_su_max                     ? 
_refine.ls_shift_over_su_max_lt                  ? 
_refine.ls_shift_over_su_mean                    ? 
_refine.ls_shift_over_su_mean_lt                 ? 
_refine.pdbx_ls_sigma_I                          ? 
_refine.pdbx_ls_sigma_F                          ? 
_refine.pdbx_ls_sigma_Fsqd                       ? 
_refine.pdbx_data_cutoff_high_absF               ? 
_refine.pdbx_data_cutoff_high_rms_absF           ? 
_refine.pdbx_data_cutoff_low_absF                ? 
_refine.pdbx_isotropic_thermal_model             ? 
_refine.pdbx_ls_cross_valid_method               THROUGHOUT 
_refine.pdbx_method_to_determine_struct          'MOLECULAR REPLACEMENT' 
_refine.pdbx_starting_model                      1KJV 
_refine.pdbx_stereochemistry_target_values       ? 
_refine.pdbx_R_Free_selection_details            ? 
_refine.pdbx_stereochem_target_val_spec_case     ? 
_refine.pdbx_overall_ESU_R                       0.210 
_refine.pdbx_overall_ESU_R_Free                  0.238 
_refine.pdbx_solvent_vdw_probe_radii             1.200 
_refine.pdbx_solvent_ion_probe_radii             0.800 
_refine.pdbx_solvent_shrinkage_radii             0.800 
_refine.pdbx_real_space_R                        ? 
_refine.pdbx_density_correlation                 ? 
_refine.pdbx_pd_number_of_powder_patterns        ? 
_refine.pdbx_pd_number_of_points                 ? 
_refine.pdbx_pd_meas_number_of_points            ? 
_refine.pdbx_pd_proc_ls_prof_R_factor            ? 
_refine.pdbx_pd_proc_ls_prof_wR_factor           ? 
_refine.pdbx_pd_Marquardt_correlation_coeff      ? 
_refine.pdbx_pd_Fsqrd_R_factor                   ? 
_refine.pdbx_pd_ls_matrix_band_width             ? 
_refine.pdbx_overall_phase_error                 ? 
_refine.pdbx_overall_SU_R_free_Cruickshank_DPI   ? 
_refine.pdbx_overall_SU_R_free_Blow_DPI          ? 
_refine.pdbx_overall_SU_R_Blow_DPI               ? 
_refine.pdbx_TLS_residual_ADP_flag               ? 
_refine.pdbx_diffrn_id                           1 
_refine.overall_SU_B                             ? 
_refine.overall_SU_ML                            0.000 
_refine.overall_SU_R_Cruickshank_DPI             ? 
_refine.overall_SU_R_free                        ? 
_refine.overall_FOM_free_R_set                   ? 
_refine.overall_FOM_work_R_set                   ? 
_refine.pdbx_average_fsc_overall                 ? 
_refine.pdbx_average_fsc_work                    ? 
_refine.pdbx_average_fsc_free                    ? 
# 
_refine_hist.pdbx_refine_id                   'X-RAY DIFFRACTION' 
_refine_hist.cycle_id                         LAST 
_refine_hist.pdbx_number_atoms_protein        1528 
_refine_hist.pdbx_number_atoms_nucleic_acid   0 
_refine_hist.pdbx_number_atoms_ligand         0 
_refine_hist.number_atoms_solvent             127 
_refine_hist.number_atoms_total               1655 
_refine_hist.d_res_high                       2.302 
_refine_hist.d_res_low                        33.228 
# 
loop_
_refine_ls_shell.pdbx_refine_id 
_refine_ls_shell.d_res_high 
_refine_ls_shell.d_res_low 
_refine_ls_shell.number_reflns_all 
_refine_ls_shell.number_reflns_obs 
_refine_ls_shell.number_reflns_R_free 
_refine_ls_shell.number_reflns_R_work 
_refine_ls_shell.percent_reflns_obs 
_refine_ls_shell.percent_reflns_R_free 
_refine_ls_shell.R_factor_all 
_refine_ls_shell.R_factor_obs 
_refine_ls_shell.R_factor_R_free 
_refine_ls_shell.R_factor_R_free_error 
_refine_ls_shell.R_factor_R_work 
_refine_ls_shell.redundancy_reflns_all 
_refine_ls_shell.redundancy_reflns_obs 
_refine_ls_shell.wR_factor_all 
_refine_ls_shell.wR_factor_obs 
_refine_ls_shell.wR_factor_R_free 
_refine_ls_shell.wR_factor_R_work 
_refine_ls_shell.pdbx_R_complete 
_refine_ls_shell.pdbx_total_number_of_bins_used 
_refine_ls_shell.pdbx_phase_error 
_refine_ls_shell.pdbx_fsc_work 
_refine_ls_shell.pdbx_fsc_free 
'X-RAY DIFFRACTION' 2.302 2.362 . . 50 949 99.7006  . . . .     . 0.325 . . . . . . . . . . . 
'X-RAY DIFFRACTION' 2.362 2.426 . . 50 923 100.0000 . . . 0.406 . 0.291 . . . . . . . . . . . 
'X-RAY DIFFRACTION' 2.426 2.497 . . 45 879 100.0000 . . . 0.274 . .     . . . . . . . . . . . 
'X-RAY DIFFRACTION' 2.497 2.573 . . 44 887 100.0000 . . . 0.319 . 0.291 . . . . . . . . . . . 
'X-RAY DIFFRACTION' 2.573 2.658 . . 48 839 100.0000 . . . 0.277 . .     . . . . . . . . . . . 
'X-RAY DIFFRACTION' 2.658 2.751 . . 42 832 100.0000 . . . 0.279 . 0.277 . . . . . . . . . . . 
'X-RAY DIFFRACTION' 2.751 2.855 . . 50 786 100.0000 . . . 0.264 . .     . . . . . . . . . . . 
'X-RAY DIFFRACTION' 2.855 2.971 . . 38 770 100.0000 . . . 0.346 . 0.242 . . . . . . . . . . . 
'X-RAY DIFFRACTION' 2.971 3.103 . . 40 725 99.8695  . . . 0.293 . 0.234 . . . . . . . . . . . 
'X-RAY DIFFRACTION' 3.103 3.254 . . 42 703 99.5989  . . . 0.242 . 0.229 . . . . . . . . . . . 
'X-RAY DIFFRACTION' 3.254 3.430 . . 29 663 99.5683  . . . 0.312 . 0.218 . . . . . . . . . . . 
'X-RAY DIFFRACTION' 3.430 3.637 . . 26 559 86.0294  . . . 0.228 . 0.209 . . . . . . . . . . . 
'X-RAY DIFFRACTION' 3.637 3.888 . . 7  259 42.4920  . . . 0.227 . .     . . . . . . . . . . . 
'X-RAY DIFFRACTION' 3.888 4.198 . . 21 368 65.2685  . . . 0.204 . 0.197 . . . . . . . . . . . 
'X-RAY DIFFRACTION' 4.198 4.598 . . 28 487 93.4664  . . . 0.278 . 0.177 . . . . . . . . . . . 
'X-RAY DIFFRACTION' 4.598 5.138 . . 24 444 93.9759  . . . 0.135 . .     . . . . . . . . . . . 
'X-RAY DIFFRACTION' 5.138 5.928 . . 20 421 99.3243  . . . 0.221 . 0.210 . . . . . . . . . . . 
'X-RAY DIFFRACTION' 5.928 7.250 . . 14 366 99.2167  . . . 0.430 . 0.258 . . . . . . . . . . . 
# 
_struct.entry_id                     6LUO 
_struct.title                        'Structure of nurse shark beta-2-microglobulin' 
_struct.pdbx_model_details           ? 
_struct.pdbx_formula_weight          ? 
_struct.pdbx_formula_weight_method   ? 
_struct.pdbx_model_type_details      ? 
_struct.pdbx_CASP_flag               N 
# 
_struct_keywords.entry_id        6LUO 
_struct_keywords.text            'nurse shark, monomer beta-2-microglobulin, MHC class I, IMMUNE SYSTEM' 
_struct_keywords.pdbx_keywords   'IMMUNE SYSTEM' 
# 
loop_
_struct_asym.id 
_struct_asym.pdbx_blank_PDB_chainid_flag 
_struct_asym.pdbx_modified 
_struct_asym.entity_id 
_struct_asym.details 
A N N 1 ? 
B N N 1 ? 
C N N 2 ? 
D N N 2 ? 
# 
_struct_ref.id                         1 
_struct_ref.db_name                    UNP 
_struct_ref.db_code                    F4ZE04_GINCI 
_struct_ref.pdbx_db_accession          F4ZE04 
_struct_ref.pdbx_db_isoform            ? 
_struct_ref.entity_id                  1 
_struct_ref.pdbx_seq_one_letter_code   
;SPNVQVYTYKLIKEGESNVLLCHAKDFSPPNIKLELLENGRIIPNTTQSDLSFESDWSFKLTRYVEFTPQSGYKYSCMVT
HNGDSKEIQLD
;
_struct_ref.pdbx_align_begin           19 
# 
loop_
_struct_ref_seq.align_id 
_struct_ref_seq.ref_id 
_struct_ref_seq.pdbx_PDB_id_code 
_struct_ref_seq.pdbx_strand_id 
_struct_ref_seq.seq_align_beg 
_struct_ref_seq.pdbx_seq_align_beg_ins_code 
_struct_ref_seq.seq_align_end 
_struct_ref_seq.pdbx_seq_align_end_ins_code 
_struct_ref_seq.pdbx_db_accession 
_struct_ref_seq.db_align_beg 
_struct_ref_seq.pdbx_db_align_beg_ins_code 
_struct_ref_seq.db_align_end 
_struct_ref_seq.pdbx_db_align_end_ins_code 
_struct_ref_seq.pdbx_auth_seq_align_beg 
_struct_ref_seq.pdbx_auth_seq_align_end 
1 1 6LUO A 4 ? 94 ? F4ZE04 19 ? 109 ? 5 95 
2 1 6LUO B 4 ? 94 ? F4ZE04 19 ? 109 ? 5 95 
# 
loop_
_struct_ref_seq_dif.align_id 
_struct_ref_seq_dif.pdbx_pdb_id_code 
_struct_ref_seq_dif.mon_id 
_struct_ref_seq_dif.pdbx_pdb_strand_id 
_struct_ref_seq_dif.seq_num 
_struct_ref_seq_dif.pdbx_pdb_ins_code 
_struct_ref_seq_dif.pdbx_seq_db_name 
_struct_ref_seq_dif.pdbx_seq_db_accession_code 
_struct_ref_seq_dif.db_mon_id 
_struct_ref_seq_dif.pdbx_seq_db_seq_num 
_struct_ref_seq_dif.details 
_struct_ref_seq_dif.pdbx_auth_seq_num 
_struct_ref_seq_dif.pdbx_ordinal 
1 6LUO ALA A 1  ? UNP F4ZE04 ? ? 'expression tag' 2  1  
1 6LUO THR A 2  ? UNP F4ZE04 ? ? 'expression tag' 3  2  
1 6LUO SER A 3  ? UNP F4ZE04 ? ? 'expression tag' 4  3  
1 6LUO ARG A 95 ? UNP F4ZE04 ? ? 'expression tag' 96 4  
1 6LUO TYR A 96 ? UNP F4ZE04 ? ? 'expression tag' 97 5  
2 6LUO ALA B 1  ? UNP F4ZE04 ? ? 'expression tag' 2  6  
2 6LUO THR B 2  ? UNP F4ZE04 ? ? 'expression tag' 3  7  
2 6LUO SER B 3  ? UNP F4ZE04 ? ? 'expression tag' 4  8  
2 6LUO ARG B 95 ? UNP F4ZE04 ? ? 'expression tag' 96 9  
2 6LUO TYR B 96 ? UNP F4ZE04 ? ? 'expression tag' 97 10 
# 
loop_
_pdbx_struct_assembly.id 
_pdbx_struct_assembly.details 
_pdbx_struct_assembly.method_details 
_pdbx_struct_assembly.oligomeric_details 
_pdbx_struct_assembly.oligomeric_count 
1 author_defined_assembly ? monomeric 1 
2 author_defined_assembly ? monomeric 1 
# 
loop_
_pdbx_struct_assembly_gen.assembly_id 
_pdbx_struct_assembly_gen.oper_expression 
_pdbx_struct_assembly_gen.asym_id_list 
1 1 A,C 
2 1 B,D 
# 
_pdbx_struct_assembly_auth_evidence.id                     1 
_pdbx_struct_assembly_auth_evidence.assembly_id            1 
_pdbx_struct_assembly_auth_evidence.experimental_support   'gel filtration' 
_pdbx_struct_assembly_auth_evidence.details                ? 
# 
_pdbx_struct_oper_list.id                   1 
_pdbx_struct_oper_list.type                 'identity operation' 
_pdbx_struct_oper_list.name                 1_555 
_pdbx_struct_oper_list.symmetry_operation   x,y,z 
_pdbx_struct_oper_list.matrix[1][1]         1.0000000000 
_pdbx_struct_oper_list.matrix[1][2]         0.0000000000 
_pdbx_struct_oper_list.matrix[1][3]         0.0000000000 
_pdbx_struct_oper_list.vector[1]            0.0000000000 
_pdbx_struct_oper_list.matrix[2][1]         0.0000000000 
_pdbx_struct_oper_list.matrix[2][2]         1.0000000000 
_pdbx_struct_oper_list.matrix[2][3]         0.0000000000 
_pdbx_struct_oper_list.vector[2]            0.0000000000 
_pdbx_struct_oper_list.matrix[3][1]         0.0000000000 
_pdbx_struct_oper_list.matrix[3][2]         0.0000000000 
_pdbx_struct_oper_list.matrix[3][3]         1.0000000000 
_pdbx_struct_oper_list.vector[3]            0.0000000000 
# 
loop_
_struct_conn.id 
_struct_conn.conn_type_id 
_struct_conn.pdbx_leaving_atom_flag 
_struct_conn.pdbx_PDB_id 
_struct_conn.ptnr1_label_asym_id 
_struct_conn.ptnr1_label_comp_id 
_struct_conn.ptnr1_label_seq_id 
_struct_conn.ptnr1_label_atom_id 
_struct_conn.pdbx_ptnr1_label_alt_id 
_struct_conn.pdbx_ptnr1_PDB_ins_code 
_struct_conn.pdbx_ptnr1_standard_comp_id 
_struct_conn.ptnr1_symmetry 
_struct_conn.ptnr2_label_asym_id 
_struct_conn.ptnr2_label_comp_id 
_struct_conn.ptnr2_label_seq_id 
_struct_conn.ptnr2_label_atom_id 
_struct_conn.pdbx_ptnr2_label_alt_id 
_struct_conn.pdbx_ptnr2_PDB_ins_code 
_struct_conn.ptnr1_auth_asym_id 
_struct_conn.ptnr1_auth_comp_id 
_struct_conn.ptnr1_auth_seq_id 
_struct_conn.ptnr2_auth_asym_id 
_struct_conn.ptnr2_auth_comp_id 
_struct_conn.ptnr2_auth_seq_id 
_struct_conn.ptnr2_symmetry 
_struct_conn.pdbx_ptnr3_label_atom_id 
_struct_conn.pdbx_ptnr3_label_seq_id 
_struct_conn.pdbx_ptnr3_label_comp_id 
_struct_conn.pdbx_ptnr3_label_asym_id 
_struct_conn.pdbx_ptnr3_label_alt_id 
_struct_conn.pdbx_ptnr3_PDB_ins_code 
_struct_conn.details 
_struct_conn.pdbx_dist_value 
_struct_conn.pdbx_value_order 
_struct_conn.pdbx_role 
disulf1 disulf ? ? A CYS 25 SG ? ? ? 1_555 A CYS 80 SG ? ? A CYS 26 A CYS 81 1_555 ? ? ? ? ? ? ? 2.045 ? ? 
disulf2 disulf ? ? B CYS 25 SG ? ? ? 1_555 B CYS 80 SG ? ? B CYS 26 B CYS 81 1_555 ? ? ? ? ? ? ? 2.043 ? ? 
# 
_struct_conn_type.id          disulf 
_struct_conn_type.criteria    ? 
_struct_conn_type.reference   ? 
# 
loop_
_pdbx_modification_feature.ordinal 
_pdbx_modification_feature.label_comp_id 
_pdbx_modification_feature.label_asym_id 
_pdbx_modification_feature.label_seq_id 
_pdbx_modification_feature.label_alt_id 
_pdbx_modification_feature.modified_residue_label_comp_id 
_pdbx_modification_feature.modified_residue_label_asym_id 
_pdbx_modification_feature.modified_residue_label_seq_id 
_pdbx_modification_feature.modified_residue_label_alt_id 
_pdbx_modification_feature.auth_comp_id 
_pdbx_modification_feature.auth_asym_id 
_pdbx_modification_feature.auth_seq_id 
_pdbx_modification_feature.PDB_ins_code 
_pdbx_modification_feature.symmetry 
_pdbx_modification_feature.modified_residue_auth_comp_id 
_pdbx_modification_feature.modified_residue_auth_asym_id 
_pdbx_modification_feature.modified_residue_auth_seq_id 
_pdbx_modification_feature.modified_residue_PDB_ins_code 
_pdbx_modification_feature.modified_residue_symmetry 
_pdbx_modification_feature.comp_id_linking_atom 
_pdbx_modification_feature.modified_residue_id_linking_atom 
_pdbx_modification_feature.modified_residue_id 
_pdbx_modification_feature.ref_pcm_id 
_pdbx_modification_feature.ref_comp_id 
_pdbx_modification_feature.type 
_pdbx_modification_feature.category 
1 CYS A 25 ? CYS A 80 ? CYS A 26 ? 1_555 CYS A 81 ? 1_555 SG SG . . . None 'Disulfide bridge' 
2 CYS B 25 ? CYS B 80 ? CYS B 26 ? 1_555 CYS B 81 ? 1_555 SG SG . . . None 'Disulfide bridge' 
# 
loop_
_struct_mon_prot_cis.pdbx_id 
_struct_mon_prot_cis.label_comp_id 
_struct_mon_prot_cis.label_seq_id 
_struct_mon_prot_cis.label_asym_id 
_struct_mon_prot_cis.label_alt_id 
_struct_mon_prot_cis.pdbx_PDB_ins_code 
_struct_mon_prot_cis.auth_comp_id 
_struct_mon_prot_cis.auth_seq_id 
_struct_mon_prot_cis.auth_asym_id 
_struct_mon_prot_cis.pdbx_label_comp_id_2 
_struct_mon_prot_cis.pdbx_label_seq_id_2 
_struct_mon_prot_cis.pdbx_label_asym_id_2 
_struct_mon_prot_cis.pdbx_PDB_ins_code_2 
_struct_mon_prot_cis.pdbx_auth_comp_id_2 
_struct_mon_prot_cis.pdbx_auth_seq_id_2 
_struct_mon_prot_cis.pdbx_auth_asym_id_2 
_struct_mon_prot_cis.pdbx_PDB_model_num 
_struct_mon_prot_cis.pdbx_omega_angle 
1 SER 31 A . ? SER 32 A PRO 32 A ? PRO 33 A 1 4.34 
2 SER 31 B . ? SER 32 B PRO 32 B ? PRO 33 B 1 4.00 
# 
loop_
_struct_sheet.id 
_struct_sheet.type 
_struct_sheet.number_strands 
_struct_sheet.details 
AA1 ? 4 ? 
AA2 ? 4 ? 
AA3 ? 4 ? 
AA4 ? 4 ? 
AA5 ? 4 ? 
AA6 ? 4 ? 
# 
loop_
_struct_sheet_order.sheet_id 
_struct_sheet_order.range_id_1 
_struct_sheet_order.range_id_2 
_struct_sheet_order.offset 
_struct_sheet_order.sense 
AA1 1 2 ? anti-parallel 
AA1 2 3 ? anti-parallel 
AA1 3 4 ? anti-parallel 
AA2 1 2 ? anti-parallel 
AA2 2 3 ? anti-parallel 
AA2 3 4 ? anti-parallel 
AA3 1 2 ? anti-parallel 
AA3 2 3 ? anti-parallel 
AA3 3 4 ? anti-parallel 
AA4 1 2 ? anti-parallel 
AA4 2 3 ? anti-parallel 
AA4 3 4 ? anti-parallel 
AA5 1 2 ? anti-parallel 
AA5 2 3 ? anti-parallel 
AA5 3 4 ? anti-parallel 
AA6 1 2 ? anti-parallel 
AA6 2 3 ? anti-parallel 
AA6 3 4 ? anti-parallel 
# 
loop_
_struct_sheet_range.sheet_id 
_struct_sheet_range.id 
_struct_sheet_range.beg_label_comp_id 
_struct_sheet_range.beg_label_asym_id 
_struct_sheet_range.beg_label_seq_id 
_struct_sheet_range.pdbx_beg_PDB_ins_code 
_struct_sheet_range.end_label_comp_id 
_struct_sheet_range.end_label_asym_id 
_struct_sheet_range.end_label_seq_id 
_struct_sheet_range.pdbx_end_PDB_ins_code 
_struct_sheet_range.beg_auth_comp_id 
_struct_sheet_range.beg_auth_asym_id 
_struct_sheet_range.beg_auth_seq_id 
_struct_sheet_range.end_auth_comp_id 
_struct_sheet_range.end_auth_asym_id 
_struct_sheet_range.end_auth_seq_id 
AA1 1 ASN A 6  ? THR A 11 ? ASN A 7  THR A 12 
AA1 2 ASN A 21 ? PHE A 30 ? ASN A 22 PHE A 31 
AA1 3 PHE A 62 ? PHE A 70 ? PHE A 63 PHE A 71 
AA1 4 THR A 50 ? GLN A 51 ? THR A 51 GLN A 52 
AA2 1 ASN A 6  ? THR A 11 ? ASN A 7  THR A 12 
AA2 2 ASN A 21 ? PHE A 30 ? ASN A 22 PHE A 31 
AA2 3 PHE A 62 ? PHE A 70 ? PHE A 63 PHE A 71 
AA2 4 SER A 55 ? PHE A 56 ? SER A 56 PHE A 57 
AA3 1 ARG A 44 ? ILE A 45 ? ARG A 45 ILE A 46 
AA3 2 ILE A 35 ? GLU A 41 ? ILE A 36 GLU A 42 
AA3 3 TYR A 78 ? HIS A 84 ? TYR A 79 HIS A 85 
AA3 4 ASP A 87 ? GLN A 92 ? ASP A 88 GLN A 93 
AA4 1 ASN B 6  ? THR B 11 ? ASN B 7  THR B 12 
AA4 2 ASN B 21 ? PHE B 30 ? ASN B 22 PHE B 31 
AA4 3 PHE B 62 ? PHE B 70 ? PHE B 63 PHE B 71 
AA4 4 THR B 50 ? GLN B 51 ? THR B 51 GLN B 52 
AA5 1 ASN B 6  ? THR B 11 ? ASN B 7  THR B 12 
AA5 2 ASN B 21 ? PHE B 30 ? ASN B 22 PHE B 31 
AA5 3 PHE B 62 ? PHE B 70 ? PHE B 63 PHE B 71 
AA5 4 SER B 55 ? PHE B 56 ? SER B 56 PHE B 57 
AA6 1 ARG B 44 ? ILE B 45 ? ARG B 45 ILE B 46 
AA6 2 ILE B 35 ? GLU B 41 ? ILE B 36 GLU B 42 
AA6 3 TYR B 78 ? HIS B 84 ? TYR B 79 HIS B 85 
AA6 4 ASP B 87 ? GLN B 92 ? ASP B 88 GLN B 93 
# 
loop_
_pdbx_struct_sheet_hbond.sheet_id 
_pdbx_struct_sheet_hbond.range_id_1 
_pdbx_struct_sheet_hbond.range_id_2 
_pdbx_struct_sheet_hbond.range_1_label_atom_id 
_pdbx_struct_sheet_hbond.range_1_label_comp_id 
_pdbx_struct_sheet_hbond.range_1_label_asym_id 
_pdbx_struct_sheet_hbond.range_1_label_seq_id 
_pdbx_struct_sheet_hbond.range_1_PDB_ins_code 
_pdbx_struct_sheet_hbond.range_1_auth_atom_id 
_pdbx_struct_sheet_hbond.range_1_auth_comp_id 
_pdbx_struct_sheet_hbond.range_1_auth_asym_id 
_pdbx_struct_sheet_hbond.range_1_auth_seq_id 
_pdbx_struct_sheet_hbond.range_2_label_atom_id 
_pdbx_struct_sheet_hbond.range_2_label_comp_id 
_pdbx_struct_sheet_hbond.range_2_label_asym_id 
_pdbx_struct_sheet_hbond.range_2_label_seq_id 
_pdbx_struct_sheet_hbond.range_2_PDB_ins_code 
_pdbx_struct_sheet_hbond.range_2_auth_atom_id 
_pdbx_struct_sheet_hbond.range_2_auth_comp_id 
_pdbx_struct_sheet_hbond.range_2_auth_asym_id 
_pdbx_struct_sheet_hbond.range_2_auth_seq_id 
AA1 1 2 N GLN A 8  ? N GLN A 9  O HIS A 26 ? O HIS A 27 
AA1 2 3 N ALA A 27 ? N ALA A 28 O LEU A 64 ? O LEU A 65 
AA1 3 4 O TYR A 67 ? O TYR A 68 N THR A 50 ? N THR A 51 
AA2 1 2 N GLN A 8  ? N GLN A 9  O HIS A 26 ? O HIS A 27 
AA2 2 3 N ALA A 27 ? N ALA A 28 O LEU A 64 ? O LEU A 65 
AA2 3 4 O LYS A 63 ? O LYS A 64 N SER A 55 ? N SER A 56 
AA3 1 2 O ARG A 44 ? O ARG A 45 N GLU A 41 ? N GLU A 42 
AA3 2 3 N GLU A 38 ? N GLU A 39 O MET A 81 ? O MET A 82 
AA3 3 4 N VAL A 82 ? N VAL A 83 O LYS A 89 ? O LYS A 90 
AA4 1 2 N TYR B 10 ? N TYR B 11 O LEU B 24 ? O LEU B 25 
AA4 2 3 N ASN B 21 ? N ASN B 22 O PHE B 70 ? O PHE B 71 
AA4 3 4 O TYR B 67 ? O TYR B 68 N THR B 50 ? N THR B 51 
AA5 1 2 N TYR B 10 ? N TYR B 11 O LEU B 24 ? O LEU B 25 
AA5 2 3 N ASN B 21 ? N ASN B 22 O PHE B 70 ? O PHE B 71 
AA5 3 4 O LYS B 63 ? O LYS B 64 N SER B 55 ? N SER B 56 
AA6 1 2 O ARG B 44 ? O ARG B 45 N GLU B 41 ? N GLU B 42 
AA6 2 3 N LEU B 40 ? N LEU B 41 O SER B 79 ? O SER B 80 
AA6 3 4 N HIS B 84 ? N HIS B 85 O ASP B 87 ? O ASP B 88 
# 
_pdbx_entry_details.entry_id                   6LUO 
_pdbx_entry_details.compound_details           ? 
_pdbx_entry_details.source_details             ? 
_pdbx_entry_details.nonpolymer_details         ? 
_pdbx_entry_details.sequence_details           ? 
_pdbx_entry_details.has_ligand_of_interest     ? 
_pdbx_entry_details.has_protein_modification   Y 
# 
loop_
_pdbx_validate_close_contact.id 
_pdbx_validate_close_contact.PDB_model_num 
_pdbx_validate_close_contact.auth_atom_id_1 
_pdbx_validate_close_contact.auth_asym_id_1 
_pdbx_validate_close_contact.auth_comp_id_1 
_pdbx_validate_close_contact.auth_seq_id_1 
_pdbx_validate_close_contact.PDB_ins_code_1 
_pdbx_validate_close_contact.label_alt_id_1 
_pdbx_validate_close_contact.auth_atom_id_2 
_pdbx_validate_close_contact.auth_asym_id_2 
_pdbx_validate_close_contact.auth_comp_id_2 
_pdbx_validate_close_contact.auth_seq_id_2 
_pdbx_validate_close_contact.PDB_ins_code_2 
_pdbx_validate_close_contact.label_alt_id_2 
_pdbx_validate_close_contact.dist 
1  1 NZ  B LYS 29  ? ? O B HOH 101 ? ? 1.84 
2  1 O   B HOH 131 ? ? O B HOH 141 ? ? 1.87 
3  1 ND2 A ASN 7   ? B O A HOH 101 ? ? 1.89 
4  1 OG1 B THR 84  ? ? O B HOH 102 ? ? 1.90 
5  1 CD  B LYS 29  ? ? O B HOH 101 ? ? 1.90 
6  1 O   B HOH 140 ? ? O B HOH 147 ? ? 1.91 
7  1 OG  A SER 4   ? ? O A HOH 102 ? ? 1.93 
8  1 O   B TYR 11  ? ? O B HOH 103 ? ? 1.94 
9  1 O   A ASN 86  ? ? O A HOH 103 ? ? 1.95 
10 1 OD2 A ASP 54  ? ? O A HOH 104 ? ? 1.95 
11 1 OE1 B GLU 58  ? ? O B HOH 104 ? ? 1.95 
12 1 O   A HOH 167 ? ? O A HOH 173 ? ? 1.96 
13 1 NE2 A GLN 9   ? ? O A HOH 105 ? ? 1.98 
14 1 O   A SER 75  ? ? O A HOH 106 ? ? 2.00 
15 1 NE2 B GLN 93  ? ? O B HOH 105 ? ? 2.04 
16 1 NZ  B LYS 64  ? ? O B HOH 106 ? ? 2.05 
17 1 O   B HOH 142 ? ? O B HOH 148 ? ? 2.06 
18 1 O   A HOH 176 ? ? O A HOH 178 ? ? 2.06 
19 1 O   A PRO 48  ? ? O A HOH 107 ? ? 2.08 
20 1 CE  B LYS 29  ? ? O B HOH 101 ? ? 2.15 
21 1 O   A HOH 131 ? ? O A HOH 176 ? ? 2.15 
# 
_pdbx_validate_symm_contact.id                1 
_pdbx_validate_symm_contact.PDB_model_num     1 
_pdbx_validate_symm_contact.auth_atom_id_1    O 
_pdbx_validate_symm_contact.auth_asym_id_1    B 
_pdbx_validate_symm_contact.auth_comp_id_1    HOH 
_pdbx_validate_symm_contact.auth_seq_id_1     120 
_pdbx_validate_symm_contact.PDB_ins_code_1    ? 
_pdbx_validate_symm_contact.label_alt_id_1    ? 
_pdbx_validate_symm_contact.site_symmetry_1   1_555 
_pdbx_validate_symm_contact.auth_atom_id_2    O 
_pdbx_validate_symm_contact.auth_asym_id_2    B 
_pdbx_validate_symm_contact.auth_comp_id_2    HOH 
_pdbx_validate_symm_contact.auth_seq_id_2     121 
_pdbx_validate_symm_contact.PDB_ins_code_2    ? 
_pdbx_validate_symm_contact.label_alt_id_2    ? 
_pdbx_validate_symm_contact.site_symmetry_2   6_555 
_pdbx_validate_symm_contact.dist              1.95 
# 
loop_
_pdbx_validate_torsion.id 
_pdbx_validate_torsion.PDB_model_num 
_pdbx_validate_torsion.auth_comp_id 
_pdbx_validate_torsion.auth_asym_id 
_pdbx_validate_torsion.auth_seq_id 
_pdbx_validate_torsion.PDB_ins_code 
_pdbx_validate_torsion.label_alt_id 
_pdbx_validate_torsion.phi 
_pdbx_validate_torsion.psi 
1 1 ASP A 95 ? ? 54.99   94.06   
2 1 LYS B 17 ? ? -121.40 -102.05 
3 1 GLU B 18 ? ? 167.69  131.31  
# 
loop_
_pdbx_struct_special_symmetry.id 
_pdbx_struct_special_symmetry.PDB_model_num 
_pdbx_struct_special_symmetry.auth_asym_id 
_pdbx_struct_special_symmetry.auth_comp_id 
_pdbx_struct_special_symmetry.auth_seq_id 
_pdbx_struct_special_symmetry.PDB_ins_code 
_pdbx_struct_special_symmetry.label_asym_id 
_pdbx_struct_special_symmetry.label_comp_id 
_pdbx_struct_special_symmetry.label_seq_id 
1 1 A HOH 127 ? C HOH . 
2 1 A HOH 142 ? C HOH . 
# 
loop_
_pdbx_unobs_or_zero_occ_residues.id 
_pdbx_unobs_or_zero_occ_residues.PDB_model_num 
_pdbx_unobs_or_zero_occ_residues.polymer_flag 
_pdbx_unobs_or_zero_occ_residues.occupancy_flag 
_pdbx_unobs_or_zero_occ_residues.auth_asym_id 
_pdbx_unobs_or_zero_occ_residues.auth_comp_id 
_pdbx_unobs_or_zero_occ_residues.auth_seq_id 
_pdbx_unobs_or_zero_occ_residues.PDB_ins_code 
_pdbx_unobs_or_zero_occ_residues.label_asym_id 
_pdbx_unobs_or_zero_occ_residues.label_comp_id 
_pdbx_unobs_or_zero_occ_residues.label_seq_id 
1 1 Y 1 A TYR 97 ? A TYR 96 
2 1 Y 1 B TYR 97 ? B TYR 96 
# 
loop_
_chem_comp_atom.comp_id 
_chem_comp_atom.atom_id 
_chem_comp_atom.type_symbol 
_chem_comp_atom.pdbx_aromatic_flag 
_chem_comp_atom.pdbx_stereo_config 
_chem_comp_atom.pdbx_ordinal 
ALA N    N N N 1   
ALA CA   C N S 2   
ALA C    C N N 3   
ALA O    O N N 4   
ALA CB   C N N 5   
ALA OXT  O N N 6   
ALA H    H N N 7   
ALA H2   H N N 8   
ALA HA   H N N 9   
ALA HB1  H N N 10  
ALA HB2  H N N 11  
ALA HB3  H N N 12  
ALA HXT  H N N 13  
ARG N    N N N 14  
ARG CA   C N S 15  
ARG C    C N N 16  
ARG O    O N N 17  
ARG CB   C N N 18  
ARG CG   C N N 19  
ARG CD   C N N 20  
ARG NE   N N N 21  
ARG CZ   C N N 22  
ARG NH1  N N N 23  
ARG NH2  N N N 24  
ARG OXT  O N N 25  
ARG H    H N N 26  
ARG H2   H N N 27  
ARG HA   H N N 28  
ARG HB2  H N N 29  
ARG HB3  H N N 30  
ARG HG2  H N N 31  
ARG HG3  H N N 32  
ARG HD2  H N N 33  
ARG HD3  H N N 34  
ARG HE   H N N 35  
ARG HH11 H N N 36  
ARG HH12 H N N 37  
ARG HH21 H N N 38  
ARG HH22 H N N 39  
ARG HXT  H N N 40  
ASN N    N N N 41  
ASN CA   C N S 42  
ASN C    C N N 43  
ASN O    O N N 44  
ASN CB   C N N 45  
ASN CG   C N N 46  
ASN OD1  O N N 47  
ASN ND2  N N N 48  
ASN OXT  O N N 49  
ASN H    H N N 50  
ASN H2   H N N 51  
ASN HA   H N N 52  
ASN HB2  H N N 53  
ASN HB3  H N N 54  
ASN HD21 H N N 55  
ASN HD22 H N N 56  
ASN HXT  H N N 57  
ASP N    N N N 58  
ASP CA   C N S 59  
ASP C    C N N 60  
ASP O    O N N 61  
ASP CB   C N N 62  
ASP CG   C N N 63  
ASP OD1  O N N 64  
ASP OD2  O N N 65  
ASP OXT  O N N 66  
ASP H    H N N 67  
ASP H2   H N N 68  
ASP HA   H N N 69  
ASP HB2  H N N 70  
ASP HB3  H N N 71  
ASP HD2  H N N 72  
ASP HXT  H N N 73  
CYS N    N N N 74  
CYS CA   C N R 75  
CYS C    C N N 76  
CYS O    O N N 77  
CYS CB   C N N 78  
CYS SG   S N N 79  
CYS OXT  O N N 80  
CYS H    H N N 81  
CYS H2   H N N 82  
CYS HA   H N N 83  
CYS HB2  H N N 84  
CYS HB3  H N N 85  
CYS HG   H N N 86  
CYS HXT  H N N 87  
GLN N    N N N 88  
GLN CA   C N S 89  
GLN C    C N N 90  
GLN O    O N N 91  
GLN CB   C N N 92  
GLN CG   C N N 93  
GLN CD   C N N 94  
GLN OE1  O N N 95  
GLN NE2  N N N 96  
GLN OXT  O N N 97  
GLN H    H N N 98  
GLN H2   H N N 99  
GLN HA   H N N 100 
GLN HB2  H N N 101 
GLN HB3  H N N 102 
GLN HG2  H N N 103 
GLN HG3  H N N 104 
GLN HE21 H N N 105 
GLN HE22 H N N 106 
GLN HXT  H N N 107 
GLU N    N N N 108 
GLU CA   C N S 109 
GLU C    C N N 110 
GLU O    O N N 111 
GLU CB   C N N 112 
GLU CG   C N N 113 
GLU CD   C N N 114 
GLU OE1  O N N 115 
GLU OE2  O N N 116 
GLU OXT  O N N 117 
GLU H    H N N 118 
GLU H2   H N N 119 
GLU HA   H N N 120 
GLU HB2  H N N 121 
GLU HB3  H N N 122 
GLU HG2  H N N 123 
GLU HG3  H N N 124 
GLU HE2  H N N 125 
GLU HXT  H N N 126 
GLY N    N N N 127 
GLY CA   C N N 128 
GLY C    C N N 129 
GLY O    O N N 130 
GLY OXT  O N N 131 
GLY H    H N N 132 
GLY H2   H N N 133 
GLY HA2  H N N 134 
GLY HA3  H N N 135 
GLY HXT  H N N 136 
HIS N    N N N 137 
HIS CA   C N S 138 
HIS C    C N N 139 
HIS O    O N N 140 
HIS CB   C N N 141 
HIS CG   C Y N 142 
HIS ND1  N Y N 143 
HIS CD2  C Y N 144 
HIS CE1  C Y N 145 
HIS NE2  N Y N 146 
HIS OXT  O N N 147 
HIS H    H N N 148 
HIS H2   H N N 149 
HIS HA   H N N 150 
HIS HB2  H N N 151 
HIS HB3  H N N 152 
HIS HD1  H N N 153 
HIS HD2  H N N 154 
HIS HE1  H N N 155 
HIS HE2  H N N 156 
HIS HXT  H N N 157 
HOH O    O N N 158 
HOH H1   H N N 159 
HOH H2   H N N 160 
ILE N    N N N 161 
ILE CA   C N S 162 
ILE C    C N N 163 
ILE O    O N N 164 
ILE CB   C N S 165 
ILE CG1  C N N 166 
ILE CG2  C N N 167 
ILE CD1  C N N 168 
ILE OXT  O N N 169 
ILE H    H N N 170 
ILE H2   H N N 171 
ILE HA   H N N 172 
ILE HB   H N N 173 
ILE HG12 H N N 174 
ILE HG13 H N N 175 
ILE HG21 H N N 176 
ILE HG22 H N N 177 
ILE HG23 H N N 178 
ILE HD11 H N N 179 
ILE HD12 H N N 180 
ILE HD13 H N N 181 
ILE HXT  H N N 182 
LEU N    N N N 183 
LEU CA   C N S 184 
LEU C    C N N 185 
LEU O    O N N 186 
LEU CB   C N N 187 
LEU CG   C N N 188 
LEU CD1  C N N 189 
LEU CD2  C N N 190 
LEU OXT  O N N 191 
LEU H    H N N 192 
LEU H2   H N N 193 
LEU HA   H N N 194 
LEU HB2  H N N 195 
LEU HB3  H N N 196 
LEU HG   H N N 197 
LEU HD11 H N N 198 
LEU HD12 H N N 199 
LEU HD13 H N N 200 
LEU HD21 H N N 201 
LEU HD22 H N N 202 
LEU HD23 H N N 203 
LEU HXT  H N N 204 
LYS N    N N N 205 
LYS CA   C N S 206 
LYS C    C N N 207 
LYS O    O N N 208 
LYS CB   C N N 209 
LYS CG   C N N 210 
LYS CD   C N N 211 
LYS CE   C N N 212 
LYS NZ   N N N 213 
LYS OXT  O N N 214 
LYS H    H N N 215 
LYS H2   H N N 216 
LYS HA   H N N 217 
LYS HB2  H N N 218 
LYS HB3  H N N 219 
LYS HG2  H N N 220 
LYS HG3  H N N 221 
LYS HD2  H N N 222 
LYS HD3  H N N 223 
LYS HE2  H N N 224 
LYS HE3  H N N 225 
LYS HZ1  H N N 226 
LYS HZ2  H N N 227 
LYS HZ3  H N N 228 
LYS HXT  H N N 229 
MET N    N N N 230 
MET CA   C N S 231 
MET C    C N N 232 
MET O    O N N 233 
MET CB   C N N 234 
MET CG   C N N 235 
MET SD   S N N 236 
MET CE   C N N 237 
MET OXT  O N N 238 
MET H    H N N 239 
MET H2   H N N 240 
MET HA   H N N 241 
MET HB2  H N N 242 
MET HB3  H N N 243 
MET HG2  H N N 244 
MET HG3  H N N 245 
MET HE1  H N N 246 
MET HE2  H N N 247 
MET HE3  H N N 248 
MET HXT  H N N 249 
PHE N    N N N 250 
PHE CA   C N S 251 
PHE C    C N N 252 
PHE O    O N N 253 
PHE CB   C N N 254 
PHE CG   C Y N 255 
PHE CD1  C Y N 256 
PHE CD2  C Y N 257 
PHE CE1  C Y N 258 
PHE CE2  C Y N 259 
PHE CZ   C Y N 260 
PHE OXT  O N N 261 
PHE H    H N N 262 
PHE H2   H N N 263 
PHE HA   H N N 264 
PHE HB2  H N N 265 
PHE HB3  H N N 266 
PHE HD1  H N N 267 
PHE HD2  H N N 268 
PHE HE1  H N N 269 
PHE HE2  H N N 270 
PHE HZ   H N N 271 
PHE HXT  H N N 272 
PRO N    N N N 273 
PRO CA   C N S 274 
PRO C    C N N 275 
PRO O    O N N 276 
PRO CB   C N N 277 
PRO CG   C N N 278 
PRO CD   C N N 279 
PRO OXT  O N N 280 
PRO H    H N N 281 
PRO HA   H N N 282 
PRO HB2  H N N 283 
PRO HB3  H N N 284 
PRO HG2  H N N 285 
PRO HG3  H N N 286 
PRO HD2  H N N 287 
PRO HD3  H N N 288 
PRO HXT  H N N 289 
SER N    N N N 290 
SER CA   C N S 291 
SER C    C N N 292 
SER O    O N N 293 
SER CB   C N N 294 
SER OG   O N N 295 
SER OXT  O N N 296 
SER H    H N N 297 
SER H2   H N N 298 
SER HA   H N N 299 
SER HB2  H N N 300 
SER HB3  H N N 301 
SER HG   H N N 302 
SER HXT  H N N 303 
THR N    N N N 304 
THR CA   C N S 305 
THR C    C N N 306 
THR O    O N N 307 
THR CB   C N R 308 
THR OG1  O N N 309 
THR CG2  C N N 310 
THR OXT  O N N 311 
THR H    H N N 312 
THR H2   H N N 313 
THR HA   H N N 314 
THR HB   H N N 315 
THR HG1  H N N 316 
THR HG21 H N N 317 
THR HG22 H N N 318 
THR HG23 H N N 319 
THR HXT  H N N 320 
TRP N    N N N 321 
TRP CA   C N S 322 
TRP C    C N N 323 
TRP O    O N N 324 
TRP CB   C N N 325 
TRP CG   C Y N 326 
TRP CD1  C Y N 327 
TRP CD2  C Y N 328 
TRP NE1  N Y N 329 
TRP CE2  C Y N 330 
TRP CE3  C Y N 331 
TRP CZ2  C Y N 332 
TRP CZ3  C Y N 333 
TRP CH2  C Y N 334 
TRP OXT  O N N 335 
TRP H    H N N 336 
TRP H2   H N N 337 
TRP HA   H N N 338 
TRP HB2  H N N 339 
TRP HB3  H N N 340 
TRP HD1  H N N 341 
TRP HE1  H N N 342 
TRP HE3  H N N 343 
TRP HZ2  H N N 344 
TRP HZ3  H N N 345 
TRP HH2  H N N 346 
TRP HXT  H N N 347 
TYR N    N N N 348 
TYR CA   C N S 349 
TYR C    C N N 350 
TYR O    O N N 351 
TYR CB   C N N 352 
TYR CG   C Y N 353 
TYR CD1  C Y N 354 
TYR CD2  C Y N 355 
TYR CE1  C Y N 356 
TYR CE2  C Y N 357 
TYR CZ   C Y N 358 
TYR OH   O N N 359 
TYR OXT  O N N 360 
TYR H    H N N 361 
TYR H2   H N N 362 
TYR HA   H N N 363 
TYR HB2  H N N 364 
TYR HB3  H N N 365 
TYR HD1  H N N 366 
TYR HD2  H N N 367 
TYR HE1  H N N 368 
TYR HE2  H N N 369 
TYR HH   H N N 370 
TYR HXT  H N N 371 
VAL N    N N N 372 
VAL CA   C N S 373 
VAL C    C N N 374 
VAL O    O N N 375 
VAL CB   C N N 376 
VAL CG1  C N N 377 
VAL CG2  C N N 378 
VAL OXT  O N N 379 
VAL H    H N N 380 
VAL H2   H N N 381 
VAL HA   H N N 382 
VAL HB   H N N 383 
VAL HG11 H N N 384 
VAL HG12 H N N 385 
VAL HG13 H N N 386 
VAL HG21 H N N 387 
VAL HG22 H N N 388 
VAL HG23 H N N 389 
VAL HXT  H N N 390 
# 
loop_
_chem_comp_bond.comp_id 
_chem_comp_bond.atom_id_1 
_chem_comp_bond.atom_id_2 
_chem_comp_bond.value_order 
_chem_comp_bond.pdbx_aromatic_flag 
_chem_comp_bond.pdbx_stereo_config 
_chem_comp_bond.pdbx_ordinal 
ALA N   CA   sing N N 1   
ALA N   H    sing N N 2   
ALA N   H2   sing N N 3   
ALA CA  C    sing N N 4   
ALA CA  CB   sing N N 5   
ALA CA  HA   sing N N 6   
ALA C   O    doub N N 7   
ALA C   OXT  sing N N 8   
ALA CB  HB1  sing N N 9   
ALA CB  HB2  sing N N 10  
ALA CB  HB3  sing N N 11  
ALA OXT HXT  sing N N 12  
ARG N   CA   sing N N 13  
ARG N   H    sing N N 14  
ARG N   H2   sing N N 15  
ARG CA  C    sing N N 16  
ARG CA  CB   sing N N 17  
ARG CA  HA   sing N N 18  
ARG C   O    doub N N 19  
ARG C   OXT  sing N N 20  
ARG CB  CG   sing N N 21  
ARG CB  HB2  sing N N 22  
ARG CB  HB3  sing N N 23  
ARG CG  CD   sing N N 24  
ARG CG  HG2  sing N N 25  
ARG CG  HG3  sing N N 26  
ARG CD  NE   sing N N 27  
ARG CD  HD2  sing N N 28  
ARG CD  HD3  sing N N 29  
ARG NE  CZ   sing N N 30  
ARG NE  HE   sing N N 31  
ARG CZ  NH1  sing N N 32  
ARG CZ  NH2  doub N N 33  
ARG NH1 HH11 sing N N 34  
ARG NH1 HH12 sing N N 35  
ARG NH2 HH21 sing N N 36  
ARG NH2 HH22 sing N N 37  
ARG OXT HXT  sing N N 38  
ASN N   CA   sing N N 39  
ASN N   H    sing N N 40  
ASN N   H2   sing N N 41  
ASN CA  C    sing N N 42  
ASN CA  CB   sing N N 43  
ASN CA  HA   sing N N 44  
ASN C   O    doub N N 45  
ASN C   OXT  sing N N 46  
ASN CB  CG   sing N N 47  
ASN CB  HB2  sing N N 48  
ASN CB  HB3  sing N N 49  
ASN CG  OD1  doub N N 50  
ASN CG  ND2  sing N N 51  
ASN ND2 HD21 sing N N 52  
ASN ND2 HD22 sing N N 53  
ASN OXT HXT  sing N N 54  
ASP N   CA   sing N N 55  
ASP N   H    sing N N 56  
ASP N   H2   sing N N 57  
ASP CA  C    sing N N 58  
ASP CA  CB   sing N N 59  
ASP CA  HA   sing N N 60  
ASP C   O    doub N N 61  
ASP C   OXT  sing N N 62  
ASP CB  CG   sing N N 63  
ASP CB  HB2  sing N N 64  
ASP CB  HB3  sing N N 65  
ASP CG  OD1  doub N N 66  
ASP CG  OD2  sing N N 67  
ASP OD2 HD2  sing N N 68  
ASP OXT HXT  sing N N 69  
CYS N   CA   sing N N 70  
CYS N   H    sing N N 71  
CYS N   H2   sing N N 72  
CYS CA  C    sing N N 73  
CYS CA  CB   sing N N 74  
CYS CA  HA   sing N N 75  
CYS C   O    doub N N 76  
CYS C   OXT  sing N N 77  
CYS CB  SG   sing N N 78  
CYS CB  HB2  sing N N 79  
CYS CB  HB3  sing N N 80  
CYS SG  HG   sing N N 81  
CYS OXT HXT  sing N N 82  
GLN N   CA   sing N N 83  
GLN N   H    sing N N 84  
GLN N   H2   sing N N 85  
GLN CA  C    sing N N 86  
GLN CA  CB   sing N N 87  
GLN CA  HA   sing N N 88  
GLN C   O    doub N N 89  
GLN C   OXT  sing N N 90  
GLN CB  CG   sing N N 91  
GLN CB  HB2  sing N N 92  
GLN CB  HB3  sing N N 93  
GLN CG  CD   sing N N 94  
GLN CG  HG2  sing N N 95  
GLN CG  HG3  sing N N 96  
GLN CD  OE1  doub N N 97  
GLN CD  NE2  sing N N 98  
GLN NE2 HE21 sing N N 99  
GLN NE2 HE22 sing N N 100 
GLN OXT HXT  sing N N 101 
GLU N   CA   sing N N 102 
GLU N   H    sing N N 103 
GLU N   H2   sing N N 104 
GLU CA  C    sing N N 105 
GLU CA  CB   sing N N 106 
GLU CA  HA   sing N N 107 
GLU C   O    doub N N 108 
GLU C   OXT  sing N N 109 
GLU CB  CG   sing N N 110 
GLU CB  HB2  sing N N 111 
GLU CB  HB3  sing N N 112 
GLU CG  CD   sing N N 113 
GLU CG  HG2  sing N N 114 
GLU CG  HG3  sing N N 115 
GLU CD  OE1  doub N N 116 
GLU CD  OE2  sing N N 117 
GLU OE2 HE2  sing N N 118 
GLU OXT HXT  sing N N 119 
GLY N   CA   sing N N 120 
GLY N   H    sing N N 121 
GLY N   H2   sing N N 122 
GLY CA  C    sing N N 123 
GLY CA  HA2  sing N N 124 
GLY CA  HA3  sing N N 125 
GLY C   O    doub N N 126 
GLY C   OXT  sing N N 127 
GLY OXT HXT  sing N N 128 
HIS N   CA   sing N N 129 
HIS N   H    sing N N 130 
HIS N   H2   sing N N 131 
HIS CA  C    sing N N 132 
HIS CA  CB   sing N N 133 
HIS CA  HA   sing N N 134 
HIS C   O    doub N N 135 
HIS C   OXT  sing N N 136 
HIS CB  CG   sing N N 137 
HIS CB  HB2  sing N N 138 
HIS CB  HB3  sing N N 139 
HIS CG  ND1  sing Y N 140 
HIS CG  CD2  doub Y N 141 
HIS ND1 CE1  doub Y N 142 
HIS ND1 HD1  sing N N 143 
HIS CD2 NE2  sing Y N 144 
HIS CD2 HD2  sing N N 145 
HIS CE1 NE2  sing Y N 146 
HIS CE1 HE1  sing N N 147 
HIS NE2 HE2  sing N N 148 
HIS OXT HXT  sing N N 149 
HOH O   H1   sing N N 150 
HOH O   H2   sing N N 151 
ILE N   CA   sing N N 152 
ILE N   H    sing N N 153 
ILE N   H2   sing N N 154 
ILE CA  C    sing N N 155 
ILE CA  CB   sing N N 156 
ILE CA  HA   sing N N 157 
ILE C   O    doub N N 158 
ILE C   OXT  sing N N 159 
ILE CB  CG1  sing N N 160 
ILE CB  CG2  sing N N 161 
ILE CB  HB   sing N N 162 
ILE CG1 CD1  sing N N 163 
ILE CG1 HG12 sing N N 164 
ILE CG1 HG13 sing N N 165 
ILE CG2 HG21 sing N N 166 
ILE CG2 HG22 sing N N 167 
ILE CG2 HG23 sing N N 168 
ILE CD1 HD11 sing N N 169 
ILE CD1 HD12 sing N N 170 
ILE CD1 HD13 sing N N 171 
ILE OXT HXT  sing N N 172 
LEU N   CA   sing N N 173 
LEU N   H    sing N N 174 
LEU N   H2   sing N N 175 
LEU CA  C    sing N N 176 
LEU CA  CB   sing N N 177 
LEU CA  HA   sing N N 178 
LEU C   O    doub N N 179 
LEU C   OXT  sing N N 180 
LEU CB  CG   sing N N 181 
LEU CB  HB2  sing N N 182 
LEU CB  HB3  sing N N 183 
LEU CG  CD1  sing N N 184 
LEU CG  CD2  sing N N 185 
LEU CG  HG   sing N N 186 
LEU CD1 HD11 sing N N 187 
LEU CD1 HD12 sing N N 188 
LEU CD1 HD13 sing N N 189 
LEU CD2 HD21 sing N N 190 
LEU CD2 HD22 sing N N 191 
LEU CD2 HD23 sing N N 192 
LEU OXT HXT  sing N N 193 
LYS N   CA   sing N N 194 
LYS N   H    sing N N 195 
LYS N   H2   sing N N 196 
LYS CA  C    sing N N 197 
LYS CA  CB   sing N N 198 
LYS CA  HA   sing N N 199 
LYS C   O    doub N N 200 
LYS C   OXT  sing N N 201 
LYS CB  CG   sing N N 202 
LYS CB  HB2  sing N N 203 
LYS CB  HB3  sing N N 204 
LYS CG  CD   sing N N 205 
LYS CG  HG2  sing N N 206 
LYS CG  HG3  sing N N 207 
LYS CD  CE   sing N N 208 
LYS CD  HD2  sing N N 209 
LYS CD  HD3  sing N N 210 
LYS CE  NZ   sing N N 211 
LYS CE  HE2  sing N N 212 
LYS CE  HE3  sing N N 213 
LYS NZ  HZ1  sing N N 214 
LYS NZ  HZ2  sing N N 215 
LYS NZ  HZ3  sing N N 216 
LYS OXT HXT  sing N N 217 
MET N   CA   sing N N 218 
MET N   H    sing N N 219 
MET N   H2   sing N N 220 
MET CA  C    sing N N 221 
MET CA  CB   sing N N 222 
MET CA  HA   sing N N 223 
MET C   O    doub N N 224 
MET C   OXT  sing N N 225 
MET CB  CG   sing N N 226 
MET CB  HB2  sing N N 227 
MET CB  HB3  sing N N 228 
MET CG  SD   sing N N 229 
MET CG  HG2  sing N N 230 
MET CG  HG3  sing N N 231 
MET SD  CE   sing N N 232 
MET CE  HE1  sing N N 233 
MET CE  HE2  sing N N 234 
MET CE  HE3  sing N N 235 
MET OXT HXT  sing N N 236 
PHE N   CA   sing N N 237 
PHE N   H    sing N N 238 
PHE N   H2   sing N N 239 
PHE CA  C    sing N N 240 
PHE CA  CB   sing N N 241 
PHE CA  HA   sing N N 242 
PHE C   O    doub N N 243 
PHE C   OXT  sing N N 244 
PHE CB  CG   sing N N 245 
PHE CB  HB2  sing N N 246 
PHE CB  HB3  sing N N 247 
PHE CG  CD1  doub Y N 248 
PHE CG  CD2  sing Y N 249 
PHE CD1 CE1  sing Y N 250 
PHE CD1 HD1  sing N N 251 
PHE CD2 CE2  doub Y N 252 
PHE CD2 HD2  sing N N 253 
PHE CE1 CZ   doub Y N 254 
PHE CE1 HE1  sing N N 255 
PHE CE2 CZ   sing Y N 256 
PHE CE2 HE2  sing N N 257 
PHE CZ  HZ   sing N N 258 
PHE OXT HXT  sing N N 259 
PRO N   CA   sing N N 260 
PRO N   CD   sing N N 261 
PRO N   H    sing N N 262 
PRO CA  C    sing N N 263 
PRO CA  CB   sing N N 264 
PRO CA  HA   sing N N 265 
PRO C   O    doub N N 266 
PRO C   OXT  sing N N 267 
PRO CB  CG   sing N N 268 
PRO CB  HB2  sing N N 269 
PRO CB  HB3  sing N N 270 
PRO CG  CD   sing N N 271 
PRO CG  HG2  sing N N 272 
PRO CG  HG3  sing N N 273 
PRO CD  HD2  sing N N 274 
PRO CD  HD3  sing N N 275 
PRO OXT HXT  sing N N 276 
SER N   CA   sing N N 277 
SER N   H    sing N N 278 
SER N   H2   sing N N 279 
SER CA  C    sing N N 280 
SER CA  CB   sing N N 281 
SER CA  HA   sing N N 282 
SER C   O    doub N N 283 
SER C   OXT  sing N N 284 
SER CB  OG   sing N N 285 
SER CB  HB2  sing N N 286 
SER CB  HB3  sing N N 287 
SER OG  HG   sing N N 288 
SER OXT HXT  sing N N 289 
THR N   CA   sing N N 290 
THR N   H    sing N N 291 
THR N   H2   sing N N 292 
THR CA  C    sing N N 293 
THR CA  CB   sing N N 294 
THR CA  HA   sing N N 295 
THR C   O    doub N N 296 
THR C   OXT  sing N N 297 
THR CB  OG1  sing N N 298 
THR CB  CG2  sing N N 299 
THR CB  HB   sing N N 300 
THR OG1 HG1  sing N N 301 
THR CG2 HG21 sing N N 302 
THR CG2 HG22 sing N N 303 
THR CG2 HG23 sing N N 304 
THR OXT HXT  sing N N 305 
TRP N   CA   sing N N 306 
TRP N   H    sing N N 307 
TRP N   H2   sing N N 308 
TRP CA  C    sing N N 309 
TRP CA  CB   sing N N 310 
TRP CA  HA   sing N N 311 
TRP C   O    doub N N 312 
TRP C   OXT  sing N N 313 
TRP CB  CG   sing N N 314 
TRP CB  HB2  sing N N 315 
TRP CB  HB3  sing N N 316 
TRP CG  CD1  doub Y N 317 
TRP CG  CD2  sing Y N 318 
TRP CD1 NE1  sing Y N 319 
TRP CD1 HD1  sing N N 320 
TRP CD2 CE2  doub Y N 321 
TRP CD2 CE3  sing Y N 322 
TRP NE1 CE2  sing Y N 323 
TRP NE1 HE1  sing N N 324 
TRP CE2 CZ2  sing Y N 325 
TRP CE3 CZ3  doub Y N 326 
TRP CE3 HE3  sing N N 327 
TRP CZ2 CH2  doub Y N 328 
TRP CZ2 HZ2  sing N N 329 
TRP CZ3 CH2  sing Y N 330 
TRP CZ3 HZ3  sing N N 331 
TRP CH2 HH2  sing N N 332 
TRP OXT HXT  sing N N 333 
TYR N   CA   sing N N 334 
TYR N   H    sing N N 335 
TYR N   H2   sing N N 336 
TYR CA  C    sing N N 337 
TYR CA  CB   sing N N 338 
TYR CA  HA   sing N N 339 
TYR C   O    doub N N 340 
TYR C   OXT  sing N N 341 
TYR CB  CG   sing N N 342 
TYR CB  HB2  sing N N 343 
TYR CB  HB3  sing N N 344 
TYR CG  CD1  doub Y N 345 
TYR CG  CD2  sing Y N 346 
TYR CD1 CE1  sing Y N 347 
TYR CD1 HD1  sing N N 348 
TYR CD2 CE2  doub Y N 349 
TYR CD2 HD2  sing N N 350 
TYR CE1 CZ   doub Y N 351 
TYR CE1 HE1  sing N N 352 
TYR CE2 CZ   sing Y N 353 
TYR CE2 HE2  sing N N 354 
TYR CZ  OH   sing N N 355 
TYR OH  HH   sing N N 356 
TYR OXT HXT  sing N N 357 
VAL N   CA   sing N N 358 
VAL N   H    sing N N 359 
VAL N   H2   sing N N 360 
VAL CA  C    sing N N 361 
VAL CA  CB   sing N N 362 
VAL CA  HA   sing N N 363 
VAL C   O    doub N N 364 
VAL C   OXT  sing N N 365 
VAL CB  CG1  sing N N 366 
VAL CB  CG2  sing N N 367 
VAL CB  HB   sing N N 368 
VAL CG1 HG11 sing N N 369 
VAL CG1 HG12 sing N N 370 
VAL CG1 HG13 sing N N 371 
VAL CG2 HG21 sing N N 372 
VAL CG2 HG22 sing N N 373 
VAL CG2 HG23 sing N N 374 
VAL OXT HXT  sing N N 375 
# 
_pdbx_audit_support.funding_organization   'National Basic Research Program of China (973 Program)' 
_pdbx_audit_support.country                China 
_pdbx_audit_support.grant_number           ? 
_pdbx_audit_support.ordinal                1 
# 
_pdbx_initial_refinement_model.id               1 
_pdbx_initial_refinement_model.entity_id_list   ? 
_pdbx_initial_refinement_model.type             'experimental model' 
_pdbx_initial_refinement_model.source_name      PDB 
_pdbx_initial_refinement_model.accession_code   1KJV 
_pdbx_initial_refinement_model.details          ? 
# 
_atom_sites.entry_id                    6LUO 
_atom_sites.Cartn_transf_matrix[1][1]   ? 
_atom_sites.Cartn_transf_matrix[1][2]   ? 
_atom_sites.Cartn_transf_matrix[1][3]   ? 
_atom_sites.Cartn_transf_matrix[2][1]   ? 
_atom_sites.Cartn_transf_matrix[2][2]   ? 
_atom_sites.Cartn_transf_matrix[2][3]   ? 
_atom_sites.Cartn_transf_matrix[3][1]   ? 
_atom_sites.Cartn_transf_matrix[3][2]   ? 
_atom_sites.Cartn_transf_matrix[3][3]   ? 
_atom_sites.Cartn_transf_vector[1]      ? 
_atom_sites.Cartn_transf_vector[2]      ? 
_atom_sites.Cartn_transf_vector[3]      ? 
_atom_sites.fract_transf_matrix[1][1]   -0.01184917 
_atom_sites.fract_transf_matrix[1][2]   -0.00308842 
_atom_sites.fract_transf_matrix[1][3]   -0.00461978 
_atom_sites.fract_transf_matrix[2][1]   -0.00291867 
_atom_sites.fract_transf_matrix[2][2]   0.00225154 
_atom_sites.fract_transf_matrix[2][3]   -0.01255713 
_atom_sites.fract_transf_matrix[3][1]   0.00493829 
_atom_sites.fract_transf_matrix[3][2]   -0.01358570 
_atom_sites.fract_transf_matrix[3][3]   -0.00358378 
_atom_sites.fract_transf_vector[1]      -0.206366 
_atom_sites.fract_transf_vector[2]      0.227574 
_atom_sites.fract_transf_vector[3]      0.209423 
_atom_sites.solution_primary            ? 
_atom_sites.solution_secondary          ? 
_atom_sites.solution_hydrogens          ? 
_atom_sites.special_details             ? 
# 
loop_
_atom_type.symbol 
_atom_type.pdbx_scat_Z 
_atom_type.pdbx_N_electrons 
_atom_type.scat_Cromer_Mann_a1 
_atom_type.scat_Cromer_Mann_b1 
_atom_type.scat_Cromer_Mann_a2 
_atom_type.scat_Cromer_Mann_b2 
_atom_type.scat_Cromer_Mann_a3 
_atom_type.scat_Cromer_Mann_b3 
_atom_type.scat_Cromer_Mann_a4 
_atom_type.scat_Cromer_Mann_b4 
C 6  6  2.310  20.844 1.020 10.208 1.589 0.569  0.865 51.651 
N 7  7  12.222 0.006  3.135 9.893  2.014 28.997 1.167 0.583  
O 8  8  3.049  13.277 2.287 5.701  1.546 0.324  0.867 32.909 
S 16 16 6.905  1.468  5.203 22.215 1.438 0.254  1.586 56.172 
# 
loop_
_atom_site.group_PDB 
_atom_site.id 
_atom_site.type_symbol 
_atom_site.label_atom_id 
_atom_site.label_alt_id 
_atom_site.label_comp_id 
_atom_site.label_asym_id 
_atom_site.label_entity_id 
_atom_site.label_seq_id 
_atom_site.pdbx_PDB_ins_code 
_atom_site.Cartn_x 
_atom_site.Cartn_y 
_atom_site.Cartn_z 
_atom_site.occupancy 
_atom_site.B_iso_or_equiv 
_atom_site.pdbx_formal_charge 
_atom_site.auth_seq_id 
_atom_site.auth_comp_id 
_atom_site.auth_asym_id 
_atom_site.auth_atom_id 
_atom_site.pdbx_PDB_model_num 
ATOM   1    N N   . ALA A 1 1  ? -8.132  -13.188 -22.407 1.000 125.583 ? 2   ALA A N   1 
ATOM   2    C CA  . ALA A 1 1  ? -8.519  -11.848 -21.984 1.000 123.083 ? 2   ALA A CA  1 
ATOM   3    C C   . ALA A 1 1  ? -7.660  -11.379 -20.815 1.000 120.822 ? 2   ALA A C   1 
ATOM   4    O O   . ALA A 1 1  ? -7.923  -11.721 -19.660 1.000 121.138 ? 2   ALA A O   1 
ATOM   5    C CB  . ALA A 1 1  ? -9.996  -11.813 -21.615 1.000 123.094 ? 2   ALA A CB  1 
ATOM   6    N N   . THR A 1 2  ? -6.631  -10.594 -21.118 1.000 58.954  ? 3   THR A N   1 
ATOM   7    C CA  . THR A 1 2  ? -5.691  -10.152 -20.095 1.000 55.293  ? 3   THR A CA  1 
ATOM   8    C C   . THR A 1 2  ? -5.268  -8.698  -20.273 1.000 52.162  ? 3   THR A C   1 
ATOM   9    O O   . THR A 1 2  ? -5.322  -8.155  -21.375 1.000 52.712  ? 3   THR A O   1 
ATOM   10   C CB  . THR A 1 2  ? -4.425  -11.038 -20.068 1.000 55.941  ? 3   THR A CB  1 
ATOM   11   O OG1 . THR A 1 2  ? -3.848  -11.098 -21.378 1.000 56.678  ? 3   THR A OG1 1 
ATOM   12   C CG2 . THR A 1 2  ? -4.759  -12.450 -19.606 1.000 57.215  ? 3   THR A CG2 1 
ATOM   13   N N   . SER A 1 3  ? -4.858  -8.071  -19.174 1.000 48.448  ? 4   SER A N   1 
ATOM   14   C CA  . SER A 1 3  ? -4.230  -6.752  -19.223 1.000 44.329  ? 4   SER A CA  1 
ATOM   15   C C   . SER A 1 3  ? -2.761  -6.858  -18.811 1.000 42.455  ? 4   SER A C   1 
ATOM   16   O O   . SER A 1 3  ? -2.455  -7.194  -17.662 1.000 41.455  ? 4   SER A O   1 
ATOM   17   C CB  . SER A 1 3  ? -4.953  -5.773  -18.303 1.000 42.900  ? 4   SER A CB  1 
ATOM   18   O OG  . SER A 1 3  ? -6.287  -5.583  -18.711 1.000 43.010  ? 4   SER A OG  1 
ATOM   19   N N   . SER A 1 4  ? -1.855  -6.572  -19.742 1.000 40.379  ? 5   SER A N   1 
ATOM   20   C CA  . SER A 1 4  ? -0.438  -6.676  -19.439 1.000 39.070  ? 5   SER A CA  1 
ATOM   21   C C   . SER A 1 4  ? -0.019  -5.578  -18.484 1.000 36.778  ? 5   SER A C   1 
ATOM   22   O O   . SER A 1 4  ? -0.596  -4.495  -18.478 1.000 35.049  ? 5   SER A O   1 
ATOM   23   C CB  . SER A 1 4  ? 0.419   -6.627  -20.699 1.000 39.723  ? 5   SER A CB  1 
ATOM   24   O OG  . SER A 1 4  ? 0.618   -7.927  -21.211 1.000 39.673  ? 5   SER A OG  1 
ATOM   25   N N   . PRO A 1 5  ? 0.993   -5.859  -17.660 1.000 31.762  ? 6   PRO A N   1 
ATOM   26   C CA  . PRO A 1 5  ? 1.408   -4.821  -16.716 1.000 29.640  ? 6   PRO A CA  1 
ATOM   27   C C   . PRO A 1 5  ? 2.112   -3.639  -17.371 1.000 29.493  ? 6   PRO A C   1 
ATOM   28   O O   . PRO A 1 5  ? 2.877   -3.803  -18.323 1.000 28.840  ? 6   PRO A O   1 
ATOM   29   C CB  . PRO A 1 5  ? 2.381   -5.549  -15.779 1.000 29.767  ? 6   PRO A CB  1 
ATOM   30   C CG  . PRO A 1 5  ? 2.757   -6.817  -16.484 1.000 31.399  ? 6   PRO A CG  1 
ATOM   31   C CD  . PRO A 1 5  ? 1.619   -7.163  -17.387 1.000 31.412  ? 6   PRO A CD  1 
ATOM   32   N N   A ASN A 1 6  ? 1.820   -2.443  -16.871 0.500 26.853  ? 7   ASN A N   1 
ATOM   33   N N   B ASN A 1 6  ? 1.817   -2.447  -16.860 0.500 26.848  ? 7   ASN A N   1 
ATOM   34   C CA  A ASN A 1 6  ? 2.641   -1.280  -17.162 0.500 26.187  ? 7   ASN A CA  1 
ATOM   35   C CA  B ASN A 1 6  ? 2.616   -1.257  -17.113 0.500 26.169  ? 7   ASN A CA  1 
ATOM   36   C C   A ASN A 1 6  ? 3.697   -1.205  -16.068 0.500 23.382  ? 7   ASN A C   1 
ATOM   37   C C   B ASN A 1 6  ? 3.701   -1.238  -16.046 0.500 23.382  ? 7   ASN A C   1 
ATOM   38   O O   A ASN A 1 6  ? 3.373   -1.099  -14.886 0.500 21.539  ? 7   ASN A O   1 
ATOM   39   O O   B ASN A 1 6  ? 3.402   -1.198  -14.853 0.500 21.553  ? 7   ASN A O   1 
ATOM   40   C CB  A ASN A 1 6  ? 1.798   -0.005  -17.202 0.500 27.043  ? 7   ASN A CB  1 
ATOM   41   C CB  B ASN A 1 6  ? 1.738   -0.002  -17.022 0.500 26.993  ? 7   ASN A CB  1 
ATOM   42   C CG  A ASN A 1 6  ? 0.895   0.059   -18.420 0.500 34.136  ? 7   ASN A CG  1 
ATOM   43   C CG  B ASN A 1 6  ? 2.537   1.293   -17.084 0.500 33.744  ? 7   ASN A CG  1 
ATOM   44   O OD1 A ASN A 1 6  ? 1.308   -0.273  -19.535 0.500 38.368  ? 7   ASN A OD1 1 
ATOM   45   O OD1 B ASN A 1 6  ? 3.730   1.328   -16.785 0.500 37.612  ? 7   ASN A OD1 1 
ATOM   46   N ND2 A ASN A 1 6  ? -0.344  0.492   -18.215 0.500 38.523  ? 7   ASN A ND2 1 
ATOM   47   N ND2 B ASN A 1 6  ? 1.866   2.377   -17.464 0.500 38.228  ? 7   ASN A ND2 1 
ATOM   48   N N   . VAL A 1 7  ? 4.958   -1.284  -16.472 1.000 23.969  ? 8   VAL A N   1 
ATOM   49   C CA  . VAL A 1 7  ? 6.061   -1.435  -15.537 1.000 22.384  ? 8   VAL A CA  1 
ATOM   50   C C   . VAL A 1 7  ? 6.987   -0.247  -15.551 1.000 23.600  ? 8   VAL A C   1 
ATOM   51   O O   . VAL A 1 7  ? 7.291   0.311   -16.606 1.000 23.937  ? 8   VAL A O   1 
ATOM   52   C CB  . VAL A 1 7  ? 6.881   -2.713  -15.846 1.000 23.758  ? 8   VAL A CB  1 
ATOM   53   C CG1 . VAL A 1 7  ? 7.982   -2.926  -14.794 1.000 17.921  ? 8   VAL A CG1 1 
ATOM   54   C CG2 . VAL A 1 7  ? 5.951   -3.929  -15.932 1.000 19.592  ? 8   VAL A CG2 1 
ATOM   55   N N   . GLN A 1 8  ? 7.435   0.143   -14.368 1.000 24.569  ? 9   GLN A N   1 
ATOM   56   C CA  . GLN A 1 8  ? 8.433   1.183   -14.261 1.000 25.466  ? 9   GLN A CA  1 
ATOM   57   C C   . GLN A 1 8  ? 9.539   0.712   -13.352 1.000 21.792  ? 9   GLN A C   1 
ATOM   58   O O   . GLN A 1 8  ? 9.286   0.191   -12.277 1.000 21.442  ? 9   GLN A O   1 
ATOM   59   C CB  . GLN A 1 8  ? 7.814   2.467   -13.711 1.000 26.324  ? 9   GLN A CB  1 
ATOM   60   C CG  . GLN A 1 8  ? 6.912   3.172   -14.703 1.000 35.083  ? 9   GLN A CG  1 
ATOM   61   C CD  . GLN A 1 8  ? 5.757   3.868   -14.020 1.000 43.129  ? 9   GLN A CD  1 
ATOM   62   O OE1 . GLN A 1 8  ? 5.715   5.098   -13.947 1.000 48.748  ? 9   GLN A OE1 1 
ATOM   63   N NE2 . GLN A 1 8  ? 4.817   3.081   -13.492 1.000 43.861  ? 9   GLN A NE2 1 
ATOM   64   N N   . VAL A 1 9  ? 10.772  0.893   -13.801 1.000 18.394  ? 10  VAL A N   1 
ATOM   65   C CA  . VAL A 1 9  ? 11.919  0.623   -12.963 1.000 18.581  ? 10  VAL A CA  1 
ATOM   66   C C   . VAL A 1 9  ? 12.614  1.942   -12.692 1.000 18.589  ? 10  VAL A C   1 
ATOM   67   O O   . VAL A 1 9  ? 12.924  2.690   -13.626 1.000 18.236  ? 10  VAL A O   1 
ATOM   68   C CB  . VAL A 1 9  ? 12.894  -0.370  -13.629 1.000 20.518  ? 10  VAL A CB  1 
ATOM   69   C CG1 . VAL A 1 9  ? 13.997  -0.760  -12.635 1.000 17.073  ? 10  VAL A CG1 1 
ATOM   70   C CG2 . VAL A 1 9  ? 12.133  -1.586  -14.121 1.000 17.473  ? 10  VAL A CG2 1 
ATOM   71   N N   . TYR A 1 10 ? 12.849  2.227   -11.415 1.000 17.678  ? 11  TYR A N   1 
ATOM   72   C CA  . TYR A 1 10 ? 13.370  3.527   -11.019 1.000 18.800  ? 11  TYR A CA  1 
ATOM   73   C C   . TYR A 1 10 ? 14.078  3.459   -9.681  1.000 18.758  ? 11  TYR A C   1 
ATOM   74   O O   . TYR A 1 10 ? 13.916  2.501   -8.938  1.000 21.387  ? 11  TYR A O   1 
ATOM   75   C CB  . TYR A 1 10 ? 12.233  4.544   -10.936 1.000 16.818  ? 11  TYR A CB  1 
ATOM   76   C CG  . TYR A 1 10 ? 11.123  4.146   -9.982  1.000 17.818  ? 11  TYR A CG  1 
ATOM   77   C CD1 . TYR A 1 10 ? 10.183  3.193   -10.345 1.000 15.802  ? 11  TYR A CD1 1 
ATOM   78   C CD2 . TYR A 1 10 ? 11.003  4.742   -8.729  1.000 19.776  ? 11  TYR A CD2 1 
ATOM   79   C CE1 . TYR A 1 10 ? 9.165   2.832   -9.494  1.000 16.778  ? 11  TYR A CE1 1 
ATOM   80   C CE2 . TYR A 1 10 ? 9.984   4.385   -7.857  1.000 14.157  ? 11  TYR A CE2 1 
ATOM   81   C CZ  . TYR A 1 10 ? 9.064   3.430   -8.249  1.000 17.320  ? 11  TYR A CZ  1 
ATOM   82   O OH  . TYR A 1 10 ? 8.045   3.051   -7.401  1.000 20.942  ? 11  TYR A OH  1 
ATOM   83   N N   . THR A 1 11 ? 14.867  4.489   -9.390  1.000 19.484  ? 12  THR A N   1 
ATOM   84   C CA  . THR A 1 11 ? 15.480  4.661   -8.079  1.000 21.403  ? 12  THR A CA  1 
ATOM   85   C C   . THR A 1 11 ? 14.715  5.710   -7.263  1.000 21.695  ? 12  THR A C   1 
ATOM   86   O O   . THR A 1 11 ? 14.070  6.591   -7.831  1.000 20.150  ? 12  THR A O   1 
ATOM   87   C CB  . THR A 1 11 ? 16.962  5.071   -8.200  1.000 22.355  ? 12  THR A CB  1 
ATOM   88   O OG1 . THR A 1 11 ? 17.065  6.296   -8.932  1.000 28.775  ? 12  THR A OG1 1 
ATOM   89   C CG2 . THR A 1 11 ? 17.775  3.976   -8.913  1.000 20.342  ? 12  THR A CG2 1 
ATOM   90   N N   . TYR A 1 12 ? 14.784  5.602   -5.940  1.000 22.061  ? 13  TYR A N   1 
ATOM   91   C CA  . TYR A 1 12 ? 14.129  6.556   -5.045  1.000 24.374  ? 13  TYR A CA  1 
ATOM   92   C C   . TYR A 1 12 ? 14.611  7.987   -5.269  1.000 26.129  ? 13  TYR A C   1 
ATOM   93   O O   . TYR A 1 12 ? 13.825  8.930   -5.207  1.000 24.503  ? 13  TYR A O   1 
ATOM   94   C CB  . TYR A 1 12 ? 14.338  6.173   -3.586  1.000 25.695  ? 13  TYR A CB  1 
ATOM   95   C CG  . TYR A 1 12 ? 13.848  7.220   -2.605  1.000 28.664  ? 13  TYR A CG  1 
ATOM   96   C CD1 . TYR A 1 12 ? 12.488  7.497   -2.469  1.000 33.167  ? 13  TYR A CD1 1 
ATOM   97   C CD2 . TYR A 1 12 ? 14.741  7.926   -1.811  1.000 34.525  ? 13  TYR A CD2 1 
ATOM   98   C CE1 . TYR A 1 12 ? 12.038  8.447   -1.578  1.000 35.317  ? 13  TYR A CE1 1 
ATOM   99   C CE2 . TYR A 1 12 ? 14.299  8.884   -0.913  1.000 37.099  ? 13  TYR A CE2 1 
ATOM   100  C CZ  . TYR A 1 12 ? 12.944  9.142   -0.804  1.000 40.039  ? 13  TYR A CZ  1 
ATOM   101  O OH  . TYR A 1 12 ? 12.499  10.094  0.090   1.000 40.171  ? 13  TYR A OH  1 
ATOM   102  N N   . LYS A 1 13 ? 15.911  8.140   -5.500  1.000 31.499  ? 14  LYS A N   1 
ATOM   103  C CA  . LYS A 1 13 ? 16.453  9.411   -5.952  1.000 34.049  ? 14  LYS A CA  1 
ATOM   104  C C   . LYS A 1 13 ? 17.497  9.211   -7.043  1.000 33.925  ? 14  LYS A C   1 
ATOM   105  O O   . LYS A 1 13 ? 17.944  8.095   -7.291  1.000 33.991  ? 14  LYS A O   1 
ATOM   106  C CB  . LYS A 1 13 ? 16.989  10.251  -4.788  1.000 34.852  ? 14  LYS A CB  1 
ATOM   107  C CG  . LYS A 1 13 ? 17.696  9.489   -3.695  1.000 37.978  ? 14  LYS A CG  1 
ATOM   108  C CD  . LYS A 1 13 ? 19.185  9.726   -3.741  1.000 46.950  ? 14  LYS A CD  1 
ATOM   109  C CE  . LYS A 1 13 ? 19.890  9.041   -2.577  1.000 49.722  ? 14  LYS A CE  1 
ATOM   110  N NZ  . LYS A 1 13 ? 19.656  9.738   -1.274  1.000 50.559  ? 14  LYS A NZ  1 
ATOM   111  N N   . LEU A 1 14 ? 17.851  10.293  -7.725  1.000 27.788  ? 15  LEU A N   1 
ATOM   112  C CA  . LEU A 1 14 ? 18.824  10.215  -8.810  1.000 28.801  ? 15  LEU A CA  1 
ATOM   113  C C   . LEU A 1 14 ? 20.074  9.447   -8.369  1.000 29.633  ? 15  LEU A C   1 
ATOM   114  O O   . LEU A 1 14 ? 20.612  9.668   -7.279  1.000 28.311  ? 15  LEU A O   1 
ATOM   115  C CB  . LEU A 1 14 ? 19.208  11.617  -9.272  1.000 29.469  ? 15  LEU A CB  1 
ATOM   116  C CG  . LEU A 1 14 ? 20.187  11.669  -10.438 1.000 31.701  ? 15  LEU A CG  1 
ATOM   117  C CD1 . LEU A 1 14 ? 19.509  11.153  -11.698 1.000 28.601  ? 15  LEU A CD1 1 
ATOM   118  C CD2 . LEU A 1 14 ? 20.727  13.081  -10.622 1.000 32.228  ? 15  LEU A CD2 1 
ATOM   119  N N   . ILE A 1 15 ? 20.533  8.544   -9.223  1.000 30.001  ? 16  ILE A N   1 
ATOM   120  C CA  . ILE A 1 15 ? 21.709  7.743   -8.925  1.000 31.646  ? 16  ILE A CA  1 
ATOM   121  C C   . ILE A 1 15 ? 22.981  8.583   -8.796  1.000 33.625  ? 16  ILE A C   1 
ATOM   122  O O   . ILE A 1 15 ? 23.320  9.356   -9.686  1.000 34.359  ? 16  ILE A O   1 
ATOM   123  C CB  . ILE A 1 15 ? 21.931  6.664   -9.995  1.000 32.554  ? 16  ILE A CB  1 
ATOM   124  C CG1 . ILE A 1 15 ? 21.012  5.467   -9.729  1.000 32.588  ? 16  ILE A CG1 1 
ATOM   125  C CG2 . ILE A 1 15 ? 23.420  6.246   -10.057 1.000 30.051  ? 16  ILE A CG2 1 
ATOM   126  C CD1 . ILE A 1 15 ? 21.157  4.342   -10.749 1.000 31.262  ? 16  ILE A CD1 1 
ATOM   127  N N   . LYS A 1 16 ? 23.658  8.428   -7.665  1.000 39.426  ? 17  LYS A N   1 
ATOM   128  C CA  . LYS A 1 16 ? 25.038  8.860   -7.511  1.000 43.271  ? 17  LYS A CA  1 
ATOM   129  C C   . LYS A 1 16 ? 25.841  7.631   -7.088  1.000 43.374  ? 17  LYS A C   1 
ATOM   130  O O   . LYS A 1 16 ? 25.633  7.100   -6.001  1.000 44.516  ? 17  LYS A O   1 
ATOM   131  C CB  . LYS A 1 16 ? 25.152  9.970   -6.459  1.000 43.484  ? 17  LYS A CB  1 
ATOM   132  C CG  . LYS A 1 16 ? 26.593  10.374  -6.117  1.000 49.653  ? 17  LYS A CG  1 
ATOM   133  C CD  . LYS A 1 16 ? 26.938  11.799  -6.561  1.000 54.591  ? 17  LYS A CD  1 
ATOM   134  C CE  . LYS A 1 16 ? 27.022  11.928  -8.081  1.000 58.515  ? 17  LYS A CE  1 
ATOM   135  N NZ  . LYS A 1 16 ? 25.686  11.820  -8.750  1.000 60.357  ? 17  LYS A NZ  1 
ATOM   136  N N   . GLU A 1 17 ? 26.738  7.164   -7.947  1.000 37.147  ? 18  GLU A N   1 
ATOM   137  C CA  . GLU A 1 17 ? 27.482  5.942   -7.651  1.000 37.065  ? 18  GLU A CA  1 
ATOM   138  C C   . GLU A 1 17 ? 28.212  6.040   -6.317  1.000 35.391  ? 18  GLU A C   1 
ATOM   139  O O   . GLU A 1 17 ? 28.774  7.080   -5.982  1.000 35.452  ? 18  GLU A O   1 
ATOM   140  C CB  . GLU A 1 17 ? 28.435  5.603   -8.791  1.000 37.336  ? 18  GLU A CB  1 
ATOM   141  C CG  . GLU A 1 17 ? 27.699  5.259   -10.064 1.000 41.608  ? 18  GLU A CG  1 
ATOM   142  C CD  . GLU A 1 17 ? 28.627  4.935   -11.207 1.000 48.461  ? 18  GLU A CD  1 
ATOM   143  O OE1 . GLU A 1 17 ? 29.850  5.157   -11.076 1.000 51.619  ? 18  GLU A OE1 1 
ATOM   144  O OE2 . GLU A 1 17 ? 28.124  4.458   -12.245 1.000 50.098  ? 18  GLU A OE2 1 
ATOM   145  N N   . GLY A 1 18 ? 28.167  4.962   -5.540  1.000 28.032  ? 19  GLY A N   1 
ATOM   146  C CA  . GLY A 1 18 ? 28.730  4.974   -4.203  1.000 26.672  ? 19  GLY A CA  1 
ATOM   147  C C   . GLY A 1 18 ? 27.822  5.508   -3.105  1.000 25.332  ? 19  GLY A C   1 
ATOM   148  O O   . GLY A 1 18 ? 28.178  5.445   -1.928  1.000 25.219  ? 19  GLY A O   1 
ATOM   149  N N   . GLU A 1 19 ? 26.659  6.042   -3.470  1.000 34.899  ? 20  GLU A N   1 
ATOM   150  C CA  . GLU A 1 19 ? 25.702  6.517   -2.475  1.000 35.694  ? 20  GLU A CA  1 
ATOM   151  C C   . GLU A 1 19 ? 24.536  5.552   -2.406  1.000 34.396  ? 20  GLU A C   1 
ATOM   152  O O   . GLU A 1 19 ? 23.954  5.216   -3.435  1.000 31.933  ? 20  GLU A O   1 
ATOM   153  C CB  . GLU A 1 19 ? 25.155  7.898   -2.844  1.000 36.718  ? 20  GLU A CB  1 
ATOM   154  C CG  . GLU A 1 19 ? 26.059  9.062   -2.503  1.000 44.671  ? 20  GLU A CG  1 
ATOM   155  C CD  . GLU A 1 19 ? 25.438  10.411  -2.829  1.000 51.856  ? 20  GLU A CD  1 
ATOM   156  O OE1 . GLU A 1 19 ? 24.231  10.609  -2.563  1.000 52.025  ? 20  GLU A OE1 1 
ATOM   157  O OE2 . GLU A 1 19 ? 26.167  11.283  -3.349  1.000 53.512  ? 20  GLU A OE2 1 
ATOM   158  N N   . SER A 1 20 ? 24.167  5.132   -1.201  1.000 30.175  ? 21  SER A N   1 
ATOM   159  C CA  . SER A 1 20 ? 23.032  4.229   -1.054  1.000 30.293  ? 21  SER A CA  1 
ATOM   160  C C   . SER A 1 20 ? 21.732  4.846   -1.550  1.000 28.572  ? 21  SER A C   1 
ATOM   161  O O   . SER A 1 20 ? 21.554  6.073   -1.554  1.000 28.656  ? 21  SER A O   1 
ATOM   162  C CB  . SER A 1 20 ? 22.893  3.729   0.379   1.000 30.993  ? 21  SER A CB  1 
ATOM   163  O OG  . SER A 1 20 ? 22.905  4.793   1.289   1.000 32.030  ? 21  SER A OG  1 
ATOM   164  N N   . ASN A 1 21 ? 20.830  3.979   -1.993  1.000 26.477  ? 22  ASN A N   1 
ATOM   165  C CA  . ASN A 1 21 ? 19.629  4.406   -2.698  1.000 23.984  ? 22  ASN A CA  1 
ATOM   166  C C   . ASN A 1 21 ? 18.617  3.280   -2.578  1.000 22.790  ? 22  ASN A C   1 
ATOM   167  O O   . ASN A 1 21 ? 18.784  2.388   -1.755  1.000 22.574  ? 22  ASN A O   1 
ATOM   168  C CB  . ASN A 1 21 ? 19.982  4.687   -4.168  1.000 23.032  ? 22  ASN A CB  1 
ATOM   169  C CG  . ASN A 1 21 ? 19.053  5.691   -4.839  1.000 22.571  ? 22  ASN A CG  1 
ATOM   170  O OD1 . ASN A 1 21 ? 17.851  5.697   -4.620  1.000 20.273  ? 22  ASN A OD1 1 
ATOM   171  N ND2 . ASN A 1 21 ? 19.620  6.524   -5.698  1.000 20.847  ? 22  ASN A ND2 1 
ATOM   172  N N   . VAL A 1 22 ? 17.570  3.324   -3.392  1.000 21.674  ? 23  VAL A N   1 
ATOM   173  C CA  . VAL A 1 22 ? 16.588  2.244   -3.443  1.000 20.618  ? 23  VAL A CA  1 
ATOM   174  C C   . VAL A 1 22 ? 16.204  1.961   -4.889  1.000 21.147  ? 23  VAL A C   1 
ATOM   175  O O   . VAL A 1 22 ? 15.961  2.883   -5.666  1.000 20.858  ? 23  VAL A O   1 
ATOM   176  C CB  . VAL A 1 22 ? 15.306  2.566   -2.659  1.000 21.558  ? 23  VAL A CB  1 
ATOM   177  C CG1 . VAL A 1 22 ? 14.431  1.332   -2.594  1.000 16.757  ? 23  VAL A CG1 1 
ATOM   178  C CG2 . VAL A 1 22 ? 15.631  3.080   -1.253  1.000 21.181  ? 23  VAL A CG2 1 
ATOM   179  N N   . LEU A 1 23 ? 16.177  0.680   -5.246  1.000 19.831  ? 24  LEU A N   1 
ATOM   180  C CA  . LEU A 1 23 ? 15.796  0.252   -6.585  1.000 17.915  ? 24  LEU A CA  1 
ATOM   181  C C   . LEU A 1 23 ? 14.389  -0.283  -6.506  1.000 17.355  ? 24  LEU A C   1 
ATOM   182  O O   . LEU A 1 23 ? 14.100  -1.115  -5.654  1.000 17.326  ? 24  LEU A O   1 
ATOM   183  C CB  . LEU A 1 23 ? 16.727  -0.854  -7.068  1.000 18.597  ? 24  LEU A CB  1 
ATOM   184  C CG  . LEU A 1 23 ? 16.547  -1.393  -8.486  1.000 17.065  ? 24  LEU A CG  1 
ATOM   185  C CD1 . LEU A 1 23 ? 16.862  -0.321  -9.501  1.000 13.044  ? 24  LEU A CD1 1 
ATOM   186  C CD2 . LEU A 1 23 ? 17.441  -2.639  -8.697  1.000 10.428  ? 24  LEU A CD2 1 
ATOM   187  N N   . LEU A 1 24 ? 13.513  0.190   -7.389  1.000 21.171  ? 25  LEU A N   1 
ATOM   188  C CA  . LEU A 1 24 ? 12.118  -0.227  -7.363  1.000 21.226  ? 25  LEU A CA  1 
ATOM   189  C C   . LEU A 1 24 ? 11.620  -0.679  -8.736  1.000 20.710  ? 25  LEU A C   1 
ATOM   190  O O   . LEU A 1 24 ? 11.996  -0.109  -9.760  1.000 19.829  ? 25  LEU A O   1 
ATOM   191  C CB  . LEU A 1 24 ? 11.225  0.900   -6.825  1.000 19.689  ? 25  LEU A CB  1 
ATOM   192  C CG  . LEU A 1 24 ? 11.588  1.428   -5.438  1.000 18.976  ? 25  LEU A CG  1 
ATOM   193  C CD1 . LEU A 1 24 ? 12.434  2.683   -5.591  1.000 21.939  ? 25  LEU A CD1 1 
ATOM   194  C CD2 . LEU A 1 24 ? 10.322  1.692   -4.603  1.000 15.268  ? 25  LEU A CD2 1 
ATOM   195  N N   . CYS A 1 25 ? 10.762  -1.697  -8.737  1.000 15.852  ? 26  CYS A N   1 
ATOM   196  C CA  . CYS A 1 25 ? 10.102  -2.169  -9.948  1.000 17.273  ? 26  CYS A CA  1 
ATOM   197  C C   . CYS A 1 25 ? 8.612   -2.126  -9.643  1.000 17.447  ? 26  CYS A C   1 
ATOM   198  O O   . CYS A 1 25 ? 8.132   -2.813  -8.734  1.000 17.563  ? 26  CYS A O   1 
ATOM   199  C CB  . CYS A 1 25 ? 10.556  -3.599  -10.265 1.000 18.028  ? 26  CYS A CB  1 
ATOM   200  S SG  . CYS A 1 25 ? 9.833   -4.352  -11.732 1.000 24.298  ? 26  CYS A SG  1 
ATOM   201  N N   . HIS A 1 26 ? 7.880   -1.270  -10.347 1.000 23.329  ? 27  HIS A N   1 
ATOM   202  C CA  . HIS A 1 26 ? 6.471   -1.067  -10.028 1.000 23.279  ? 27  HIS A CA  1 
ATOM   203  C C   . HIS A 1 26 ? 5.600   -1.467  -11.204 1.000 24.487  ? 27  HIS A C   1 
ATOM   204  O O   . HIS A 1 26 ? 5.822   -1.029  -12.327 1.000 24.569  ? 27  HIS A O   1 
ATOM   205  C CB  . HIS A 1 26 ? 6.193   0.384   -9.616  1.000 22.926  ? 27  HIS A CB  1 
ATOM   206  C CG  . HIS A 1 26 ? 4.740   0.683   -9.389  1.000 24.814  ? 27  HIS A CG  1 
ATOM   207  N ND1 . HIS A 1 26 ? 4.057   0.258   -8.267  1.000 24.616  ? 27  HIS A ND1 1 
ATOM   208  C CD2 . HIS A 1 26 ? 3.836   1.351   -10.147 1.000 25.458  ? 27  HIS A CD2 1 
ATOM   209  C CE1 . HIS A 1 26 ? 2.799   0.660   -8.342  1.000 27.438  ? 27  HIS A CE1 1 
ATOM   210  N NE2 . HIS A 1 26 ? 2.639   1.322   -9.475  1.000 27.324  ? 27  HIS A NE2 1 
ATOM   211  N N   . ALA A 1 27 ? 4.610   -2.309  -10.928 1.000 20.173  ? 28  ALA A N   1 
ATOM   212  C CA  . ALA A 1 27 ? 3.718   -2.818  -11.954 1.000 19.223  ? 28  ALA A CA  1 
ATOM   213  C C   . ALA A 1 27 ? 2.283   -2.470  -11.590 1.000 18.908  ? 28  ALA A C   1 
ATOM   214  O O   . ALA A 1 27 ? 1.881   -2.599  -10.425 1.000 18.747  ? 28  ALA A O   1 
ATOM   215  C CB  . ALA A 1 27 ? 3.884   -4.347  -12.098 1.000 17.299  ? 28  ALA A CB  1 
ATOM   216  N N   . LYS A 1 28 ? 1.518   -2.046  -12.589 1.000 19.094  ? 29  LYS A N   1 
ATOM   217  C CA  . LYS A 1 28 ? 0.140   -1.616  -12.389 1.000 21.732  ? 29  LYS A CA  1 
ATOM   218  C C   . LYS A 1 28 ? -0.684  -1.931  -13.628 1.000 22.316  ? 29  LYS A C   1 
ATOM   219  O O   . LYS A 1 28 ? -0.132  -2.239  -14.690 1.000 22.334  ? 29  LYS A O   1 
ATOM   220  C CB  . LYS A 1 28 ? 0.080   -0.110  -12.116 1.000 21.997  ? 29  LYS A CB  1 
ATOM   221  C CG  . LYS A 1 28 ? 0.489   0.731   -13.317 1.000 26.553  ? 29  LYS A CG  1 
ATOM   222  C CD  . LYS A 1 28 ? 0.480   2.223   -13.031 1.000 29.506  ? 29  LYS A CD  1 
ATOM   223  C CE  . LYS A 1 28 ? 0.700   2.989   -14.327 1.000 32.559  ? 29  LYS A CE  1 
ATOM   224  N NZ  . LYS A 1 28 ? 0.890   4.451   -14.119 1.000 36.660  ? 29  LYS A NZ  1 
ATOM   225  N N   . ASP A 1 29 ? -2.005  -1.862  -13.484 1.000 25.961  ? 30  ASP A N   1 
ATOM   226  C CA  . ASP A 1 29 ? -2.927  -2.072  -14.594 1.000 27.137  ? 30  ASP A CA  1 
ATOM   227  C C   . ASP A 1 29 ? -2.976  -3.510  -15.091 1.000 26.906  ? 30  ASP A C   1 
ATOM   228  O O   . ASP A 1 29 ? -3.401  -3.752  -16.211 1.000 27.072  ? 30  ASP A O   1 
ATOM   229  C CB  . ASP A 1 29 ? -2.572  -1.153  -15.768 1.000 28.664  ? 30  ASP A CB  1 
ATOM   230  C CG  . ASP A 1 29 ? -2.624  0.309   -15.394 1.000 32.085  ? 30  ASP A CG  1 
ATOM   231  O OD1 . ASP A 1 29 ? -3.516  0.684   -14.602 1.000 35.183  ? 30  ASP A OD1 1 
ATOM   232  O OD2 . ASP A 1 29 ? -1.769  1.079   -15.892 1.000 35.370  ? 30  ASP A OD2 1 
ATOM   233  N N   . PHE A 1 30 ? -2.551  -4.464  -14.271 1.000 25.308  ? 31  PHE A N   1 
ATOM   234  C CA  . PHE A 1 30 ? -2.505  -5.850  -14.734 1.000 25.656  ? 31  PHE A CA  1 
ATOM   235  C C   . PHE A 1 30 ? -3.608  -6.756  -14.172 1.000 26.035  ? 31  PHE A C   1 
ATOM   236  O O   . PHE A 1 30 ? -4.183  -6.502  -13.110 1.000 26.100  ? 31  PHE A O   1 
ATOM   237  C CB  . PHE A 1 30 ? -1.103  -6.468  -14.557 1.000 24.921  ? 31  PHE A CB  1 
ATOM   238  C CG  . PHE A 1 30 ? -0.652  -6.590  -13.125 1.000 23.974  ? 31  PHE A CG  1 
ATOM   239  C CD1 . PHE A 1 30 ? -0.071  -5.516  -12.471 1.000 19.234  ? 31  PHE A CD1 1 
ATOM   240  C CD2 . PHE A 1 30 ? -0.793  -7.782  -12.442 1.000 20.105  ? 31  PHE A CD2 1 
ATOM   241  C CE1 . PHE A 1 30 ? 0.344   -5.619  -11.150 1.000 19.568  ? 31  PHE A CE1 1 
ATOM   242  C CE2 . PHE A 1 30 ? -0.372  -7.896  -11.115 1.000 21.961  ? 31  PHE A CE2 1 
ATOM   243  C CZ  . PHE A 1 30 ? 0.195   -6.809  -10.470 1.000 19.202  ? 31  PHE A CZ  1 
ATOM   244  N N   . SER A 1 31 ? -3.907  -7.801  -14.933 1.000 29.211  ? 32  SER A N   1 
ATOM   245  C CA  . SER A 1 31 ? -4.861  -8.824  -14.543 1.000 30.106  ? 32  SER A CA  1 
ATOM   246  C C   . SER A 1 31 ? -4.663  -9.968  -15.517 1.000 29.851  ? 32  SER A C   1 
ATOM   247  O O   . SER A 1 31 ? -4.541  -9.731  -16.711 1.000 29.411  ? 32  SER A O   1 
ATOM   248  C CB  . SER A 1 31 ? -6.291  -8.298  -14.638 1.000 30.227  ? 32  SER A CB  1 
ATOM   249  O OG  . SER A 1 31 ? -7.213  -9.286  -14.210 1.000 34.586  ? 32  SER A OG  1 
ATOM   250  N N   . PRO A 1 32 ? -4.622  -11.215 -15.022 1.000 28.935  ? 33  PRO A N   1 
ATOM   251  C CA  . PRO A 1 32 ? -4.832  -11.658 -13.636 1.000 28.124  ? 33  PRO A CA  1 
ATOM   252  C C   . PRO A 1 32 ? -3.706  -11.249 -12.684 1.000 27.719  ? 33  PRO A C   1 
ATOM   253  O O   . PRO A 1 32 ? -2.661  -10.773 -13.137 1.000 28.638  ? 33  PRO A O   1 
ATOM   254  C CB  . PRO A 1 32 ? -4.888  -13.183 -13.768 1.000 28.222  ? 33  PRO A CB  1 
ATOM   255  C CG  . PRO A 1 32 ? -4.053  -13.483 -14.972 1.000 31.317  ? 33  PRO A CG  1 
ATOM   256  C CD  . PRO A 1 32 ? -4.336  -12.350 -15.923 1.000 29.954  ? 33  PRO A CD  1 
ATOM   257  N N   . PRO A 1 33 ? -3.929  -11.430 -11.371 1.000 28.364  ? 34  PRO A N   1 
ATOM   258  C CA  . PRO A 1 33 ? -3.009  -10.988 -10.317 1.000 29.332  ? 34  PRO A CA  1 
ATOM   259  C C   . PRO A 1 33 ? -1.714  -11.794 -10.206 1.000 31.999  ? 34  PRO A C   1 
ATOM   260  O O   . PRO A 1 33 ? -0.748  -11.295 -9.630  1.000 32.901  ? 34  PRO A O   1 
ATOM   261  C CB  . PRO A 1 33 ? -3.835  -11.131 -9.032  1.000 30.127  ? 34  PRO A CB  1 
ATOM   262  C CG  . PRO A 1 33 ? -4.942  -12.067 -9.371  1.000 28.440  ? 34  PRO A CG  1 
ATOM   263  C CD  . PRO A 1 33 ? -5.231  -11.851 -10.828 1.000 27.940  ? 34  PRO A CD  1 
ATOM   264  N N   A ASN A 1 34 ? -1.694  -13.011 -10.738 0.500 28.359  ? 35  ASN A N   1 
ATOM   265  N N   B ASN A 1 34 ? -1.692  -13.018 -10.726 0.500 28.361  ? 35  ASN A N   1 
ATOM   266  C CA  A ASN A 1 34 ? -0.467  -13.797 -10.763 0.500 29.435  ? 35  ASN A CA  1 
ATOM   267  C CA  B ASN A 1 34 ? -0.459  -13.800 -10.726 0.500 29.430  ? 35  ASN A CA  1 
ATOM   268  C C   A ASN A 1 34 ? 0.620   -13.061 -11.535 0.500 27.661  ? 35  ASN A C   1 
ATOM   269  C C   B ASN A 1 34 ? 0.621   -13.083 -11.527 0.500 27.664  ? 35  ASN A C   1 
ATOM   270  O O   A ASN A 1 34 ? 0.469   -12.793 -12.724 0.500 26.890  ? 35  ASN A O   1 
ATOM   271  O O   B ASN A 1 34 ? 0.467   -12.846 -12.722 0.500 26.906  ? 35  ASN A O   1 
ATOM   272  C CB  A ASN A 1 34 ? -0.717  -15.169 -11.396 0.500 30.559  ? 35  ASN A CB  1 
ATOM   273  C CB  B ASN A 1 34 ? -0.687  -15.209 -11.288 0.500 30.559  ? 35  ASN A CB  1 
ATOM   274  C CG  A ASN A 1 34 ? -1.772  -15.965 -10.662 0.500 38.010  ? 35  ASN A CG  1 
ATOM   275  C CG  B ASN A 1 34 ? 0.581   -16.049 -11.283 0.500 38.291  ? 35  ASN A CG  1 
ATOM   276  O OD1 A ASN A 1 34 ? -1.472  -16.660 -9.693  0.500 45.748  ? 35  ASN A OD1 1 
ATOM   277  O OD1 B ASN A 1 34 ? 1.429   -15.906 -10.403 0.500 45.774  ? 35  ASN A OD1 1 
ATOM   278  N ND2 A ASN A 1 34 ? -3.019  -15.863 -11.116 0.500 42.302  ? 35  ASN A ND2 1 
ATOM   279  N ND2 B ASN A 1 34 ? 0.715   -16.932 -12.270 0.500 43.116  ? 35  ASN A ND2 1 
ATOM   280  N N   . ILE A 1 35 ? 1.714   -12.737 -10.858 1.000 27.809  ? 36  ILE A N   1 
ATOM   281  C CA  . ILE A 1 35 ? 2.788   -11.986 -11.488 1.000 26.616  ? 36  ILE A CA  1 
ATOM   282  C C   . ILE A 1 35 ? 4.077   -12.226 -10.718 1.000 25.898  ? 36  ILE A C   1 
ATOM   283  O O   . ILE A 1 35 ? 4.044   -12.464 -9.512  1.000 25.350  ? 36  ILE A O   1 
ATOM   284  C CB  . ILE A 1 35 ? 2.466   -10.462 -11.485 1.000 26.119  ? 36  ILE A CB  1 
ATOM   285  C CG1 . ILE A 1 35 ? 3.313   -9.714  -12.511 1.000 25.621  ? 36  ILE A CG1 1 
ATOM   286  C CG2 . ILE A 1 35 ? 2.651   -9.877  -10.077 1.000 25.956  ? 36  ILE A CG2 1 
ATOM   287  C CD1 . ILE A 1 35 ? 2.842   -8.301  -12.778 1.000 24.790  ? 36  ILE A CD1 1 
ATOM   288  N N   . LYS A 1 36 ? 5.210   -12.171 -11.407 1.000 26.645  ? 37  LYS A N   1 
ATOM   289  C CA  . LYS A 1 36 ? 6.499   -12.220 -10.721 1.000 26.672  ? 37  LYS A CA  1 
ATOM   290  C C   . LYS A 1 36 ? 7.375   -11.029 -11.107 1.000 24.753  ? 37  LYS A C   1 
ATOM   291  O O   . LYS A 1 36 ? 7.493   -10.688 -12.283 1.000 24.103  ? 37  LYS A O   1 
ATOM   292  C CB  . LYS A 1 36 ? 7.236   -13.543 -10.978 1.000 28.851  ? 37  LYS A CB  1 
ATOM   293  C CG  . LYS A 1 36 ? 8.455   -13.720 -10.073 1.000 32.651  ? 37  LYS A CG  1 
ATOM   294  C CD  . LYS A 1 36 ? 8.986   -15.147 -10.049 1.000 45.879  ? 37  LYS A CD  1 
ATOM   295  C CE  . LYS A 1 36 ? 9.794   -15.483 -11.289 1.000 53.117  ? 37  LYS A CE  1 
ATOM   296  N NZ  . LYS A 1 36 ? 10.098  -16.952 -11.374 1.000 57.173  ? 37  LYS A NZ  1 
ATOM   297  N N   . LEU A 1 37 ? 7.964   -10.392 -10.099 1.000 23.324  ? 38  LEU A N   1 
ATOM   298  C CA  . LEU A 1 37 ? 8.872   -9.268  -10.299 1.000 24.563  ? 38  LEU A CA  1 
ATOM   299  C C   . LEU A 1 37 ? 10.246  -9.636  -9.759  1.000 24.629  ? 38  LEU A C   1 
ATOM   300  O O   . LEU A 1 37 ? 10.372  -10.023 -8.600  1.000 23.742  ? 38  LEU A O   1 
ATOM   301  C CB  . LEU A 1 37 ? 8.375   -8.025  -9.549  1.000 22.971  ? 38  LEU A CB  1 
ATOM   302  C CG  . LEU A 1 37 ? 6.968   -7.465  -9.785  1.000 24.906  ? 38  LEU A CG  1 
ATOM   303  C CD1 . LEU A 1 37 ? 6.807   -6.148  -9.017  1.000 20.945  ? 38  LEU A CD1 1 
ATOM   304  C CD2 . LEU A 1 37 ? 6.667   -7.257  -11.264 1.000 18.976  ? 38  LEU A CD2 1 
ATOM   305  N N   . GLU A 1 38 ? 11.282  -9.507  -10.581 1.000 24.158  ? 39  GLU A N   1 
ATOM   306  C CA  . GLU A 1 38 ? 12.622  -9.807  -10.109 1.000 25.948  ? 39  GLU A CA  1 
ATOM   307  C C   . GLU A 1 38 ? 13.586  -8.682  -10.434 1.000 24.595  ? 39  GLU A C   1 
ATOM   308  O O   . GLU A 1 38 ? 13.674  -8.243  -11.571 1.000 26.701  ? 39  GLU A O   1 
ATOM   309  C CB  . GLU A 1 38 ? 13.121  -11.140 -10.681 1.000 26.482  ? 39  GLU A CB  1 
ATOM   310  C CG  . GLU A 1 38 ? 12.119  -12.263 -10.498 1.000 33.180  ? 39  GLU A CG  1 
ATOM   311  C CD  . GLU A 1 38 ? 12.618  -13.607 -11.009 1.000 46.171  ? 39  GLU A CD  1 
ATOM   312  O OE1 . GLU A 1 38 ? 12.494  -13.864 -12.225 1.000 45.237  ? 39  GLU A OE1 1 
ATOM   313  O OE2 . GLU A 1 38 ? 13.115  -14.411 -10.186 1.000 53.554  ? 39  GLU A OE2 1 
ATOM   314  N N   . LEU A 1 39 ? 14.295  -8.225  -9.407  1.000 23.008  ? 40  LEU A N   1 
ATOM   315  C CA  . LEU A 1 39 ? 15.326  -7.210  -9.535  1.000 24.034  ? 40  LEU A CA  1 
ATOM   316  C C   . LEU A 1 39 ? 16.638  -7.862  -9.927  1.000 25.877  ? 40  LEU A C   1 
ATOM   317  O O   . LEU A 1 39 ? 17.100  -8.812  -9.282  1.000 26.498  ? 40  LEU A O   1 
ATOM   318  C CB  . LEU A 1 39 ? 15.486  -6.444  -8.215  1.000 23.032  ? 40  LEU A CB  1 
ATOM   319  C CG  . LEU A 1 39 ? 14.255  -5.628  -7.808  1.000 22.474  ? 40  LEU A CG  1 
ATOM   320  C CD1 . LEU A 1 39 ? 14.468  -4.919  -6.472  1.000 13.678  ? 40  LEU A CD1 1 
ATOM   321  C CD2 . LEU A 1 39 ? 13.933  -4.637  -8.903  1.000 17.418  ? 40  LEU A CD2 1 
ATOM   322  N N   . LEU A 1 40 ? 17.240  -7.347  -10.990 1.000 24.237  ? 41  LEU A N   1 
ATOM   323  C CA  . LEU A 1 40 ? 18.453  -7.932  -11.531 1.000 24.911  ? 41  LEU A CA  1 
ATOM   324  C C   . LEU A 1 40 ? 19.588  -6.908  -11.558 1.000 25.603  ? 41  LEU A C   1 
ATOM   325  O O   . LEU A 1 40 ? 19.372  -5.729  -11.831 1.000 26.064  ? 41  LEU A O   1 
ATOM   326  C CB  . LEU A 1 40 ? 18.183  -8.444  -12.949 1.000 24.050  ? 41  LEU A CB  1 
ATOM   327  C CG  . LEU A 1 40 ? 16.996  -9.393  -13.166 1.000 25.600  ? 41  LEU A CG  1 
ATOM   328  C CD1 . LEU A 1 40 ? 16.945  -9.861  -14.615 1.000 23.582  ? 41  LEU A CD1 1 
ATOM   329  C CD2 . LEU A 1 40 ? 17.064  -10.601 -12.241 1.000 19.355  ? 41  LEU A CD2 1 
ATOM   330  N N   . GLU A 1 41 ? 20.799  -7.357  -11.259 1.000 29.580  ? 42  GLU A N   1 
ATOM   331  C CA  . GLU A 1 41 ? 21.977  -6.547  -11.534 1.000 29.848  ? 42  GLU A CA  1 
ATOM   332  C C   . GLU A 1 41 ? 22.900  -7.356  -12.427 1.000 29.298  ? 42  GLU A C   1 
ATOM   333  O O   . GLU A 1 41 ? 23.337  -8.452  -12.063 1.000 31.156  ? 42  GLU A O   1 
ATOM   334  C CB  . GLU A 1 41 ? 22.687  -6.103  -10.254 1.000 30.577  ? 42  GLU A CB  1 
ATOM   335  C CG  . GLU A 1 41 ? 23.339  -7.213  -9.472  1.000 36.541  ? 42  GLU A CG  1 
ATOM   336  C CD  . GLU A 1 41 ? 24.112  -6.697  -8.285  1.000 42.618  ? 42  GLU A CD  1 
ATOM   337  O OE1 . GLU A 1 41 ? 24.271  -5.465  -8.173  1.000 40.286  ? 42  GLU A OE1 1 
ATOM   338  O OE2 . GLU A 1 41 ? 24.551  -7.523  -7.458  1.000 47.964  ? 42  GLU A OE2 1 
ATOM   339  N N   . ASN A 1 42 ? 23.168  -6.825  -13.609 1.000 23.829  ? 43  ASN A N   1 
ATOM   340  C CA  . ASN A 1 42 ? 23.926  -7.551  -14.613 1.000 26.301  ? 43  ASN A CA  1 
ATOM   341  C C   . ASN A 1 42 ? 23.332  -8.943  -14.873 1.000 26.895  ? 43  ASN A C   1 
ATOM   342  O O   . ASN A 1 42 ? 24.051  -9.900  -15.172 1.000 28.806  ? 43  ASN A O   1 
ATOM   343  C CB  . ASN A 1 42 ? 25.400  -7.623  -14.205 1.000 25.640  ? 43  ASN A CB  1 
ATOM   344  C CG  . ASN A 1 42 ? 26.042  -6.248  -14.108 1.000 31.109  ? 43  ASN A CG  1 
ATOM   345  O OD1 . ASN A 1 42 ? 25.698  -5.333  -14.858 1.000 31.033  ? 43  ASN A OD1 1 
ATOM   346  N ND2 . ASN A 1 42 ? 26.971  -6.095  -13.180 1.000 36.623  ? 43  ASN A ND2 1 
ATOM   347  N N   . GLY A 1 43 ? 22.013  -9.041  -14.743 1.000 23.169  ? 44  GLY A N   1 
ATOM   348  C CA  . GLY A 1 43 ? 21.277  -10.249 -15.072 1.000 24.827  ? 44  GLY A CA  1 
ATOM   349  C C   . GLY A 1 43 ? 21.098  -11.219 -13.919 1.000 26.193  ? 44  GLY A C   1 
ATOM   350  O O   . GLY A 1 43 ? 20.352  -12.191 -14.021 1.000 27.309  ? 44  GLY A O   1 
ATOM   351  N N   . ARG A 1 44 ? 21.789  -10.961 -12.817 1.000 28.217  ? 45  ARG A N   1 
ATOM   352  C CA  . ARG A 1 44 ? 21.709  -11.838 -11.661 1.000 29.282  ? 45  ARG A CA  1 
ATOM   353  C C   . ARG A 1 44 ? 20.674  -11.347 -10.664 1.000 29.396  ? 45  ARG A C   1 
ATOM   354  O O   . ARG A 1 44 ? 20.584  -10.148 -10.383 1.000 28.361  ? 45  ARG A O   1 
ATOM   355  C CB  . ARG A 1 44 ? 23.066  -11.943 -10.966 1.000 29.322  ? 45  ARG A CB  1 
ATOM   356  C CG  . ARG A 1 44 ? 23.046  -12.906 -9.788  1.000 30.325  ? 45  ARG A CG  1 
ATOM   357  C CD  . ARG A 1 44 ? 24.110  -12.560 -8.780  1.000 32.849  ? 45  ARG A CD  1 
ATOM   358  N NE  . ARG A 1 44 ? 25.425  -12.640 -9.380  1.000 40.644  ? 45  ARG A NE  1 
ATOM   359  C CZ  . ARG A 1 44 ? 26.481  -11.968 -8.949  1.000 42.108  ? 45  ARG A CZ  1 
ATOM   360  N NH1 . ARG A 1 44 ? 26.362  -11.152 -7.908  1.000 37.960  ? 45  ARG A NH1 1 
ATOM   361  N NH2 . ARG A 1 44 ? 27.647  -12.107 -9.571  1.000 35.944  ? 45  ARG A NH2 1 
ATOM   362  N N   . ILE A 1 45 ? 19.907  -12.276 -10.116 1.000 34.291  ? 46  ILE A N   1 
ATOM   363  C CA  . ILE A 1 45 ? 18.882  -11.931 -9.141  1.000 34.841  ? 46  ILE A CA  1 
ATOM   364  C C   . ILE A 1 45 ? 19.509  -11.239 -7.934  1.000 34.444  ? 46  ILE A C   1 
ATOM   365  O O   . ILE A 1 45 ? 20.526  -11.676 -7.409  1.000 36.478  ? 46  ILE A O   1 
ATOM   366  C CB  . ILE A 1 45 ? 18.081  -13.174 -8.704  1.000 36.804  ? 46  ILE A CB  1 
ATOM   367  C CG1 . ILE A 1 45 ? 17.463  -13.853 -9.933  1.000 36.970  ? 46  ILE A CG1 1 
ATOM   368  C CG2 . ILE A 1 45 ? 16.995  -12.792 -7.711  1.000 35.752  ? 46  ILE A CG2 1 
ATOM   369  C CD1 . ILE A 1 45 ? 16.929  -15.244 -9.669  1.000 43.437  ? 46  ILE A CD1 1 
ATOM   370  N N   . ILE A 1 46 ? 18.914  -10.126 -7.531  1.000 31.143  ? 47  ILE A N   1 
ATOM   371  C CA  . ILE A 1 46 ? 19.290  -9.450  -6.301  1.000 28.632  ? 47  ILE A CA  1 
ATOM   372  C C   . ILE A 1 46 ? 18.564  -10.135 -5.149  1.000 28.748  ? 47  ILE A C   1 
ATOM   373  O O   . ILE A 1 46 ? 17.352  -10.363 -5.216  1.000 27.337  ? 47  ILE A O   1 
ATOM   374  C CB  . ILE A 1 46 ? 18.938  -7.938  -6.355  1.000 28.790  ? 47  ILE A CB  1 
ATOM   375  C CG1 . ILE A 1 46 ? 19.630  -7.290  -7.563  1.000 22.950  ? 47  ILE A CG1 1 
ATOM   376  C CG2 . ILE A 1 46 ? 19.330  -7.230  -5.046  1.000 24.542  ? 47  ILE A CG2 1 
ATOM   377  C CD1 . ILE A 1 46 ? 19.456  -5.791  -7.667  1.000 21.629  ? 47  ILE A CD1 1 
ATOM   378  N N   . PRO A 1 47 ? 19.314  -10.502 -4.102  1.000 27.838  ? 48  PRO A N   1 
ATOM   379  C CA  . PRO A 1 47 ? 18.741  -11.179 -2.934  1.000 28.217  ? 48  PRO A CA  1 
ATOM   380  C C   . PRO A 1 47 ? 18.125  -10.208 -1.913  1.000 27.198  ? 48  PRO A C   1 
ATOM   381  O O   . PRO A 1 47 ? 18.458  -9.017  -1.898  1.000 26.561  ? 48  PRO A O   1 
ATOM   382  C CB  . PRO A 1 47 ? 19.959  -11.879 -2.297  1.000 28.696  ? 48  PRO A CB  1 
ATOM   383  C CG  . PRO A 1 47 ? 21.182  -11.345 -2.997  1.000 29.746  ? 48  PRO A CG  1 
ATOM   384  C CD  . PRO A 1 47 ? 20.756  -10.266 -3.950  1.000 28.980  ? 48  PRO A CD  1 
ATOM   385  N N   . ASN A 1 48 ? 17.239  -10.727 -1.069  1.000 25.216  ? 49  ASN A N   1 
ATOM   386  C CA  . ASN A 1 48 ? 16.737  -9.976  0.083   1.000 26.429  ? 49  ASN A CA  1 
ATOM   387  C C   . ASN A 1 48 ? 15.941  -8.717  -0.290  1.000 24.650  ? 49  ASN A C   1 
ATOM   388  O O   . ASN A 1 48 ? 16.027  -7.676  0.365   1.000 25.132  ? 49  ASN A O   1 
ATOM   389  C CB  . ASN A 1 48 ? 17.892  -9.646  1.036   1.000 27.203  ? 49  ASN A CB  1 
ATOM   390  C CG  . ASN A 1 48 ? 18.658  -10.894 1.478   1.000 33.786  ? 49  ASN A CG  1 
ATOM   391  O OD1 . ASN A 1 48 ? 19.890  -10.957 1.384   1.000 38.062  ? 49  ASN A OD1 1 
ATOM   392  N ND2 . ASN A 1 48 ? 17.922  -11.903 1.941   1.000 32.464  ? 49  ASN A ND2 1 
ATOM   393  N N   . THR A 1 49 ? 15.163  -8.830  -1.356  1.000 25.337  ? 50  THR A N   1 
ATOM   394  C CA  . THR A 1 49 ? 14.288  -7.752  -1.770  1.000 24.748  ? 50  THR A CA  1 
ATOM   395  C C   . THR A 1 49 ? 12.977  -7.832  -1.004  1.000 24.932  ? 50  THR A C   1 
ATOM   396  O O   . THR A 1 49 ? 12.698  -8.810  -0.311  1.000 25.664  ? 50  THR A O   1 
ATOM   397  C CB  . THR A 1 49 ? 13.999  -7.787  -3.281  1.000 22.950  ? 50  THR A CB  1 
ATOM   398  O OG1 . THR A 1 49 ? 13.239  -8.953  -3.589  1.000 20.953  ? 50  THR A OG1 1 
ATOM   399  C CG2 . THR A 1 49 ? 15.284  -7.793  -4.080  1.000 20.121  ? 50  THR A CG2 1 
ATOM   400  N N   . THR A 1 50 ? 12.177  -6.784  -1.126  1.000 26.803  ? 51  THR A N   1 
ATOM   401  C CA  . THR A 1 50 ? 10.909  -6.715  -0.432  1.000 26.206  ? 51  THR A CA  1 
ATOM   402  C C   . THR A 1 50 ? 9.787   -6.533  -1.445  1.000 25.979  ? 51  THR A C   1 
ATOM   403  O O   . THR A 1 50 ? 9.889   -5.721  -2.369  1.000 25.393  ? 51  THR A O   1 
ATOM   404  C CB  . THR A 1 50 ? 10.912  -5.557  0.571   1.000 26.711  ? 51  THR A CB  1 
ATOM   405  O OG1 . THR A 1 50 ? 11.963  -5.769  1.512   1.000 26.151  ? 51  THR A OG1 1 
ATOM   406  C CG2 . THR A 1 50 ? 9.564   -5.451  1.314   1.000 23.474  ? 51  THR A CG2 1 
ATOM   407  N N   . GLN A 1 51 ? 8.730   -7.315  -1.273  1.000 31.654  ? 52  GLN A N   1 
ATOM   408  C CA  . GLN A 1 51 ? 7.530   -7.195  -2.080  1.000 32.783  ? 52  GLN A CA  1 
ATOM   409  C C   . GLN A 1 51 ? 6.451   -6.467  -1.279  1.000 32.201  ? 52  GLN A C   1 
ATOM   410  O O   . GLN A 1 51 ? 6.199   -6.806  -0.133  1.000 30.896  ? 52  GLN A O   1 
ATOM   411  C CB  . GLN A 1 51 ? 7.029   -8.584  -2.440  1.000 35.320  ? 52  GLN A CB  1 
ATOM   412  C CG  . GLN A 1 51 ? 5.858   -8.598  -3.398  1.000 40.700  ? 52  GLN A CG  1 
ATOM   413  C CD  . GLN A 1 51 ? 5.198   -9.964  -3.454  1.000 48.098  ? 52  GLN A CD  1 
ATOM   414  O OE1 . GLN A 1 51 ? 5.221   -10.636 -4.483  1.000 54.557  ? 52  GLN A OE1 1 
ATOM   415  N NE2 . GLN A 1 51 ? 4.615   -10.385 -2.335  1.000 47.424  ? 52  GLN A NE2 1 
ATOM   416  N N   . SER A 1 52 ? 5.826   -5.457  -1.874  1.000 25.687  ? 53  SER A N   1 
ATOM   417  C CA  . SER A 1 52 ? 4.709   -4.773  -1.239  1.000 25.014  ? 53  SER A CA  1 
ATOM   418  C C   . SER A 1 52 ? 3.477   -5.679  -1.178  1.000 26.085  ? 53  SER A C   1 
ATOM   419  O O   . SER A 1 52 ? 3.479   -6.784  -1.729  1.000 26.535  ? 53  SER A O   1 
ATOM   420  C CB  . SER A 1 52 ? 4.341   -3.537  -2.059  1.000 24.727  ? 53  SER A CB  1 
ATOM   421  O OG  . SER A 1 52 ? 3.814   -3.928  -3.316  1.000 24.313  ? 53  SER A OG  1 
ATOM   422  N N   . ASP A 1 53 ? 2.429   -5.204  -0.512  1.000 25.543  ? 54  ASP A N   1 
ATOM   423  C CA  . ASP A 1 53 ? 1.114   -5.820  -0.596  1.000 26.982  ? 54  ASP A CA  1 
ATOM   424  C C   . ASP A 1 53 ? 0.601   -5.692  -2.020  1.000 26.345  ? 54  ASP A C   1 
ATOM   425  O O   . ASP A 1 53 ? 1.020   -4.810  -2.760  1.000 26.050  ? 54  ASP A O   1 
ATOM   426  C CB  . ASP A 1 53 ? 0.113   -5.104  0.313   1.000 28.056  ? 54  ASP A CB  1 
ATOM   427  C CG  . ASP A 1 53 ? 0.373   -5.335  1.778   1.000 29.409  ? 54  ASP A CG  1 
ATOM   428  O OD1 . ASP A 1 53 ? 0.741   -6.460  2.155   1.000 36.286  ? 54  ASP A OD1 1 
ATOM   429  O OD2 . ASP A 1 53 ? 0.186   -4.384  2.559   1.000 32.899  ? 54  ASP A OD2 1 
ATOM   430  N N   . LEU A 1 54 ? -0.328  -6.565  -2.389  1.000 25.150  ? 55  LEU A N   1 
ATOM   431  C CA  . LEU A 1 54 ? -0.962  -6.528  -3.697  1.000 25.829  ? 55  LEU A CA  1 
ATOM   432  C C   . LEU A 1 54 ? -2.187  -5.629  -3.615  1.000 25.600  ? 55  LEU A C   1 
ATOM   433  O O   . LEU A 1 54 ? -3.076  -5.866  -2.801  1.000 26.993  ? 55  LEU A O   1 
ATOM   434  C CB  . LEU A 1 54 ? -1.355  -7.947  -4.126  1.000 25.764  ? 55  LEU A CB  1 
ATOM   435  C CG  . LEU A 1 54 ? -2.110  -8.123  -5.446  1.000 26.451  ? 55  LEU A CG  1 
ATOM   436  C CD1 . LEU A 1 54 ? -1.183  -7.917  -6.641  1.000 21.321  ? 55  LEU A CD1 1 
ATOM   437  C CD2 . LEU A 1 54 ? -2.807  -9.499  -5.512  1.000 27.211  ? 55  LEU A CD2 1 
ATOM   438  N N   . SER A 1 55 ? -2.214  -4.581  -4.433  1.000 23.608  ? 56  SER A N   1 
ATOM   439  C CA  . SER A 1 55 ? -3.329  -3.628  -4.437  1.000 22.729  ? 56  SER A CA  1 
ATOM   440  C C   . SER A 1 55 ? -4.424  -4.053  -5.402  1.000 22.934  ? 56  SER A C   1 
ATOM   441  O O   . SER A 1 55 ? -4.142  -4.569  -6.486  1.000 22.645  ? 56  SER A O   1 
ATOM   442  C CB  . SER A 1 55 ? -2.856  -2.218  -4.813  1.000 22.390  ? 56  SER A CB  1 
ATOM   443  O OG  . SER A 1 55 ? -2.071  -1.658  -3.786  1.000 20.260  ? 56  SER A OG  1 
ATOM   444  N N   . PHE A 1 56 ? -5.671  -3.803  -5.014  1.000 23.929  ? 57  PHE A N   1 
ATOM   445  C CA  . PHE A 1 56 ? -6.826  -4.217  -5.795  1.000 25.327  ? 57  PHE A CA  1 
ATOM   446  C C   . PHE A 1 56 ? -7.634  -2.976  -6.165  1.000 25.685  ? 57  PHE A C   1 
ATOM   447  O O   . PHE A 1 56 ? -8.246  -2.346  -5.307  1.000 26.095  ? 57  PHE A O   1 
ATOM   448  C CB  . PHE A 1 56 ? -7.657  -5.200  -4.963  1.000 25.419  ? 57  PHE A CB  1 
ATOM   449  C CG  . PHE A 1 56 ? -8.753  -5.893  -5.724  1.000 27.193  ? 57  PHE A CG  1 
ATOM   450  C CD1 . PHE A 1 56 ? -8.593  -6.249  -7.046  1.000 28.869  ? 57  PHE A CD1 1 
ATOM   451  C CD2 . PHE A 1 56 ? -9.940  -6.228  -5.090  1.000 29.796  ? 57  PHE A CD2 1 
ATOM   452  C CE1 . PHE A 1 56 ? -9.601  -6.909  -7.728  1.000 30.901  ? 57  PHE A CE1 1 
ATOM   453  C CE2 . PHE A 1 56 ? -10.946 -6.888  -5.767  1.000 29.885  ? 57  PHE A CE2 1 
ATOM   454  C CZ  . PHE A 1 56 ? -10.775 -7.228  -7.087  1.000 28.109  ? 57  PHE A CZ  1 
ATOM   455  N N   . GLU A 1 57 ? -7.613  -2.619  -7.444  1.000 29.188  ? 58  GLU A N   1 
ATOM   456  C CA  . GLU A 1 57 ? -8.272  -1.403  -7.919  1.000 30.462  ? 58  GLU A CA  1 
ATOM   457  C C   . GLU A 1 57 ? -9.714  -1.674  -8.363  1.000 31.422  ? 58  GLU A C   1 
ATOM   458  O O   . GLU A 1 57 ? -10.086 -2.815  -8.647  1.000 29.851  ? 58  GLU A O   1 
ATOM   459  C CB  . GLU A 1 57 ? -7.460  -0.773  -9.056  1.000 30.556  ? 58  GLU A CB  1 
ATOM   460  C CG  . GLU A 1 57 ? -5.984  -0.539  -8.713  1.000 33.167  ? 58  GLU A CG  1 
ATOM   461  C CD  . GLU A 1 57 ? -5.798  0.417   -7.540  1.000 36.762  ? 58  GLU A CD  1 
ATOM   462  O OE1 . GLU A 1 57 ? -6.111  1.620   -7.685  1.000 37.799  ? 58  GLU A OE1 1 
ATOM   463  O OE2 . GLU A 1 57 ? -5.344  -0.027  -6.463  1.000 38.218  ? 58  GLU A OE2 1 
ATOM   464  N N   . SER A 1 58 ? -10.517 -0.618  -8.428  1.000 30.806  ? 59  SER A N   1 
ATOM   465  C CA  . SER A 1 58 ? -11.953 -0.733  -8.692  1.000 32.493  ? 59  SER A CA  1 
ATOM   466  C C   . SER A 1 58 ? -12.304 -1.327  -10.060 1.000 32.428  ? 59  SER A C   1 
ATOM   467  O O   . SER A 1 58 ? -13.371 -1.923  -10.234 1.000 34.488  ? 59  SER A O   1 
ATOM   468  C CB  . SER A 1 58 ? -12.627 0.634   -8.526  1.000 33.817  ? 59  SER A CB  1 
ATOM   469  O OG  . SER A 1 58 ? -11.986 1.606   -9.339  1.000 37.104  ? 59  SER A OG  1 
ATOM   470  N N   . ASP A 1 59 ? -11.416 -1.157  -11.032 1.000 32.543  ? 60  ASP A N   1 
ATOM   471  C CA  . ASP A 1 59 ? -11.584 -1.779  -12.341 1.000 32.928  ? 60  ASP A CA  1 
ATOM   472  C C   . ASP A 1 59 ? -11.059 -3.229  -12.371 1.000 33.262  ? 60  ASP A C   1 
ATOM   473  O O   . ASP A 1 59 ? -10.965 -3.848  -13.432 1.000 32.312  ? 60  ASP A O   1 
ATOM   474  C CB  . ASP A 1 59 ? -10.889 -0.937  -13.408 1.000 33.109  ? 60  ASP A CB  1 
ATOM   475  C CG  . ASP A 1 59 ? -9.399  -0.845  -13.185 1.000 37.047  ? 60  ASP A CG  1 
ATOM   476  O OD1 . ASP A 1 59 ? -8.710  -0.196  -14.003 1.000 36.470  ? 60  ASP A OD1 1 
ATOM   477  O OD2 . ASP A 1 59 ? -8.913  -1.439  -12.190 1.000 36.489  ? 60  ASP A OD2 1 
ATOM   478  N N   . TRP A 1 60 ? -10.723 -3.755  -11.196 1.000 31.054  ? 61  TRP A N   1 
ATOM   479  C CA  . TRP A 1 60 ? -10.247 -5.137  -11.045 1.000 31.135  ? 61  TRP A CA  1 
ATOM   480  C C   . TRP A 1 60 ? -8.863  -5.400  -11.648 1.000 30.827  ? 61  TRP A C   1 
ATOM   481  O O   . TRP A 1 60 ? -8.519  -6.540  -11.962 1.000 33.380  ? 61  TRP A O   1 
ATOM   482  C CB  . TRP A 1 60 ? -11.279 -6.151  -11.557 1.000 30.609  ? 61  TRP A CB  1 
ATOM   483  C CG  . TRP A 1 60 ? -12.420 -6.373  -10.593 1.000 29.304  ? 61  TRP A CG  1 
ATOM   484  C CD1 . TRP A 1 60 ? -13.295 -5.433  -10.140 1.000 27.269  ? 61  TRP A CD1 1 
ATOM   485  C CD2 . TRP A 1 60 ? -12.811 -7.610  -9.983  1.000 28.061  ? 61  TRP A CD2 1 
ATOM   486  N NE1 . TRP A 1 60 ? -14.197 -5.998  -9.279  1.000 29.806  ? 61  TRP A NE1 1 
ATOM   487  C CE2 . TRP A 1 60 ? -13.924 -7.337  -9.163  1.000 30.072  ? 61  TRP A CE2 1 
ATOM   488  C CE3 . TRP A 1 60 ? -12.325 -8.921  -10.045 1.000 25.343  ? 61  TRP A CE3 1 
ATOM   489  C CZ2 . TRP A 1 60 ? -14.566 -8.329  -8.409  1.000 30.896  ? 61  TRP A CZ2 1 
ATOM   490  C CZ3 . TRP A 1 60 ? -12.963 -9.904  -9.294  1.000 28.095  ? 61  TRP A CZ3 1 
ATOM   491  C CH2 . TRP A 1 60 ? -14.069 -9.602  -8.487  1.000 27.395  ? 61  TRP A CH2 1 
ATOM   492  N N   . SER A 1 61 ? -8.081  -4.340  -11.815 1.000 23.642  ? 62  SER A N   1 
ATOM   493  C CA  . SER A 1 61 ? -6.658  -4.464  -12.097 1.000 22.869  ? 62  SER A CA  1 
ATOM   494  C C   . SER A 1 61 ? -5.887  -4.380  -10.771 1.000 21.779  ? 62  SER A C   1 
ATOM   495  O O   . SER A 1 61 ? -6.467  -4.092  -9.728  1.000 21.747  ? 62  SER A O   1 
ATOM   496  C CB  . SER A 1 61 ? -6.195  -3.379  -13.077 1.000 20.855  ? 62  SER A CB  1 
ATOM   497  O OG  . SER A 1 61 ? -6.342  -2.092  -12.527 1.000 22.221  ? 62  SER A OG  1 
ATOM   498  N N   . PHE A 1 62 ? -4.584  -4.637  -10.811 1.000 25.514  ? 63  PHE A N   1 
ATOM   499  C CA  . PHE A 1 62 ? -3.798  -4.731  -9.585  1.000 24.827  ? 63  PHE A CA  1 
ATOM   500  C C   . PHE A 1 62 ? -2.522  -3.925  -9.662  1.000 24.108  ? 63  PHE A C   1 
ATOM   501  O O   . PHE A 1 62 ? -2.100  -3.526  -10.741 1.000 25.864  ? 63  PHE A O   1 
ATOM   502  C CB  . PHE A 1 62 ? -3.428  -6.192  -9.298  1.000 25.390  ? 63  PHE A CB  1 
ATOM   503  C CG  . PHE A 1 62 ? -4.607  -7.075  -9.047  1.000 25.237  ? 63  PHE A CG  1 
ATOM   504  C CD1 . PHE A 1 62 ? -5.030  -7.342  -7.752  1.000 24.106  ? 63  PHE A CD1 1 
ATOM   505  C CD2 . PHE A 1 62 ? -5.299  -7.643  -10.105 1.000 26.795  ? 63  PHE A CD2 1 
ATOM   506  C CE1 . PHE A 1 62 ? -6.120  -8.159  -7.520  1.000 27.982  ? 63  PHE A CE1 1 
ATOM   507  C CE2 . PHE A 1 62 ? -6.387  -8.462  -9.874  1.000 27.206  ? 63  PHE A CE2 1 
ATOM   508  C CZ  . PHE A 1 62 ? -6.798  -8.715  -8.580  1.000 31.556  ? 63  PHE A CZ  1 
ATOM   509  N N   . LYS A 1 63 ? -1.898  -3.717  -8.504  1.000 20.450  ? 64  LYS A N   1 
ATOM   510  C CA  . LYS A 1 63 ? -0.592  -3.065  -8.430  1.000 19.460  ? 64  LYS A CA  1 
ATOM   511  C C   . LYS A 1 63 ? 0.319   -3.803  -7.464  1.000 18.310  ? 64  LYS A C   1 
ATOM   512  O O   . LYS A 1 63 ? -0.136  -4.373  -6.481  1.000 18.255  ? 64  LYS A O   1 
ATOM   513  C CB  . LYS A 1 63 ? -0.713  -1.597  -7.981  1.000 18.915  ? 64  LYS A CB  1 
ATOM   514  C CG  . LYS A 1 63 ? -1.886  -0.861  -8.569  1.000 20.134  ? 64  LYS A CG  1 
ATOM   515  C CD  . LYS A 1 63 ? -1.760  0.642   -8.359  1.000 27.674  ? 64  LYS A CD  1 
ATOM   516  C CE  . LYS A 1 63 ? -1.302  0.961   -6.951  1.000 31.309  ? 64  LYS A CE  1 
ATOM   517  N NZ  . LYS A 1 63 ? -1.526  2.395   -6.620  1.000 41.252  ? 64  LYS A NZ  1 
ATOM   518  N N   . LEU A 1 64 ? 1.616   -3.767  -7.744  1.000 21.516  ? 65  LEU A N   1 
ATOM   519  C CA  . LEU A 1 64 ? 2.597   -4.414  -6.890  1.000 20.760  ? 65  LEU A CA  1 
ATOM   520  C C   . LEU A 1 64 ? 3.964   -3.792  -7.155  1.000 19.215  ? 65  LEU A C   1 
ATOM   521  O O   . LEU A 1 64 ? 4.277   -3.410  -8.275  1.000 19.842  ? 65  LEU A O   1 
ATOM   522  C CB  . LEU A 1 64 ? 2.625   -5.926  -7.160  1.000 21.289  ? 65  LEU A CB  1 
ATOM   523  C CG  . LEU A 1 64 ? 3.555   -6.827  -6.342  1.000 21.658  ? 65  LEU A CG  1 
ATOM   524  C CD1 . LEU A 1 64 ? 3.002   -7.051  -4.939  1.000 22.866  ? 65  LEU A CD1 1 
ATOM   525  C CD2 . LEU A 1 64 ? 3.777   -8.169  -7.052  1.000 23.769  ? 65  LEU A CD2 1 
ATOM   526  N N   . THR A 1 65 ? 4.773   -3.701  -6.109  1.000 17.992  ? 66  THR A N   1 
ATOM   527  C CA  . THR A 1 65 ? 6.090   -3.098  -6.195  1.000 18.226  ? 66  THR A CA  1 
ATOM   528  C C   . THR A 1 65 ? 7.068   -4.032  -5.516  1.000 19.060  ? 66  THR A C   1 
ATOM   529  O O   . THR A 1 65 ? 6.747   -4.607  -4.483  1.000 19.521  ? 66  THR A O   1 
ATOM   530  C CB  . THR A 1 65 ? 6.098   -1.720  -5.469  1.000 16.765  ? 66  THR A CB  1 
ATOM   531  O OG1 . THR A 1 65 ? 5.028   -0.919  -5.973  1.000 19.313  ? 66  THR A OG1 1 
ATOM   532  C CG2 . THR A 1 65 ? 7.403   -0.991  -5.682  1.000 15.618  ? 66  THR A CG2 1 
ATOM   533  N N   . ARG A 1 66 ? 8.248   -4.208  -6.107  1.000 20.347  ? 67  ARG A N   1 
ATOM   534  C CA  . ARG A 1 66 ? 9.360   -4.903  -5.439  1.000 20.287  ? 67  ARG A CA  1 
ATOM   535  C C   . ARG A 1 66 ? 10.512  -3.934  -5.376  1.000 19.721  ? 67  ARG A C   1 
ATOM   536  O O   . ARG A 1 66 ? 10.775  -3.220  -6.337  1.000 20.200  ? 67  ARG A O   1 
ATOM   537  C CB  . ARG A 1 66 ? 9.808   -6.184  -6.171  1.000 19.842  ? 67  ARG A CB  1 
ATOM   538  C CG  . ARG A 1 66 ? 10.935  -6.923  -5.438  1.000 20.613  ? 67  ARG A CG  1 
ATOM   539  C CD  . ARG A 1 66 ? 11.203  -8.352  -5.941  1.000 26.029  ? 67  ARG A CD  1 
ATOM   540  N NE  . ARG A 1 66 ? 10.044  -9.234  -5.811  1.000 27.003  ? 67  ARG A NE  1 
ATOM   541  C CZ  . ARG A 1 66 ? 9.834   -10.074 -4.798  1.000 30.248  ? 67  ARG A CZ  1 
ATOM   542  N NH1 . ARG A 1 66 ? 10.704  -10.165 -3.800  1.000 27.866  ? 67  ARG A NH1 1 
ATOM   543  N NH2 . ARG A 1 66 ? 8.748   -10.829 -4.782  1.000 22.521  ? 67  ARG A NH2 1 
ATOM   544  N N   . TYR A 1 67 ? 11.197  -3.905  -4.239  1.000 18.634  ? 68  TYR A N   1 
ATOM   545  C CA  . TYR A 1 67 ? 12.253  -2.928  -4.038  1.000 19.566  ? 68  TYR A CA  1 
ATOM   546  C C   . TYR A 1 67 ? 13.316  -3.441  -3.088  1.000 21.116  ? 68  TYR A C   1 
ATOM   547  O O   . TYR A 1 67 ? 13.107  -4.414  -2.366  1.000 21.453  ? 68  TYR A O   1 
ATOM   548  C CB  . TYR A 1 67 ? 11.668  -1.614  -3.511  1.000 19.065  ? 68  TYR A CB  1 
ATOM   549  C CG  . TYR A 1 67 ? 10.901  -1.763  -2.224  1.000 20.421  ? 68  TYR A CG  1 
ATOM   550  C CD1 . TYR A 1 67 ? 11.520  -1.559  -0.996  1.000 22.803  ? 68  TYR A CD1 1 
ATOM   551  C CD2 . TYR A 1 67 ? 9.560   -2.097  -2.231  1.000 20.608  ? 68  TYR A CD2 1 
ATOM   552  C CE1 . TYR A 1 67 ? 10.815  -1.691  0.192   1.000 21.408  ? 68  TYR A CE1 1 
ATOM   553  C CE2 . TYR A 1 67 ? 8.855   -2.237  -1.056  1.000 23.234  ? 68  TYR A CE2 1 
ATOM   554  C CZ  . TYR A 1 67 ? 9.485   -2.029  0.152   1.000 23.858  ? 68  TYR A CZ  1 
ATOM   555  O OH  . TYR A 1 67 ? 8.781   -2.158  1.327   1.000 37.147  ? 68  TYR A OH  1 
ATOM   556  N N   . VAL A 1 68 ? 14.462  -2.776  -3.089  1.000 19.402  ? 69  VAL A N   1 
ATOM   557  C CA  . VAL A 1 68 ? 15.542  -3.150  -2.191  1.000 19.947  ? 69  VAL A CA  1 
ATOM   558  C C   . VAL A 1 68 ? 16.467  -1.951  -2.019  1.000 21.181  ? 69  VAL A C   1 
ATOM   559  O O   . VAL A 1 68 ? 16.607  -1.141  -2.927  1.000 21.613  ? 69  VAL A O   1 
ATOM   560  C CB  . VAL A 1 68 ? 16.344  -4.350  -2.758  1.000 21.966  ? 69  VAL A CB  1 
ATOM   561  C CG1 . VAL A 1 68 ? 16.991  -3.974  -4.092  1.000 16.915  ? 69  VAL A CG1 1 
ATOM   562  C CG2 . VAL A 1 68 ? 17.401  -4.841  -1.746  1.000 19.031  ? 69  VAL A CG2 1 
ATOM   563  N N   . GLU A 1 69 ? 17.081  -1.827  -0.854  1.000 26.664  ? 70  GLU A N   1 
ATOM   564  C CA  . GLU A 1 69 ? 18.172  -0.888  -0.683  1.000 28.348  ? 70  GLU A CA  1 
ATOM   565  C C   . GLU A 1 69 ? 19.388  -1.415  -1.439  1.000 29.519  ? 70  GLU A C   1 
ATOM   566  O O   . GLU A 1 69 ? 19.630  -2.621  -1.486  1.000 29.748  ? 70  GLU A O   1 
ATOM   567  C CB  . GLU A 1 69 ? 18.503  -0.721  0.796   1.000 29.285  ? 70  GLU A CB  1 
ATOM   568  C CG  . GLU A 1 69 ? 17.329  -0.200  1.632   1.000 38.241  ? 70  GLU A CG  1 
ATOM   569  C CD  . GLU A 1 69 ? 17.676  -0.044  3.104   1.000 49.888  ? 70  GLU A CD  1 
ATOM   570  O OE1 . GLU A 1 69 ? 17.500  1.073   3.644   1.000 54.030  ? 70  GLU A OE1 1 
ATOM   571  O OE2 . GLU A 1 69 ? 18.126  -1.035  3.721   1.000 54.549  ? 70  GLU A OE2 1 
ATOM   572  N N   . PHE A 1 70 ? 20.148  -0.514  -2.043  1.000 23.455  ? 71  PHE A N   1 
ATOM   573  C CA  . PHE A 1 70 ? 21.352  -0.913  -2.750  1.000 23.750  ? 71  PHE A CA  1 
ATOM   574  C C   . PHE A 1 70 ? 22.274  0.280   -2.871  1.000 24.595  ? 71  PHE A C   1 
ATOM   575  O O   . PHE A 1 70 ? 21.900  1.408   -2.528  1.000 24.287  ? 71  PHE A O   1 
ATOM   576  C CB  . PHE A 1 70 ? 21.011  -1.507  -4.124  1.000 22.437  ? 71  PHE A CB  1 
ATOM   577  C CG  . PHE A 1 70 ? 20.745  -0.488  -5.207  1.000 23.169  ? 71  PHE A CG  1 
ATOM   578  C CD1 . PHE A 1 70 ? 19.768  0.497   -5.050  1.000 16.949  ? 71  PHE A CD1 1 
ATOM   579  C CD2 . PHE A 1 70 ? 21.445  -0.546  -6.407  1.000 20.879  ? 71  PHE A CD2 1 
ATOM   580  C CE1 . PHE A 1 70 ? 19.533  1.430   -6.055  1.000 13.636  ? 71  PHE A CE1 1 
ATOM   581  C CE2 . PHE A 1 70 ? 21.208  0.369   -7.418  1.000 20.976  ? 71  PHE A CE2 1 
ATOM   582  C CZ  . PHE A 1 70 ? 20.245  1.363   -7.242  1.000 17.921  ? 71  PHE A CZ  1 
ATOM   583  N N   . THR A 1 71 ? 23.486  0.028   -3.342  1.000 24.777  ? 72  THR A N   1 
ATOM   584  C CA  . THR A 1 71 ? 24.436  1.092   -3.605  1.000 25.658  ? 72  THR A CA  1 
ATOM   585  C C   . THR A 1 71 ? 24.931  0.975   -5.037  1.000 27.114  ? 72  THR A C   1 
ATOM   586  O O   . THR A 1 71 ? 25.743  0.102   -5.353  1.000 28.903  ? 72  THR A O   1 
ATOM   587  C CB  . THR A 1 71 ? 25.621  1.040   -2.644  1.000 26.179  ? 72  THR A CB  1 
ATOM   588  O OG1 . THR A 1 71 ? 25.139  1.120   -1.299  1.000 29.569  ? 72  THR A OG1 1 
ATOM   589  C CG2 . THR A 1 71 ? 26.579  2.195   -2.914  1.000 26.093  ? 72  THR A CG2 1 
ATOM   590  N N   . PRO A 1 72 ? 24.431  1.857   -5.913  1.000 25.911  ? 73  PRO A N   1 
ATOM   591  C CA  . PRO A 1 72 ? 24.803  1.811   -7.326  1.000 27.335  ? 73  PRO A CA  1 
ATOM   592  C C   . PRO A 1 72 ? 26.317  1.975   -7.509  1.000 29.856  ? 73  PRO A C   1 
ATOM   593  O O   . PRO A 1 72 ? 26.961  2.759   -6.801  1.000 29.727  ? 73  PRO A O   1 
ATOM   594  C CB  . PRO A 1 72 ? 24.045  3.003   -7.929  1.000 26.590  ? 73  PRO A CB  1 
ATOM   595  C CG  . PRO A 1 72 ? 23.745  3.900   -6.756  1.000 27.187  ? 73  PRO A CG  1 
ATOM   596  C CD  . PRO A 1 72 ? 23.513  2.970   -5.617  1.000 26.116  ? 73  PRO A CD  1 
ATOM   597  N N   . GLN A 1 73 ? 26.873  1.236   -8.460  1.000 30.914  ? 74  GLN A N   1 
ATOM   598  C CA  . GLN A 1 73 ? 28.298  1.299   -8.734  1.000 33.333  ? 74  GLN A CA  1 
ATOM   599  C C   . GLN A 1 73 ? 28.553  1.222   -10.239 1.000 33.617  ? 74  GLN A C   1 
ATOM   600  O O   . GLN A 1 73 ? 27.728  0.708   -10.999 1.000 32.646  ? 74  GLN A O   1 
ATOM   601  C CB  . GLN A 1 73 ? 29.042  0.183   -7.997  1.000 33.151  ? 74  GLN A CB  1 
ATOM   602  C CG  . GLN A 1 73 ? 28.528  -1.201  -8.307  1.000 35.933  ? 74  GLN A CG  1 
ATOM   603  C CD  . GLN A 1 73 ? 29.243  -2.274  -7.514  1.000 40.281  ? 74  GLN A CD  1 
ATOM   604  O OE1 . GLN A 1 73 ? 30.449  -2.468  -7.663  1.000 42.176  ? 74  GLN A OE1 1 
ATOM   605  N NE2 . GLN A 1 73 ? 28.501  -2.979  -6.665  1.000 38.570  ? 74  GLN A NE2 1 
ATOM   606  N N   . SER A 1 74 ? 29.694  1.742   -10.669 1.000 37.094  ? 75  SER A N   1 
ATOM   607  C CA  . SER A 1 74 ? 29.944  1.888   -12.087 1.000 39.247  ? 75  SER A CA  1 
ATOM   608  C C   . SER A 1 74 ? 29.948  0.541   -12.810 1.000 39.149  ? 75  SER A C   1 
ATOM   609  O O   . SER A 1 74 ? 30.360  -0.486  -12.248 1.000 40.060  ? 75  SER A O   1 
ATOM   610  C CB  . SER A 1 74 ? 31.259  2.625   -12.315 1.000 39.686  ? 75  SER A CB  1 
ATOM   611  O OG  . SER A 1 74 ? 32.345  1.887   -11.792 1.000 48.495  ? 75  SER A OG  1 
ATOM   612  N N   . GLY A 1 75 ? 29.480  0.558   -14.054 1.000 50.711  ? 76  GLY A N   1 
ATOM   613  C CA  . GLY A 1 75 ? 29.526  -0.608  -14.911 1.000 52.367  ? 76  GLY A CA  1 
ATOM   614  C C   . GLY A 1 75 ? 28.312  -1.503  -14.786 1.000 52.646  ? 76  GLY A C   1 
ATOM   615  O O   . GLY A 1 75 ? 28.080  -2.367  -15.635 1.000 55.301  ? 76  GLY A O   1 
ATOM   616  N N   . TYR A 1 76 ? 27.530  -1.297  -13.731 1.000 37.357  ? 77  TYR A N   1 
ATOM   617  C CA  . TYR A 1 76 ? 26.401  -2.176  -13.455 1.000 34.886  ? 77  TYR A CA  1 
ATOM   618  C C   . TYR A 1 76 ? 25.146  -1.770  -14.181 1.000 34.057  ? 77  TYR A C   1 
ATOM   619  O O   . TYR A 1 76 ? 24.867  -0.588  -14.358 1.000 33.530  ? 77  TYR A O   1 
ATOM   620  C CB  . TYR A 1 76 ? 26.115  -2.249  -11.961 1.000 33.707  ? 77  TYR A CB  1 
ATOM   621  C CG  . TYR A 1 76 ? 27.088  -3.109  -11.209 1.000 32.775  ? 77  TYR A CG  1 
ATOM   622  C CD1 . TYR A 1 76 ? 28.424  -3.161  -11.576 1.000 35.896  ? 77  TYR A CD1 1 
ATOM   623  C CD2 . TYR A 1 76 ? 26.678  -3.861  -10.126 1.000 31.533  ? 77  TYR A CD2 1 
ATOM   624  C CE1 . TYR A 1 76 ? 29.318  -3.938  -10.885 1.000 37.062  ? 77  TYR A CE1 1 
ATOM   625  C CE2 . TYR A 1 76 ? 27.562  -4.637  -9.426  1.000 36.439  ? 77  TYR A CE2 1 
ATOM   626  C CZ  . TYR A 1 76 ? 28.882  -4.674  -9.808  1.000 40.063  ? 77  TYR A CZ  1 
ATOM   627  O OH  . TYR A 1 76 ? 29.770  -5.463  -9.111  1.000 45.487  ? 77  TYR A OH  1 
ATOM   628  N N   . LYS A 1 77 ? 24.381  -2.774  -14.580 1.000 35.349  ? 78  LYS A N   1 
ATOM   629  C CA  . LYS A 1 77 ? 23.105  -2.565  -15.231 1.000 34.475  ? 78  LYS A CA  1 
ATOM   630  C C   . LYS A 1 77 ? 22.026  -3.103  -14.304 1.000 32.056  ? 78  LYS A C   1 
ATOM   631  O O   . LYS A 1 77 ? 22.094  -4.242  -13.839 1.000 31.730  ? 78  LYS A O   1 
ATOM   632  C CB  . LYS A 1 77 ? 23.086  -3.296  -16.569 1.000 37.004  ? 78  LYS A CB  1 
ATOM   633  C CG  . LYS A 1 77 ? 21.871  -3.052  -17.457 1.000 42.858  ? 78  LYS A CG  1 
ATOM   634  C CD  . LYS A 1 77 ? 21.951  -4.024  -18.638 1.000 55.604  ? 78  LYS A CD  1 
ATOM   635  C CE  . LYS A 1 77 ? 20.955  -3.732  -19.749 1.000 60.586  ? 78  LYS A CE  1 
ATOM   636  N NZ  . LYS A 1 77 ? 21.038  -4.766  -20.853 1.000 64.071  ? 78  LYS A NZ  1 
ATOM   637  N N   . TYR A 1 78 ? 21.042  -2.262  -14.015 1.000 26.469  ? 79  TYR A N   1 
ATOM   638  C CA  . TYR A 1 78 ? 19.940  -2.644  -13.160 1.000 24.890  ? 79  TYR A CA  1 
ATOM   639  C C   . TYR A 1 78 ? 18.672  -2.704  -13.988 1.000 24.137  ? 79  TYR A C   1 
ATOM   640  O O   . TYR A 1 78 ? 18.388  -1.809  -14.802 1.000 23.369  ? 79  TYR A O   1 
ATOM   641  C CB  . TYR A 1 78 ? 19.797  -1.669  -11.990 1.000 23.837  ? 79  TYR A CB  1 
ATOM   642  C CG  . TYR A 1 78 ? 21.095  -1.458  -11.247 1.000 24.553  ? 79  TYR A CG  1 
ATOM   643  C CD1 . TYR A 1 78 ? 21.504  -2.344  -10.248 1.000 23.956  ? 79  TYR A CD1 1 
ATOM   644  C CD2 . TYR A 1 78 ? 21.931  -0.392  -11.563 1.000 28.017  ? 79  TYR A CD2 1 
ATOM   645  C CE1 . TYR A 1 78 ? 22.707  -2.169  -9.583  1.000 23.819  ? 79  TYR A CE1 1 
ATOM   646  C CE2 . TYR A 1 78 ? 23.125  -0.201  -10.901 1.000 28.503  ? 79  TYR A CE2 1 
ATOM   647  C CZ  . TYR A 1 78 ? 23.511  -1.084  -9.912  1.000 28.295  ? 79  TYR A CZ  1 
ATOM   648  O OH  . TYR A 1 78 ? 24.704  -0.884  -9.260  1.000 28.848  ? 79  TYR A OH  1 
ATOM   649  N N   . SER A 1 79 ? 17.922  -3.779  -13.788 1.000 23.474  ? 80  SER A N   1 
ATOM   650  C CA  . SER A 1 79 ? 16.688  -3.993  -14.520 1.000 22.455  ? 80  SER A CA  1 
ATOM   651  C C   . SER A 1 79 ? 15.706  -4.813  -13.687 1.000 21.105  ? 80  SER A C   1 
ATOM   652  O O   . SER A 1 79 ? 16.018  -5.256  -12.585 1.000 21.934  ? 80  SER A O   1 
ATOM   653  C CB  . SER A 1 79 ? 16.977  -4.691  -15.844 1.000 23.637  ? 80  SER A CB  1 
ATOM   654  O OG  . SER A 1 79 ? 17.445  -6.014  -15.631 1.000 25.593  ? 80  SER A OG  1 
ATOM   655  N N   . CYS A 1 80 ? 14.508  -4.988  -14.221 1.000 24.840  ? 81  CYS A N   1 
ATOM   656  C CA  . CYS A 1 80 ? 13.493  -5.808  -13.586 1.000 25.148  ? 81  CYS A CA  1 
ATOM   657  C C   . CYS A 1 80 ? 12.947  -6.795  -14.606 1.000 26.027  ? 81  CYS A C   1 
ATOM   658  O O   . CYS A 1 80 ? 12.569  -6.405  -15.716 1.000 25.750  ? 81  CYS A O   1 
ATOM   659  C CB  . CYS A 1 80 ? 12.356  -4.942  -13.028 1.000 23.429  ? 81  CYS A CB  1 
ATOM   660  S SG  . CYS A 1 80 ? 11.166  -5.873  -12.040 1.000 30.214  ? 81  CYS A SG  1 
ATOM   661  N N   . MET A 1 81 ? 12.925  -8.072  -14.229 1.000 20.518  ? 82  MET A N   1 
ATOM   662  C CA  . MET A 1 81 ? 12.309  -9.116  -15.039 1.000 21.287  ? 82  MET A CA  1 
ATOM   663  C C   . MET A 1 81 ? 10.878  -9.286  -14.566 1.000 19.755  ? 82  MET A C   1 
ATOM   664  O O   . MET A 1 81 ? 10.636  -9.510  -13.389 1.000 19.358  ? 82  MET A O   1 
ATOM   665  C CB  . MET A 1 81 ? 13.071  -10.433 -14.875 1.000 22.290  ? 82  MET A CB  1 
ATOM   666  C CG  . MET A 1 81 ? 12.723  -11.503 -15.899 1.000 29.733  ? 82  MET A CG  1 
ATOM   667  S SD  . MET A 1 81 ? 13.170  -11.019 -17.581 1.000 38.181  ? 82  MET A SD  1 
ATOM   668  C CE  . MET A 1 81 ? 14.906  -10.656 -17.395 1.000 42.429  ? 82  MET A CE  1 
ATOM   669  N N   . VAL A 1 82 ? 9.925   -9.166  -15.480 1.000 25.995  ? 83  VAL A N   1 
ATOM   670  C CA  . VAL A 1 82 ? 8.510   -9.237  -15.127 1.000 27.119  ? 83  VAL A CA  1 
ATOM   671  C C   . VAL A 1 82 ? 7.816   -10.366 -15.864 1.000 28.177  ? 83  VAL A C   1 
ATOM   672  O O   . VAL A 1 82 ? 7.784   -10.386 -17.085 1.000 28.227  ? 83  VAL A O   1 
ATOM   673  C CB  . VAL A 1 82 ? 7.770   -7.920  -15.465 1.000 27.343  ? 83  VAL A CB  1 
ATOM   674  C CG1 . VAL A 1 82 ? 6.258   -8.077  -15.216 1.000 26.393  ? 83  VAL A CG1 1 
ATOM   675  C CG2 . VAL A 1 82 ? 8.367   -6.754  -14.668 1.000 27.988  ? 83  VAL A CG2 1 
ATOM   676  N N   . THR A 1 83 ? 7.251   -11.300 -15.115 1.000 24.358  ? 84  THR A N   1 
ATOM   677  C CA  . THR A 1 83 ? 6.568   -12.422 -15.724 1.000 25.582  ? 84  THR A CA  1 
ATOM   678  C C   . THR A 1 83 ? 5.078   -12.321 -15.474 1.000 26.172  ? 84  THR A C   1 
ATOM   679  O O   . THR A 1 83 ? 4.631   -12.344 -14.332 1.000 26.003  ? 84  THR A O   1 
ATOM   680  C CB  . THR A 1 83 ? 7.095   -13.760 -15.183 1.000 26.780  ? 84  THR A CB  1 
ATOM   681  O OG1 . THR A 1 83 ? 8.515   -13.804 -15.346 1.000 31.264  ? 84  THR A OG1 1 
ATOM   682  C CG2 . THR A 1 83 ? 6.459   -14.927 -15.937 1.000 25.235  ? 84  THR A CG2 1 
ATOM   683  N N   . HIS A 1 84 ? 4.307   -12.210 -16.549 1.000 28.532  ? 85  HIS A N   1 
ATOM   684  C CA  . HIS A 1 84 ? 2.863   -12.172 -16.427 1.000 30.401  ? 85  HIS A CA  1 
ATOM   685  C C   . HIS A 1 84 ? 2.222   -12.992 -17.531 1.000 31.751  ? 85  HIS A C   1 
ATOM   686  O O   . HIS A 1 84 ? 2.619   -12.897 -18.690 1.000 31.867  ? 85  HIS A O   1 
ATOM   687  C CB  . HIS A 1 84 ? 2.342   -10.732 -16.473 1.000 29.819  ? 85  HIS A CB  1 
ATOM   688  C CG  . HIS A 1 84 ? 0.876   -10.617 -16.186 1.000 27.685  ? 85  HIS A CG  1 
ATOM   689  N ND1 . HIS A 1 84 ? -0.057  -10.324 -17.161 1.000 27.885  ? 85  HIS A ND1 1 
ATOM   690  C CD2 . HIS A 1 84 ? 0.176   -10.784 -15.040 1.000 26.990  ? 85  HIS A CD2 1 
ATOM   691  C CE1 . HIS A 1 84 ? -1.260  -10.292 -16.623 1.000 29.846  ? 85  HIS A CE1 1 
ATOM   692  N NE2 . HIS A 1 84 ? -1.149  -10.573 -15.332 1.000 32.464  ? 85  HIS A NE2 1 
ATOM   693  N N   . ASN A 1 85 ? 1.217   -13.781 -17.170 1.000 40.686  ? 86  ASN A N   1 
ATOM   694  C CA  . ASN A 1 85 ? 0.496   -14.586 -18.152 1.000 44.368  ? 86  ASN A CA  1 
ATOM   695  C C   . ASN A 1 85 ? 1.428   -15.528 -18.933 1.000 46.632  ? 86  ASN A C   1 
ATOM   696  O O   . ASN A 1 85 ? 1.176   -15.837 -20.098 1.000 47.487  ? 86  ASN A O   1 
ATOM   697  C CB  . ASN A 1 85 ? -0.273  -13.672 -19.116 1.000 44.074  ? 86  ASN A CB  1 
ATOM   698  C CG  . ASN A 1 85 ? -1.284  -14.426 -19.957 1.000 46.084  ? 86  ASN A CG  1 
ATOM   699  O OD1 . ASN A 1 85 ? -1.844  -15.425 -19.517 1.000 48.743  ? 86  ASN A OD1 1 
ATOM   700  N ND2 . ASN A 1 85 ? -1.527  -13.943 -21.171 1.000 46.766  ? 86  ASN A ND2 1 
ATOM   701  N N   . GLY A 1 86 ? 2.509   -15.965 -18.292 1.000 43.942  ? 87  GLY A N   1 
ATOM   702  C CA  . GLY A 1 86 ? 3.447   -16.874 -18.924 1.000 46.100  ? 87  GLY A CA  1 
ATOM   703  C C   . GLY A 1 86 ? 4.479   -16.195 -19.807 1.000 47.024  ? 87  GLY A C   1 
ATOM   704  O O   . GLY A 1 86 ? 5.340   -16.855 -20.386 1.000 48.003  ? 87  GLY A O   1 
ATOM   705  N N   . ASP A 1 87 ? 4.398   -14.876 -19.919 1.000 42.516  ? 88  ASP A N   1 
ATOM   706  C CA  . ASP A 1 87 ? 5.360   -14.137 -20.728 1.000 43.274  ? 88  ASP A CA  1 
ATOM   707  C C   . ASP A 1 87 ? 6.314   -13.336 -19.854 1.000 41.065  ? 88  ASP A C   1 
ATOM   708  O O   . ASP A 1 87 ? 5.932   -12.822 -18.809 1.000 39.644  ? 88  ASP A O   1 
ATOM   709  C CB  . ASP A 1 87 ? 4.638   -13.204 -21.696 1.000 44.640  ? 88  ASP A CB  1 
ATOM   710  C CG  . ASP A 1 87 ? 3.774   -13.953 -22.689 1.000 51.093  ? 88  ASP A CG  1 
ATOM   711  O OD1 . ASP A 1 87 ? 4.193   -15.044 -23.136 1.000 54.385  ? 88  ASP A OD1 1 
ATOM   712  O OD2 . ASP A 1 87 ? 2.681   -13.440 -23.025 1.000 55.575  ? 88  ASP A OD2 1 
ATOM   713  N N   . SER A 1 88 ? 7.559   -13.228 -20.289 1.000 40.184  ? 89  SER A N   1 
ATOM   714  C CA  . SER A 1 88 ? 8.548   -12.488 -19.527 1.000 38.194  ? 89  SER A CA  1 
ATOM   715  C C   . SER A 1 88 ? 9.088   -11.298 -20.302 1.000 36.473  ? 89  SER A C   1 
ATOM   716  O O   . SER A 1 88 ? 9.364   -11.376 -21.509 1.000 36.512  ? 89  SER A O   1 
ATOM   717  C CB  . SER A 1 88 ? 9.689   -13.400 -19.085 1.000 38.399  ? 89  SER A CB  1 
ATOM   718  O OG  . SER A 1 88 ? 9.310   -14.171 -17.961 1.000 38.544  ? 89  SER A OG  1 
ATOM   719  N N   . LYS A 1 89 ? 9.238   -10.192 -19.587 1.000 36.289  ? 90  LYS A N   1 
ATOM   720  C CA  . LYS A 1 89 ? 9.751   -8.968  -20.169 1.000 34.412  ? 90  LYS A CA  1 
ATOM   721  C C   . LYS A 1 89 ? 10.809  -8.416  -19.232 1.000 31.298  ? 90  LYS A C   1 
ATOM   722  O O   . LYS A 1 89 ? 10.641  -8.443  -18.015 1.000 29.754  ? 90  LYS A O   1 
ATOM   723  C CB  . LYS A 1 89 ? 8.605   -7.964  -20.346 1.000 34.794  ? 90  LYS A CB  1 
ATOM   724  C CG  . LYS A 1 89 ? 8.642   -7.163  -21.634 1.000 40.155  ? 90  LYS A CG  1 
ATOM   725  C CD  . LYS A 1 89 ? 9.569   -5.954  -21.506 1.000 46.582  ? 90  LYS A CD  1 
ATOM   726  C CE  . LYS A 1 89 ? 9.527   -5.060  -22.743 1.000 48.214  ? 90  LYS A CE  1 
ATOM   727  N NZ  . LYS A 1 89 ? 10.193  -5.689  -23.927 1.000 50.388  ? 90  LYS A NZ  1 
ATOM   728  N N   . GLU A 1 90 ? 11.908  -7.932  -19.797 1.000 25.429  ? 91  GLU A N   1 
ATOM   729  C CA  . GLU A 1 90 ? 12.913  -7.244  -19.007 1.000 25.314  ? 91  GLU A CA  1 
ATOM   730  C C   . GLU A 1 90 ? 12.750  -5.731  -19.168 1.000 23.540  ? 91  GLU A C   1 
ATOM   731  O O   . GLU A 1 90 ? 12.639  -5.234  -20.282 1.000 21.353  ? 91  GLU A O   1 
ATOM   732  C CB  . GLU A 1 90 ? 14.332  -7.669  -19.409 1.000 26.614  ? 91  GLU A CB  1 
ATOM   733  C CG  . GLU A 1 90 ? 15.389  -7.087  -18.481 1.000 30.269  ? 91  GLU A CG  1 
ATOM   734  C CD  . GLU A 1 90 ? 16.812  -7.430  -18.864 1.000 38.310  ? 91  GLU A CD  1 
ATOM   735  O OE1 . GLU A 1 90 ? 17.718  -7.086  -18.076 1.000 44.342  ? 91  GLU A OE1 1 
ATOM   736  O OE2 . GLU A 1 90 ? 17.034  -8.024  -19.938 1.000 34.341  ? 91  GLU A OE2 1 
ATOM   737  N N   . ILE A 1 91 ? 12.750  -5.007  -18.057 1.000 24.495  ? 92  ILE A N   1 
ATOM   738  C CA  . ILE A 1 91 ? 12.584  -3.552  -18.084 1.000 26.308  ? 92  ILE A CA  1 
ATOM   739  C C   . ILE A 1 91 ? 13.803  -2.851  -17.507 1.000 26.835  ? 92  ILE A C   1 
ATOM   740  O O   . ILE A 1 91 ? 14.224  -3.138  -16.386 1.000 26.282  ? 92  ILE A O   1 
ATOM   741  C CB  . ILE A 1 91 ? 11.359  -3.101  -17.261 1.000 25.822  ? 92  ILE A CB  1 
ATOM   742  C CG1 . ILE A 1 91 ? 10.138  -3.968  -17.581 1.000 27.448  ? 92  ILE A CG1 1 
ATOM   743  C CG2 . ILE A 1 91 ? 11.065  -1.611  -17.504 1.000 26.690  ? 92  ILE A CG2 1 
ATOM   744  C CD1 . ILE A 1 91 ? 9.618   -3.758  -18.973 1.000 30.759  ? 92  ILE A CD1 1 
ATOM   745  N N   . GLN A 1 92 ? 14.357  -1.919  -18.272 1.000 31.112  ? 93  GLN A N   1 
ATOM   746  C CA  . GLN A 1 92 ? 15.573  -1.221  -17.866 1.000 34.999  ? 93  GLN A CA  1 
ATOM   747  C C   . GLN A 1 92 ? 15.288  -0.039  -16.963 1.000 37.173  ? 93  GLN A C   1 
ATOM   748  O O   . GLN A 1 92 ? 14.276  0.646   -17.111 1.000 35.570  ? 93  GLN A O   1 
ATOM   749  C CB  . GLN A 1 92 ? 16.341  -0.727  -19.090 1.000 35.162  ? 93  GLN A CB  1 
ATOM   750  C CG  . GLN A 1 92 ? 16.623  -1.809  -20.078 1.000 35.257  ? 93  GLN A CG  1 
ATOM   751  C CD  . GLN A 1 92 ? 17.501  -2.888  -19.493 1.000 37.631  ? 93  GLN A CD  1 
ATOM   752  O OE1 . GLN A 1 92 ? 18.418  -2.601  -18.726 1.000 34.691  ? 93  GLN A OE1 1 
ATOM   753  N NE2 . GLN A 1 92 ? 17.233  -4.138  -19.860 1.000 32.928  ? 93  GLN A NE2 1 
ATOM   754  N N   . LEU A 1 93 ? 16.206  0.196   -16.035 1.000 35.641  ? 94  LEU A N   1 
ATOM   755  C CA  . LEU A 1 93 ? 16.178  1.383   -15.197 1.000 40.489  ? 94  LEU A CA  1 
ATOM   756  C C   . LEU A 1 93 ? 15.902  2.654   -16.016 1.000 44.534  ? 94  LEU A C   1 
ATOM   757  O O   . LEU A 1 93 ? 14.890  3.337   -15.796 1.000 45.713  ? 94  LEU A O   1 
ATOM   758  C CB  . LEU A 1 93 ? 17.505  1.493   -14.449 1.000 39.902  ? 94  LEU A CB  1 
ATOM   759  C CG  . LEU A 1 93 ? 17.642  2.484   -13.301 1.000 38.863  ? 94  LEU A CG  1 
ATOM   760  C CD1 . LEU A 1 93 ? 16.373  2.531   -12.471 1.000 35.367  ? 94  LEU A CD1 1 
ATOM   761  C CD2 . LEU A 1 93 ? 18.841  2.103   -12.452 1.000 39.805  ? 94  LEU A CD2 1 
ATOM   762  N N   . ASP A 1 94 ? 16.804  2.956   -16.951 1.000 69.014  ? 95  ASP A N   1 
ATOM   763  C CA  . ASP A 1 94 ? 16.687  4.117   -17.846 1.000 73.583  ? 95  ASP A CA  1 
ATOM   764  C C   . ASP A 1 94 ? 16.515  5.450   -17.117 1.000 75.435  ? 95  ASP A C   1 
ATOM   765  O O   . ASP A 1 94 ? 15.393  5.850   -16.794 1.000 75.443  ? 95  ASP A O   1 
ATOM   766  C CB  . ASP A 1 94 ? 15.558  3.918   -18.864 1.000 74.559  ? 95  ASP A CB  1 
ATOM   767  C CG  . ASP A 1 94 ? 16.075  3.737   -20.283 1.000 77.088  ? 95  ASP A CG  1 
ATOM   768  O OD1 . ASP A 1 94 ? 16.307  4.761   -20.969 1.000 79.044  ? 95  ASP A OD1 1 
ATOM   769  O OD2 . ASP A 1 94 ? 16.246  2.572   -20.709 1.000 79.154  ? 95  ASP A OD2 1 
ATOM   770  N N   . ARG A 1 95 ? 17.641  6.129   -16.895 1.000 73.117  ? 96  ARG A N   1 
ATOM   771  C CA  . ARG A 1 95 ? 17.718  7.377   -16.128 1.000 75.459  ? 96  ARG A CA  1 
ATOM   772  C C   . ARG A 1 95 ? 18.126  7.091   -14.685 1.000 76.757  ? 96  ARG A C   1 
ATOM   773  O O   . ARG A 1 95 ? 18.978  6.239   -14.428 1.000 76.986  ? 96  ARG A O   1 
ATOM   774  C CB  . ARG A 1 95 ? 16.407  8.174   -16.172 1.000 75.151  ? 96  ARG A CB  1 
ATOM   775  C CG  . ARG A 1 95 ? 16.482  9.552   -15.510 1.000 75.988  ? 96  ARG A CG  1 
ATOM   776  C CD  . ARG A 1 95 ? 15.100  10.174  -15.341 1.000 76.091  ? 96  ARG A CD  1 
ATOM   777  N NE  . ARG A 1 95 ? 14.336  9.523   -14.281 1.000 78.225  ? 96  ARG A NE  1 
ATOM   778  C CZ  . ARG A 1 95 ? 13.046  9.210   -14.362 1.000 79.525  ? 96  ARG A CZ  1 
ATOM   779  N NH1 . ARG A 1 95 ? 12.359  9.485   -15.462 1.000 77.825  ? 96  ARG A NH1 1 
ATOM   780  N NH2 . ARG A 1 95 ? 12.439  8.618   -13.343 1.000 78.641  ? 96  ARG A NH2 1 
ATOM   781  N N   . ALA B 1 1  ? -19.556 -16.645 3.102   1.000 73.277  ? 2   ALA B N   1 
ATOM   782  C CA  . ALA B 1 1  ? -18.191 -16.137 3.067   1.000 70.087  ? 2   ALA B CA  1 
ATOM   783  C C   . ALA B 1 1  ? -18.145 -14.655 3.436   1.000 68.037  ? 2   ALA B C   1 
ATOM   784  O O   . ALA B 1 1  ? -17.252 -13.924 3.001   1.000 67.366  ? 2   ALA B O   1 
ATOM   785  C CB  . ALA B 1 1  ? -17.564 -16.371 1.693   1.000 69.903  ? 2   ALA B CB  1 
ATOM   786  N N   . THR B 1 2  ? -19.113 -14.217 4.233   1.000 61.802  ? 3   THR B N   1 
ATOM   787  C CA  . THR B 1 2  ? -19.140 -12.838 4.707   1.000 58.707  ? 3   THR B CA  1 
ATOM   788  C C   . THR B 1 2  ? -18.273 -12.673 5.951   1.000 56.644  ? 3   THR B C   1 
ATOM   789  O O   . THR B 1 2  ? -18.376 -13.449 6.899   1.000 56.944  ? 3   THR B O   1 
ATOM   790  C CB  . THR B 1 2  ? -20.571 -12.364 5.005   1.000 59.412  ? 3   THR B CB  1 
ATOM   791  O OG1 . THR B 1 2  ? -21.341 -12.402 3.798   1.000 59.876  ? 3   THR B OG1 1 
ATOM   792  C CG2 . THR B 1 2  ? -20.561 -10.939 5.549   1.000 58.712  ? 3   THR B CG2 1 
ATOM   793  N N   . SER B 1 3  ? -17.416 -11.658 5.931   1.000 50.085  ? 4   SER B N   1 
ATOM   794  C CA  . SER B 1 3  ? -16.501 -11.384 7.034   1.000 48.032  ? 4   SER B CA  1 
ATOM   795  C C   . SER B 1 3  ? -16.564 -9.927  7.454   1.000 46.363  ? 4   SER B C   1 
ATOM   796  O O   . SER B 1 3  ? -16.288 -9.028  6.665   1.000 44.869  ? 4   SER B O   1 
ATOM   797  C CB  . SER B 1 3  ? -15.068 -11.732 6.638   1.000 47.595  ? 4   SER B CB  1 
ATOM   798  O OG  . SER B 1 3  ? -14.672 -12.953 7.219   1.000 48.769  ? 4   SER B OG  1 
ATOM   799  N N   . SER B 1 4  ? -16.922 -9.697  8.708   1.000 50.374  ? 5   SER B N   1 
ATOM   800  C CA  . SER B 1 4  ? -16.974 -8.349  9.226   1.000 49.293  ? 5   SER B CA  1 
ATOM   801  C C   . SER B 1 4  ? -15.579 -7.817  9.511   1.000 47.340  ? 5   SER B C   1 
ATOM   802  O O   . SER B 1 4  ? -14.667 -8.572  9.837   1.000 46.821  ? 5   SER B O   1 
ATOM   803  C CB  . SER B 1 4  ? -17.868 -8.282  10.463  1.000 50.685  ? 5   SER B CB  1 
ATOM   804  O OG  . SER B 1 4  ? -19.235 -8.346  10.074  1.000 53.385  ? 5   SER B OG  1 
ATOM   805  N N   . PRO B 1 5  ? -15.407 -6.503  9.372   1.000 44.816  ? 6   PRO B N   1 
ATOM   806  C CA  . PRO B 1 5  ? -14.072 -5.939  9.559   1.000 43.566  ? 6   PRO B CA  1 
ATOM   807  C C   . PRO B 1 5  ? -13.649 -5.984  11.024  1.000 43.961  ? 6   PRO B C   1 
ATOM   808  O O   . PRO B 1 5  ? -14.436 -5.615  11.905  1.000 43.655  ? 6   PRO B O   1 
ATOM   809  C CB  . PRO B 1 5  ? -14.236 -4.475  9.117   1.000 42.447  ? 6   PRO B CB  1 
ATOM   810  C CG  . PRO B 1 5  ? -15.594 -4.393  8.448   1.000 43.400  ? 6   PRO B CG  1 
ATOM   811  C CD  . PRO B 1 5  ? -16.413 -5.477  9.050   1.000 44.690  ? 6   PRO B CD  1 
ATOM   812  N N   . ASN B 1 6  ? -12.425 -6.444  11.275  1.000 45.837  ? 7   ASN B N   1 
ATOM   813  C CA  . ASN B 1 6  ? -11.758 -6.145  12.527  1.000 47.261  ? 7   ASN B CA  1 
ATOM   814  C C   . ASN B 1 6  ? -11.201 -4.729  12.440  1.000 46.779  ? 7   ASN B C   1 
ATOM   815  O O   . ASN B 1 6  ? -10.446 -4.411  11.526  1.000 45.274  ? 7   ASN B O   1 
ATOM   816  C CB  . ASN B 1 6  ? -10.646 -7.147  12.799  1.000 47.503  ? 7   ASN B CB  1 
ATOM   817  C CG  . ASN B 1 6  ? -11.182 -8.510  13.169  1.000 50.788  ? 7   ASN B CG  1 
ATOM   818  O OD1 . ASN B 1 6  ? -12.342 -8.642  13.570  1.000 51.698  ? 7   ASN B OD1 1 
ATOM   819  N ND2 . ASN B 1 6  ? -10.344 -9.537  13.039  1.000 53.333  ? 7   ASN B ND2 1 
ATOM   820  N N   . VAL B 1 7  ? -11.583 -3.879  13.387  1.000 45.126  ? 8   VAL B N   1 
ATOM   821  C CA  . VAL B 1 7  ? -11.278 -2.454  13.301  1.000 45.806  ? 8   VAL B CA  1 
ATOM   822  C C   . VAL B 1 7  ? -10.501 -1.911  14.500  1.000 46.935  ? 8   VAL B C   1 
ATOM   823  O O   . VAL B 1 7  ? -10.978 -1.958  15.633  1.000 47.650  ? 8   VAL B O   1 
ATOM   824  C CB  . VAL B 1 7  ? -12.567 -1.626  13.148  1.000 45.461  ? 8   VAL B CB  1 
ATOM   825  C CG1 . VAL B 1 7  ? -12.237 -0.148  13.035  1.000 45.105  ? 8   VAL B CG1 1 
ATOM   826  C CG2 . VAL B 1 7  ? -13.355 -2.102  11.936  1.000 44.695  ? 8   VAL B CG2 1 
ATOM   827  N N   . GLN B 1 8  ? -9.308  -1.382  14.234  1.000 50.611  ? 9   GLN B N   1 
ATOM   828  C CA  . GLN B 1 8  ? -8.512  -0.693  15.242  1.000 51.669  ? 9   GLN B CA  1 
ATOM   829  C C   . GLN B 1 8  ? -8.431  0.800   14.950  1.000 51.525  ? 9   GLN B C   1 
ATOM   830  O O   . GLN B 1 8  ? -8.153  1.210   13.824  1.000 50.588  ? 9   GLN B O   1 
ATOM   831  C CB  . GLN B 1 8  ? -7.107  -1.289  15.313  1.000 52.080  ? 9   GLN B CB  1 
ATOM   832  C CG  . GLN B 1 8  ? -6.993  -2.460  16.262  1.000 57.246  ? 9   GLN B CG  1 
ATOM   833  C CD  . GLN B 1 8  ? -6.115  -3.564  15.722  1.000 63.502  ? 9   GLN B CD  1 
ATOM   834  O OE1 . GLN B 1 8  ? -6.170  -4.703  16.192  1.000 66.440  ? 9   GLN B OE1 1 
ATOM   835  N NE2 . GLN B 1 8  ? -5.301  -3.237  14.722  1.000 64.989  ? 9   GLN B NE2 1 
ATOM   836  N N   . VAL B 1 9  ? -8.690  1.608   15.974  1.000 43.879  ? 10  VAL B N   1 
ATOM   837  C CA  . VAL B 1 9  ? -8.566  3.053   15.872  1.000 44.513  ? 10  VAL B CA  1 
ATOM   838  C C   . VAL B 1 9  ? -7.480  3.537   16.819  1.000 45.790  ? 10  VAL B C   1 
ATOM   839  O O   . VAL B 1 9  ? -7.688  3.617   18.026  1.000 46.798  ? 10  VAL B O   1 
ATOM   840  C CB  . VAL B 1 9  ? -9.887  3.768   16.209  1.000 45.016  ? 10  VAL B CB  1 
ATOM   841  C CG1 . VAL B 1 9  ? -9.715  5.271   16.104  1.000 45.055  ? 10  VAL B CG1 1 
ATOM   842  C CG2 . VAL B 1 9  ? -11.003 3.288   15.288  1.000 45.427  ? 10  VAL B CG2 1 
ATOM   843  N N   . TYR B 1 10 ? -6.316  3.855   16.261  1.000 54.736  ? 11  TYR B N   1 
ATOM   844  C CA  . TYR B 1 10 ? -5.160  4.261   17.054  1.000 55.249  ? 11  TYR B CA  1 
ATOM   845  C C   . TYR B 1 10 ? -4.577  5.588   16.571  1.000 55.338  ? 11  TYR B C   1 
ATOM   846  O O   . TYR B 1 10 ? -5.093  6.199   15.638  1.000 54.867  ? 11  TYR B O   1 
ATOM   847  C CB  . TYR B 1 10 ? -4.089  3.172   17.011  1.000 55.109  ? 11  TYR B CB  1 
ATOM   848  C CG  . TYR B 1 10 ? -3.644  2.798   15.615  1.000 55.346  ? 11  TYR B CG  1 
ATOM   849  C CD1 . TYR B 1 10 ? -4.499  2.132   14.745  1.000 55.691  ? 11  TYR B CD1 1 
ATOM   850  C CD2 . TYR B 1 10 ? -2.364  3.097   15.169  1.000 55.886  ? 11  TYR B CD2 1 
ATOM   851  C CE1 . TYR B 1 10 ? -4.095  1.783   13.466  1.000 56.402  ? 11  TYR B CE1 1 
ATOM   852  C CE2 . TYR B 1 10 ? -1.947  2.751   13.894  1.000 57.431  ? 11  TYR B CE2 1 
ATOM   853  C CZ  . TYR B 1 10 ? -2.817  2.095   13.046  1.000 56.899  ? 11  TYR B CZ  1 
ATOM   854  O OH  . TYR B 1 10 ? -2.406  1.753   11.775  1.000 56.133  ? 11  TYR B OH  1 
ATOM   855  N N   . THR B 1 11 ? -3.513  6.035   17.233  1.000 46.611  ? 12  THR B N   1 
ATOM   856  C CA  . THR B 1 11 ? -2.790  7.238   16.829  1.000 46.940  ? 12  THR B CA  1 
ATOM   857  C C   . THR B 1 11 ? -1.322  6.880   16.644  1.000 47.419  ? 12  THR B C   1 
ATOM   858  O O   . THR B 1 11 ? -0.860  5.868   17.170  1.000 47.569  ? 12  THR B O   1 
ATOM   859  C CB  . THR B 1 11 ? -2.920  8.387   17.861  1.000 47.121  ? 12  THR B CB  1 
ATOM   860  O OG1 . THR B 1 11 ? -2.310  7.998   19.094  1.000 46.535  ? 12  THR B OG1 1 
ATOM   861  C CG2 . THR B 1 11 ? -4.375  8.737   18.109  1.000 46.458  ? 12  THR B CG2 1 
ATOM   862  N N   . TYR B 1 12 ? -0.593  7.704   15.894  1.000 59.399  ? 13  TYR B N   1 
ATOM   863  C CA  . TYR B 1 12 ? 0.788   7.383   15.532  1.000 60.799  ? 13  TYR B CA  1 
ATOM   864  C C   . TYR B 1 12 ? 1.730   7.301   16.731  1.000 62.421  ? 13  TYR B C   1 
ATOM   865  O O   . TYR B 1 12 ? 2.554   6.390   16.823  1.000 61.834  ? 13  TYR B O   1 
ATOM   866  C CB  . TYR B 1 12 ? 1.324   8.381   14.506  1.000 60.970  ? 13  TYR B CB  1 
ATOM   867  C CG  . TYR B 1 12 ? 2.824   8.334   14.339  1.000 62.521  ? 13  TYR B CG  1 
ATOM   868  C CD1 . TYR B 1 12 ? 3.442   7.256   13.719  1.000 63.213  ? 13  TYR B CD1 1 
ATOM   869  C CD2 . TYR B 1 12 ? 3.622   9.372   14.802  1.000 64.247  ? 13  TYR B CD2 1 
ATOM   870  C CE1 . TYR B 1 12 ? 4.815   7.212   13.570  1.000 65.189  ? 13  TYR B CE1 1 
ATOM   871  C CE2 . TYR B 1 12 ? 4.994   9.338   14.657  1.000 65.400  ? 13  TYR B CE2 1 
ATOM   872  C CZ  . TYR B 1 12 ? 5.584   8.260   14.041  1.000 66.024  ? 13  TYR B CZ  1 
ATOM   873  O OH  . TYR B 1 12 ? 6.948   8.229   13.893  1.000 67.934  ? 13  TYR B OH  1 
ATOM   874  N N   . LYS B 1 13 ? 1.622   8.266   17.638  1.000 61.105  ? 14  LYS B N   1 
ATOM   875  C CA  . LYS B 1 13 ? 2.382   8.213   18.878  1.000 64.142  ? 14  LYS B CA  1 
ATOM   876  C C   . LYS B 1 13 ? 1.541   8.676   20.056  1.000 66.182  ? 14  LYS B C   1 
ATOM   877  O O   . LYS B 1 13 ? 0.462   9.248   19.875  1.000 66.105  ? 14  LYS B O   1 
ATOM   878  C CB  . LYS B 1 13 ? 3.700   8.997   18.782  1.000 63.902  ? 14  LYS B CB  1 
ATOM   879  C CG  . LYS B 1 13 ? 3.639   10.284  17.981  1.000 65.324  ? 14  LYS B CG  1 
ATOM   880  C CD  . LYS B 1 13 ? 3.044   11.423  18.779  1.000 68.408  ? 14  LYS B CD  1 
ATOM   881  C CE  . LYS B 1 13 ? 3.357   12.758  18.122  1.000 69.050  ? 14  LYS B CE  1 
ATOM   882  N NZ  . LYS B 1 13 ? 4.828   12.973  17.973  1.000 69.929  ? 14  LYS B NZ  1 
ATOM   883  N N   . LEU B 1 14 ? 2.030   8.416   21.263  1.000 84.413  ? 15  LEU B N   1 
ATOM   884  C CA  . LEU B 1 14 ? 1.247   8.678   22.461  1.000 86.555  ? 15  LEU B CA  1 
ATOM   885  C C   . LEU B 1 14 ? 0.784   10.128  22.523  1.000 86.974  ? 15  LEU B C   1 
ATOM   886  O O   . LEU B 1 14 ? 1.575   11.058  22.367  1.000 86.497  ? 15  LEU B O   1 
ATOM   887  C CB  . LEU B 1 14 ? 2.026   8.291   23.718  1.000 87.961  ? 15  LEU B CB  1 
ATOM   888  C CG  . LEU B 1 14 ? 1.133   7.870   24.888  1.000 90.553  ? 15  LEU B CG  1 
ATOM   889  C CD1 . LEU B 1 14 ? -0.188  7.297   24.370  1.000 90.985  ? 15  LEU B CD1 1 
ATOM   890  C CD2 . LEU B 1 14 ? 1.846   6.855   25.771  1.000 91.669  ? 15  LEU B CD2 1 
ATOM   891  N N   . ILE B 1 15 ? -0.515  10.302  22.745  1.000 70.387  ? 16  ILE B N   1 
ATOM   892  C CA  . ILE B 1 15 ? -1.132  11.620  22.765  1.000 71.817  ? 16  ILE B CA  1 
ATOM   893  C C   . ILE B 1 15 ? -0.539  12.535  23.827  1.000 73.735  ? 16  ILE B C   1 
ATOM   894  O O   . ILE B 1 15 ? -0.154  12.086  24.907  1.000 74.330  ? 16  ILE B O   1 
ATOM   895  C CB  . ILE B 1 15 ? -2.645  11.519  23.029  1.000 71.961  ? 16  ILE B CB  1 
ATOM   896  C CG1 . ILE B 1 15 ? -3.317  10.629  21.987  1.000 71.477  ? 16  ILE B CG1 1 
ATOM   897  C CG2 . ILE B 1 15 ? -3.278  12.901  23.035  1.000 73.104  ? 16  ILE B CG2 1 
ATOM   898  C CD1 . ILE B 1 15 ? -4.828  10.714  22.003  1.000 71.051  ? 16  ILE B CD1 1 
ATOM   899  N N   . LYS B 1 16 ? -0.466  13.820  23.507  1.000 105.234 ? 17  LYS B N   1 
ATOM   900  C CA  . LYS B 1 16 ? -0.209  14.846  24.504  1.000 107.560 ? 17  LYS B CA  1 
ATOM   901  C C   . LYS B 1 16 ? -1.388  15.810  24.462  1.000 108.358 ? 17  LYS B C   1 
ATOM   902  O O   . LYS B 1 16 ? -2.460  15.507  24.982  1.000 109.432 ? 17  LYS B O   1 
ATOM   903  C CB  . LYS B 1 16 ? 1.107   15.575  24.221  1.000 107.484 ? 17  LYS B CB  1 
ATOM   904  C CG  . LYS B 1 16 ? 1.560   16.531  25.326  1.000 109.647 ? 17  LYS B CG  1 
ATOM   905  C CD  . LYS B 1 16 ? 2.378   15.835  26.422  1.000 110.463 ? 17  LYS B CD  1 
ATOM   906  C CE  . LYS B 1 16 ? 1.510   15.065  27.416  1.000 110.545 ? 17  LYS B CE  1 
ATOM   907  N NZ  . LYS B 1 16 ? 1.333   13.630  27.048  1.000 107.802 ? 17  LYS B NZ  1 
ATOM   908  N N   . GLU B 1 17 ? -1.187  16.959  23.825  1.000 100.870 ? 18  GLU B N   1 
ATOM   909  C CA  . GLU B 1 17 ? -2.265  17.909  23.567  1.000 101.494 ? 18  GLU B CA  1 
ATOM   910  C C   . GLU B 1 17 ? -1.697  19.240  23.104  1.000 100.649 ? 18  GLU B C   1 
ATOM   911  O O   . GLU B 1 17 ? -0.780  19.779  23.719  1.000 101.344 ? 18  GLU B O   1 
ATOM   912  C CB  . GLU B 1 17 ? -3.153  18.102  24.793  1.000 102.970 ? 18  GLU B CB  1 
ATOM   913  C CG  . GLU B 1 17 ? -4.592  17.693  24.548  1.000 105.736 ? 18  GLU B CG  1 
ATOM   914  C CD  . GLU B 1 17 ? -5.419  17.677  25.813  1.000 110.853 ? 18  GLU B CD  1 
ATOM   915  O OE1 . GLU B 1 17 ? -5.931  18.750  26.199  1.000 113.443 ? 18  GLU B OE1 1 
ATOM   916  O OE2 . GLU B 1 17 ? -5.558  16.589  26.417  1.000 111.561 ? 18  GLU B OE2 1 
ATOM   917  N N   . GLY B 1 18 ? -2.252  19.762  22.015  1.000 98.609  ? 19  GLY B N   1 
ATOM   918  C CA  . GLY B 1 18 ? -1.728  20.960  21.389  1.000 97.022  ? 19  GLY B CA  1 
ATOM   919  C C   . GLY B 1 18 ? -0.665  20.599  20.372  1.000 95.048  ? 19  GLY B C   1 
ATOM   920  O O   . GLY B 1 18 ? -0.390  21.367  19.449  1.000 94.719  ? 19  GLY B O   1 
ATOM   921  N N   . GLU B 1 19 ? -0.061  19.428  20.555  1.000 100.459 ? 20  GLU B N   1 
ATOM   922  C CA  . GLU B 1 19 ? 0.916   18.914  19.600  1.000 98.546  ? 20  GLU B CA  1 
ATOM   923  C C   . GLU B 1 19 ? 0.251   17.995  18.572  1.000 96.069  ? 20  GLU B C   1 
ATOM   924  O O   . GLU B 1 19 ? -0.638  17.209  18.905  1.000 96.577  ? 20  GLU B O   1 
ATOM   925  C CB  . GLU B 1 19 ? 2.054   18.188  20.319  1.000 99.157  ? 20  GLU B CB  1 
ATOM   926  C CG  . GLU B 1 19 ? 1.666   16.849  20.913  1.000 102.375 ? 20  GLU B CG  1 
ATOM   927  C CD  . GLU B 1 19 ? 2.820   16.173  21.625  1.000 105.818 ? 20  GLU B CD  1 
ATOM   928  O OE1 . GLU B 1 19 ? 3.530   16.858  22.395  1.000 107.273 ? 20  GLU B OE1 1 
ATOM   929  O OE2 . GLU B 1 19 ? 3.013   14.954  21.425  1.000 104.744 ? 20  GLU B OE2 1 
ATOM   930  N N   . SER B 1 20 ? 0.688   18.101  17.321  1.000 63.579  ? 21  SER B N   1 
ATOM   931  C CA  . SER B 1 20 ? 0.053   17.374  16.228  1.000 60.515  ? 21  SER B CA  1 
ATOM   932  C C   . SER B 1 20 ? 0.310   15.873  16.282  1.000 58.333  ? 21  SER B C   1 
ATOM   933  O O   . SER B 1 20 ? 1.409   15.418  16.613  1.000 57.428  ? 21  SER B O   1 
ATOM   934  C CB  . SER B 1 20 ? 0.501   17.928  14.873  1.000 60.199  ? 21  SER B CB  1 
ATOM   935  O OG  . SER B 1 20 ? 1.879   17.685  14.652  1.000 58.844  ? 21  SER B OG  1 
ATOM   936  N N   . ASN B 1 21 ? -0.723  15.111  15.946  1.000 52.609  ? 22  ASN B N   1 
ATOM   937  C CA  . ASN B 1 21 ? -0.637  13.662  15.925  1.000 50.335  ? 22  ASN B CA  1 
ATOM   938  C C   . ASN B 1 21 ? -1.273  13.128  14.645  1.000 47.464  ? 22  ASN B C   1 
ATOM   939  O O   . ASN B 1 21 ? -1.675  13.891  13.766  1.000 47.179  ? 22  ASN B O   1 
ATOM   940  C CB  . ASN B 1 21 ? -1.339  13.076  17.155  1.000 51.135  ? 22  ASN B CB  1 
ATOM   941  C CG  . ASN B 1 21 ? -0.670  11.811  17.676  1.000 51.833  ? 22  ASN B CG  1 
ATOM   942  O OD1 . ASN B 1 21 ? -0.460  10.843  16.941  1.000 51.280  ? 22  ASN B OD1 1 
ATOM   943  N ND2 . ASN B 1 21 ? -0.340  11.814  18.961  1.000 53.109  ? 22  ASN B ND2 1 
ATOM   944  N N   . VAL B 1 22 ? -1.367  11.811  14.549  1.000 47.121  ? 23  VAL B N   1 
ATOM   945  C CA  . VAL B 1 22 ? -2.017  11.181  13.418  1.000 44.550  ? 23  VAL B CA  1 
ATOM   946  C C   . VAL B 1 22 ? -3.098  10.248  13.944  1.000 43.566  ? 23  VAL B C   1 
ATOM   947  O O   . VAL B 1 22 ? -2.847  9.419   14.822  1.000 43.671  ? 23  VAL B O   1 
ATOM   948  C CB  . VAL B 1 22 ? -1.011  10.379  12.571  1.000 43.789  ? 23  VAL B CB  1 
ATOM   949  C CG1 . VAL B 1 22 ? -1.672  9.850   11.310  1.000 42.042  ? 23  VAL B CG1 1 
ATOM   950  C CG2 . VAL B 1 22 ? 0.196   11.239  12.230  1.000 43.029  ? 23  VAL B CG2 1 
ATOM   951  N N   . LEU B 1 23 ? -4.307  10.400  13.421  1.000 43.071  ? 24  LEU B N   1 
ATOM   952  C CA  . LEU B 1 23 ? -5.396  9.500   13.761  1.000 42.281  ? 24  LEU B CA  1 
ATOM   953  C C   . LEU B 1 23 ? -5.545  8.448   12.665  1.000 41.118  ? 24  LEU B C   1 
ATOM   954  O O   . LEU B 1 23 ? -5.757  8.785   11.505  1.000 40.407  ? 24  LEU B O   1 
ATOM   955  C CB  . LEU B 1 23 ? -6.701  10.281  13.927  1.000 42.134  ? 24  LEU B CB  1 
ATOM   956  C CG  . LEU B 1 23 ? -7.937  9.435   14.234  1.000 42.731  ? 24  LEU B CG  1 
ATOM   957  C CD1 . LEU B 1 23 ? -7.857  8.870   15.654  1.000 43.071  ? 24  LEU B CD1 1 
ATOM   958  C CD2 . LEU B 1 23 ? -9.210  10.246  14.025  1.000 40.436  ? 24  LEU B CD2 1 
ATOM   959  N N   . LEU B 1 24 ? -5.430  7.175   13.028  1.000 40.010  ? 25  LEU B N   1 
ATOM   960  C CA  . LEU B 1 24 ? -5.572  6.095   12.059  1.000 38.070  ? 25  LEU B CA  1 
ATOM   961  C C   . LEU B 1 24 ? -6.771  5.194   12.352  1.000 38.241  ? 25  LEU B C   1 
ATOM   962  O O   . LEU B 1 24 ? -7.078  4.915   13.511  1.000 38.452  ? 25  LEU B O   1 
ATOM   963  C CB  . LEU B 1 24 ? -4.297  5.256   12.000  1.000 37.444  ? 25  LEU B CB  1 
ATOM   964  C CG  . LEU B 1 24 ? -3.032  6.027   11.627  1.000 38.576  ? 25  LEU B CG  1 
ATOM   965  C CD1 . LEU B 1 24 ? -2.266  6.469   12.877  1.000 39.410  ? 25  LEU B CD1 1 
ATOM   966  C CD2 . LEU B 1 24 ? -2.152  5.180   10.711  1.000 36.304  ? 25  LEU B CD2 1 
ATOM   967  N N   . CYS B 1 25 ? -7.445  4.755   11.291  1.000 41.750  ? 26  CYS B N   1 
ATOM   968  C CA  . CYS B 1 25 ? -8.506  3.755   11.382  1.000 40.765  ? 26  CYS B CA  1 
ATOM   969  C C   . CYS B 1 25 ? -8.185  2.613   10.423  1.000 39.621  ? 26  CYS B C   1 
ATOM   970  O O   . CYS B 1 25 ? -8.240  2.771   9.200   1.000 38.989  ? 26  CYS B O   1 
ATOM   971  C CB  . CYS B 1 25 ? -9.874  4.363   11.052  1.000 41.237  ? 26  CYS B CB  1 
ATOM   972  S SG  . CYS B 1 25 ? -11.256 3.175   10.989  1.000 41.502  ? 26  CYS B SG  1 
ATOM   973  N N   . HIS B 1 26 ? -7.839  1.463   10.987  1.000 32.375  ? 27  HIS B N   1 
ATOM   974  C CA  . HIS B 1 26 ? -7.413  0.324   10.195  1.000 30.922  ? 27  HIS B CA  1 
ATOM   975  C C   . HIS B 1 26 ? -8.431  -0.815  10.215  1.000 30.780  ? 27  HIS B C   1 
ATOM   976  O O   . HIS B 1 26 ? -8.799  -1.316  11.275  1.000 31.401  ? 27  HIS B O   1 
ATOM   977  C CB  . HIS B 1 26 ? -6.051  -0.167  10.684  1.000 31.709  ? 27  HIS B CB  1 
ATOM   978  C CG  . HIS B 1 26 ? -5.534  -1.357  9.935   1.000 31.722  ? 27  HIS B CG  1 
ATOM   979  N ND1 . HIS B 1 26 ? -5.089  -1.278  8.636   1.000 34.059  ? 27  HIS B ND1 1 
ATOM   980  C CD2 . HIS B 1 26 ? -5.389  -2.648  10.307  1.000 32.512  ? 27  HIS B CD2 1 
ATOM   981  C CE1 . HIS B 1 26 ? -4.694  -2.475  8.234   1.000 33.728  ? 27  HIS B CE1 1 
ATOM   982  N NE2 . HIS B 1 26 ? -4.866  -3.322  9.231   1.000 32.580  ? 27  HIS B NE2 1 
ATOM   983  N N   . ALA B 1 27 ? -8.880  -1.223  9.030   1.000 28.856  ? 28  ALA B N   1 
ATOM   984  C CA  . ALA B 1 27 ? -9.794  -2.354  8.903   1.000 26.564  ? 28  ALA B CA  1 
ATOM   985  C C   . ALA B 1 27 ? -9.152  -3.541  8.164   1.000 26.093  ? 28  ALA B C   1 
ATOM   986  O O   . ALA B 1 27 ? -8.508  -3.376  7.136   1.000 23.892  ? 28  ALA B O   1 
ATOM   987  C CB  . ALA B 1 27 ? -11.095 -1.923  8.231   1.000 24.771  ? 28  ALA B CB  1 
ATOM   988  N N   . LYS B 1 28 ? -9.326  -4.736  8.715   1.000 31.554  ? 29  LYS B N   1 
ATOM   989  C CA  . LYS B 1 28 ? -8.771  -5.954  8.131   1.000 32.543  ? 29  LYS B CA  1 
ATOM   990  C C   . LYS B 1 28 ? -9.737  -7.136  8.276   1.000 33.488  ? 29  LYS B C   1 
ATOM   991  O O   . LYS B 1 28 ? -10.809 -7.014  8.875   1.000 32.754  ? 29  LYS B O   1 
ATOM   992  C CB  . LYS B 1 28 ? -7.422  -6.294  8.772   1.000 32.670  ? 29  LYS B CB  1 
ATOM   993  C CG  . LYS B 1 28 ? -7.488  -6.466  10.279  1.000 35.002  ? 29  LYS B CG  1 
ATOM   994  C CD  . LYS B 1 28 ? -6.174  -6.979  10.844  1.000 38.249  ? 29  LYS B CD  1 
ATOM   995  C CE  . LYS B 1 28 ? -6.314  -7.264  12.341  1.000 39.352  ? 29  LYS B CE  1 
ATOM   996  N NZ  . LYS B 1 28 ? -5.142  -7.986  12.893  1.000 42.031  ? 29  LYS B NZ  1 
ATOM   997  N N   . ASP B 1 29 ? -9.351  -8.273  7.711   1.000 35.691  ? 30  ASP B N   1 
ATOM   998  C CA  . ASP B 1 29 ? -10.146 -9.494  7.798   1.000 36.410  ? 30  ASP B CA  1 
ATOM   999  C C   . ASP B 1 29 ? -11.581 -9.332  7.264   1.000 36.257  ? 30  ASP B C   1 
ATOM   1000 O O   . ASP B 1 29 ? -12.493 -10.005 7.730   1.000 35.670  ? 30  ASP B O   1 
ATOM   1001 C CB  . ASP B 1 29 ? -10.178 -10.009 9.248   1.000 38.299  ? 30  ASP B CB  1 
ATOM   1002 C CG  . ASP B 1 29 ? -8.787  -10.106 9.875   1.000 40.305  ? 30  ASP B CG  1 
ATOM   1003 O OD1 . ASP B 1 29 ? -7.824  -10.486 9.176   1.000 45.034  ? 30  ASP B OD1 1 
ATOM   1004 O OD2 . ASP B 1 29 ? -8.657  -9.806  11.082  1.000 46.703  ? 30  ASP B OD2 1 
ATOM   1005 N N   . PHE B 1 30 ? -11.788 -8.453  6.290   1.000 30.025  ? 31  PHE B N   1 
ATOM   1006 C CA  . PHE B 1 30 ? -13.130 -8.304  5.724   1.000 29.601  ? 31  PHE B CA  1 
ATOM   1007 C C   . PHE B 1 30 ? -13.309 -8.814  4.292   1.000 30.001  ? 31  PHE B C   1 
ATOM   1008 O O   . PHE B 1 30 ? -12.370 -8.836  3.492   1.000 28.527  ? 31  PHE B O   1 
ATOM   1009 C CB  . PHE B 1 30 ? -13.667 -6.868  5.873   1.000 28.419  ? 31  PHE B CB  1 
ATOM   1010 C CG  . PHE B 1 30 ? -12.858 -5.824  5.150   1.000 27.666  ? 31  PHE B CG  1 
ATOM   1011 C CD1 . PHE B 1 30 ? -11.826 -5.152  5.795   1.000 24.324  ? 31  PHE B CD1 1 
ATOM   1012 C CD2 . PHE B 1 30 ? -13.145 -5.491  3.837   1.000 26.272  ? 31  PHE B CD2 1 
ATOM   1013 C CE1 . PHE B 1 30 ? -11.087 -4.177  5.134   1.000 26.119  ? 31  PHE B CE1 1 
ATOM   1014 C CE2 . PHE B 1 30 ? -12.405 -4.515  3.169   1.000 26.353  ? 31  PHE B CE2 1 
ATOM   1015 C CZ  . PHE B 1 30 ? -11.380 -3.860  3.821   1.000 23.582  ? 31  PHE B CZ  1 
ATOM   1016 N N   . SER B 1 31 ? -14.538 -9.240  3.999   1.000 34.896  ? 32  SER B N   1 
ATOM   1017 C CA  . SER B 1 31 ? -14.970 -9.628  2.658   1.000 36.920  ? 32  SER B CA  1 
ATOM   1018 C C   . SER B 1 31 ? -16.487 -9.641  2.678   1.000 37.652  ? 32  SER B C   1 
ATOM   1019 O O   . SER B 1 31 ? -17.070 -10.138 3.631   1.000 37.720  ? 32  SER B O   1 
ATOM   1020 C CB  . SER B 1 31 ? -14.452 -11.017 2.289   1.000 36.889  ? 32  SER B CB  1 
ATOM   1021 O OG  . SER B 1 31 ? -14.971 -11.431 1.031   1.000 38.276  ? 32  SER B OG  1 
ATOM   1022 N N   . PRO B 1 32 ? -17.139 -9.106  1.630   1.000 42.013  ? 33  PRO B N   1 
ATOM   1023 C CA  . PRO B 1 32 ? -16.611 -8.550  0.371   1.000 41.284  ? 33  PRO B CA  1 
ATOM   1024 C C   . PRO B 1 32 ? -15.719 -7.326  0.547   1.000 40.668  ? 33  PRO B C   1 
ATOM   1025 O O   . PRO B 1 32 ? -15.670 -6.757  1.634   1.000 41.773  ? 33  PRO B O   1 
ATOM   1026 C CB  . PRO B 1 32 ? -17.877 -8.158  -0.399  1.000 41.050  ? 33  PRO B CB  1 
ATOM   1027 C CG  . PRO B 1 32 ? -18.945 -9.013  0.173   1.000 43.174  ? 33  PRO B CG  1 
ATOM   1028 C CD  . PRO B 1 32 ? -18.611 -9.142  1.627   1.000 42.337  ? 33  PRO B CD  1 
ATOM   1029 N N   . PRO B 1 33 ? -15.011 -6.933  -0.524  1.000 28.548  ? 34  PRO B N   1 
ATOM   1030 C CA  . PRO B 1 33 ? -14.088 -5.793  -0.493  1.000 28.553  ? 34  PRO B CA  1 
ATOM   1031 C C   . PRO B 1 33 ? -14.767 -4.442  -0.250  1.000 27.822  ? 34  PRO B C   1 
ATOM   1032 O O   . PRO B 1 33 ? -14.137 -3.569  0.336   1.000 27.477  ? 34  PRO B O   1 
ATOM   1033 C CB  . PRO B 1 33 ? -13.426 -5.825  -1.882  1.000 26.695  ? 34  PRO B CB  1 
ATOM   1034 C CG  . PRO B 1 33 ? -14.267 -6.722  -2.704  1.000 26.882  ? 34  PRO B CG  1 
ATOM   1035 C CD  . PRO B 1 33 ? -14.905 -7.689  -1.780  1.000 28.185  ? 34  PRO B CD  1 
ATOM   1036 N N   . ASN B 1 34 ? -16.016 -4.287  -0.685  1.000 40.494  ? 35  ASN B N   1 
ATOM   1037 C CA  . ASN B 1 34 ? -16.768 -3.038  -0.537  1.000 41.489  ? 35  ASN B CA  1 
ATOM   1038 C C   . ASN B 1 34 ? -16.870 -2.586  0.909   1.000 41.168  ? 35  ASN B C   1 
ATOM   1039 O O   . ASN B 1 34 ? -17.531 -3.233  1.721   1.000 41.297  ? 35  ASN B O   1 
ATOM   1040 C CB  . ASN B 1 34 ? -18.186 -3.196  -1.086  1.000 43.205  ? 35  ASN B CB  1 
ATOM   1041 C CG  . ASN B 1 34 ? -18.222 -3.871  -2.444  1.000 48.316  ? 35  ASN B CG  1 
ATOM   1042 O OD1 . ASN B 1 34 ? -18.507 -3.225  -3.456  1.000 51.185  ? 35  ASN B OD1 1 
ATOM   1043 N ND2 . ASN B 1 34 ? -17.947 -5.183  -2.475  1.000 46.400  ? 35  ASN B ND2 1 
ATOM   1044 N N   . ILE B 1 35 ? -16.235 -1.464  1.223   1.000 34.409  ? 36  ILE B N   1 
ATOM   1045 C CA  . ILE B 1 35 ? -16.190 -0.966  2.588   1.000 34.154  ? 36  ILE B CA  1 
ATOM   1046 C C   . ILE B 1 35 ? -16.015 0.549   2.586   1.000 35.773  ? 36  ILE B C   1 
ATOM   1047 O O   . ILE B 1 35 ? -15.583 1.127   1.591   1.000 34.599  ? 36  ILE B O   1 
ATOM   1048 C CB  . ILE B 1 35 ? -15.024 -1.603  3.360   1.000 34.096  ? 36  ILE B CB  1 
ATOM   1049 C CG1 . ILE B 1 35 ? -15.183 -1.379  4.870   1.000 30.183  ? 36  ILE B CG1 1 
ATOM   1050 C CG2 . ILE B 1 35 ? -13.707 -1.058  2.846   1.000 31.543  ? 36  ILE B CG2 1 
ATOM   1051 C CD1 . ILE B 1 35 ? -14.144 -2.070  5.715   1.000 27.977  ? 36  ILE B CD1 1 
ATOM   1052 N N   . LYS B 1 36 ? -16.354 1.186   3.703   1.000 41.163  ? 37  LYS B N   1 
ATOM   1053 C CA  . LYS B 1 36 ? -16.183 2.628   3.856   1.000 43.526  ? 37  LYS B CA  1 
ATOM   1054 C C   . LYS B 1 36 ? -15.663 2.989   5.251   1.000 43.937  ? 37  LYS B C   1 
ATOM   1055 O O   . LYS B 1 36 ? -16.130 2.458   6.257   1.000 43.929  ? 37  LYS B O   1 
ATOM   1056 C CB  . LYS B 1 36 ? -17.503 3.347   3.579   1.000 45.129  ? 37  LYS B CB  1 
ATOM   1057 C CG  . LYS B 1 36 ? -17.477 4.834   3.877   1.000 47.698  ? 37  LYS B CG  1 
ATOM   1058 C CD  . LYS B 1 36 ? -17.592 5.646   2.601   1.000 54.385  ? 37  LYS B CD  1 
ATOM   1059 C CE  . LYS B 1 36 ? -18.384 6.913   2.842   1.000 58.623  ? 37  LYS B CE  1 
ATOM   1060 N NZ  . LYS B 1 36 ? -19.704 6.583   3.450   1.000 61.728  ? 37  LYS B NZ  1 
ATOM   1061 N N   . LEU B 1 37 ? -14.688 3.888   5.303   1.000 32.801  ? 38  LEU B N   1 
ATOM   1062 C CA  . LEU B 1 37 ? -14.136 4.358   6.568   1.000 33.715  ? 38  LEU B CA  1 
ATOM   1063 C C   . LEU B 1 37 ? -14.281 5.869   6.711   1.000 34.652  ? 38  LEU B C   1 
ATOM   1064 O O   . LEU B 1 37 ? -13.904 6.621   5.815   1.000 33.909  ? 38  LEU B O   1 
ATOM   1065 C CB  . LEU B 1 37 ? -12.656 3.999   6.667   1.000 33.283  ? 38  LEU B CB  1 
ATOM   1066 C CG  . LEU B 1 37 ? -12.272 2.589   6.241   1.000 33.699  ? 38  LEU B CG  1 
ATOM   1067 C CD1 . LEU B 1 37 ? -10.791 2.381   6.502   1.000 33.609  ? 38  LEU B CD1 1 
ATOM   1068 C CD2 . LEU B 1 37 ? -13.108 1.556   6.982   1.000 35.625  ? 38  LEU B CD2 1 
ATOM   1069 N N   . GLU B 1 38 ? -14.813 6.316   7.843   1.000 50.456  ? 39  GLU B N   1 
ATOM   1070 C CA  . GLU B 1 38 ? -14.929 7.749   8.106   1.000 51.867  ? 39  GLU B CA  1 
ATOM   1071 C C   . GLU B 1 38 ? -14.391 8.114   9.481   1.000 52.464  ? 39  GLU B C   1 
ATOM   1072 O O   . GLU B 1 38 ? -14.891 7.649   10.498  1.000 54.493  ? 39  GLU B O   1 
ATOM   1073 C CB  . GLU B 1 38 ? -16.381 8.214   7.984   1.000 52.635  ? 39  GLU B CB  1 
ATOM   1074 C CG  . GLU B 1 38 ? -17.003 7.956   6.629   1.000 54.064  ? 39  GLU B CG  1 
ATOM   1075 C CD  . GLU B 1 38 ? -18.516 8.057   6.663   1.000 58.991  ? 39  GLU B CD  1 
ATOM   1076 O OE1 . GLU B 1 38 ? -19.093 7.984   7.767   1.000 62.494  ? 39  GLU B OE1 1 
ATOM   1077 O OE2 . GLU B 1 38 ? -19.136 8.202   5.589   1.000 61.128  ? 39  GLU B OE2 1 
ATOM   1078 N N   . LEU B 1 39 ? -13.361 8.946   9.506   1.000 38.418  ? 40  LEU B N   1 
ATOM   1079 C CA  . LEU B 1 39 ? -12.826 9.419   10.766  1.000 39.384  ? 40  LEU B CA  1 
ATOM   1080 C C   . LEU B 1 39 ? -13.725 10.524  11.306  1.000 40.923  ? 40  LEU B C   1 
ATOM   1081 O O   . LEU B 1 39 ? -14.200 11.383  10.557  1.000 40.015  ? 40  LEU B O   1 
ATOM   1082 C CB  . LEU B 1 39 ? -11.387 9.908   10.607  1.000 38.826  ? 40  LEU B CB  1 
ATOM   1083 C CG  . LEU B 1 39 ? -10.425 8.899   9.966   1.000 36.283  ? 40  LEU B CG  1 
ATOM   1084 C CD1 . LEU B 1 39 ? -8.997  9.413   9.988   1.000 34.109  ? 40  LEU B CD1 1 
ATOM   1085 C CD2 . LEU B 1 39 ? -10.510 7.575   10.671  1.000 36.789  ? 40  LEU B CD2 1 
ATOM   1086 N N   . LEU B 1 40 ? -13.972 10.482  12.609  1.000 49.095  ? 41  LEU B N   1 
ATOM   1087 C CA  . LEU B 1 40 ? -14.860 11.441  13.244  1.000 51.551  ? 41  LEU B CA  1 
ATOM   1088 C C   . LEU B 1 40 ? -14.154 12.142  14.393  1.000 52.856  ? 41  LEU B C   1 
ATOM   1089 O O   . LEU B 1 40 ? -13.275 11.567  15.037  1.000 52.888  ? 41  LEU B O   1 
ATOM   1090 C CB  . LEU B 1 40 ? -16.104 10.730  13.772  1.000 51.967  ? 41  LEU B CB  1 
ATOM   1091 C CG  . LEU B 1 40 ? -16.871 9.833   12.803  1.000 52.375  ? 41  LEU B CG  1 
ATOM   1092 C CD1 . LEU B 1 40 ? -18.146 9.321   13.461  1.000 54.649  ? 41  LEU B CD1 1 
ATOM   1093 C CD2 . LEU B 1 40 ? -17.198 10.581  11.526  1.000 52.669  ? 41  LEU B CD2 1 
ATOM   1094 N N   . GLU B 1 41 ? -14.515 13.397  14.624  1.000 70.335  ? 42  GLU B N   1 
ATOM   1095 C CA  . GLU B 1 41 ? -14.215 14.038  15.897  1.000 72.493  ? 42  GLU B CA  1 
ATOM   1096 C C   . GLU B 1 41 ? -15.498 14.678  16.398  1.000 73.309  ? 42  GLU B C   1 
ATOM   1097 O O   . GLU B 1 41 ? -16.025 15.611  15.786  1.000 72.672  ? 42  GLU B O   1 
ATOM   1098 C CB  . GLU B 1 41 ? -13.052 15.038  15.806  1.000 72.938  ? 42  GLU B CB  1 
ATOM   1099 C CG  . GLU B 1 41 ? -13.377 16.407  15.229  1.000 75.904  ? 42  GLU B CG  1 
ATOM   1100 C CD  . GLU B 1 41 ? -12.229 17.396  15.401  1.000 78.865  ? 42  GLU B CD  1 
ATOM   1101 O OE1 . GLU B 1 41 ? -11.131 16.977  15.830  1.000 80.725  ? 42  GLU B OE1 1 
ATOM   1102 O OE2 . GLU B 1 41 ? -12.424 18.595  15.110  1.000 81.220  ? 42  GLU B OE2 1 
ATOM   1103 N N   . ASN B 1 42 ? -16.014 14.127  17.494  1.000 59.973  ? 43  ASN B N   1 
ATOM   1104 C CA  . ASN B 1 42 ? -17.308 14.530  18.044  1.000 61.186  ? 43  ASN B CA  1 
ATOM   1105 C C   . ASN B 1 42 ? -18.463 14.206  17.097  1.000 61.410  ? 43  ASN B C   1 
ATOM   1106 O O   . ASN B 1 42 ? -19.419 14.975  16.970  1.000 61.615  ? 43  ASN B O   1 
ATOM   1107 C CB  . ASN B 1 42 ? -17.300 16.013  18.410  1.000 61.586  ? 43  ASN B CB  1 
ATOM   1108 C CG  . ASN B 1 42 ? -16.155 16.371  19.332  1.000 62.689  ? 43  ASN B CG  1 
ATOM   1109 O OD1 . ASN B 1 42 ? -15.703 15.549  20.133  1.000 63.489  ? 43  ASN B OD1 1 
ATOM   1110 N ND2 . ASN B 1 42 ? -15.672 17.600  19.219  1.000 65.245  ? 43  ASN B ND2 1 
ATOM   1111 N N   . GLY B 1 43 ? -18.365 13.055  16.437  1.000 64.897  ? 44  GLY B N   1 
ATOM   1112 C CA  . GLY B 1 43 ? -19.396 12.608  15.519  1.000 64.816  ? 44  GLY B CA  1 
ATOM   1113 C C   . GLY B 1 43 ? -19.448 13.451  14.264  1.000 64.571  ? 44  GLY B C   1 
ATOM   1114 O O   . GLY B 1 43 ? -20.395 13.360  13.482  1.000 64.660  ? 44  GLY B O   1 
ATOM   1115 N N   . ARG B 1 44 ? -18.430 14.284  14.077  1.000 75.138  ? 45  ARG B N   1 
ATOM   1116 C CA  . ARG B 1 44 ? -18.326 15.107  12.879  1.000 74.841  ? 45  ARG B CA  1 
ATOM   1117 C C   . ARG B 1 44 ? -17.264 14.568  11.928  1.000 72.611  ? 45  ARG B C   1 
ATOM   1118 O O   . ARG B 1 44 ? -16.141 14.282  12.338  1.000 72.572  ? 45  ARG B O   1 
ATOM   1119 C CB  . ARG B 1 44 ? -18.024 16.562  13.238  1.000 75.862  ? 45  ARG B CB  1 
ATOM   1120 C CG  . ARG B 1 44 ? -19.212 17.484  13.065  1.000 80.523  ? 45  ARG B CG  1 
ATOM   1121 C CD  . ARG B 1 44 ? -18.771 18.865  12.617  1.000 85.858  ? 45  ARG B CD  1 
ATOM   1122 N NE  . ARG B 1 44 ? -19.753 19.479  11.726  1.000 90.942  ? 45  ARG B NE  1 
ATOM   1123 C CZ  . ARG B 1 44 ? -19.691 19.433  10.397  1.000 91.398  ? 45  ARG B CZ  1 
ATOM   1124 N NH1 . ARG B 1 44 ? -18.688 18.805  9.799   1.000 90.103  ? 45  ARG B NH1 1 
ATOM   1125 N NH2 . ARG B 1 44 ? -20.632 20.019  9.665   1.000 90.719  ? 45  ARG B NH2 1 
ATOM   1126 N N   . ILE B 1 45 ? -17.637 14.430  10.659  1.000 58.131  ? 46  ILE B N   1 
ATOM   1127 C CA  . ILE B 1 45 ? -16.738 13.915  9.632   1.000 55.257  ? 46  ILE B CA  1 
ATOM   1128 C C   . ILE B 1 45 ? -15.522 14.819  9.461   1.000 53.509  ? 46  ILE B C   1 
ATOM   1129 O O   . ILE B 1 45 ? -15.658 16.018  9.216   1.000 54.454  ? 46  ILE B O   1 
ATOM   1130 C CB  . ILE B 1 45 ? -17.451 13.776  8.272   1.000 54.993  ? 46  ILE B CB  1 
ATOM   1131 C CG1 . ILE B 1 45 ? -18.551 12.722  8.351   1.000 54.896  ? 46  ILE B CG1 1 
ATOM   1132 C CG2 . ILE B 1 45 ? -16.460 13.396  7.194   1.000 54.378  ? 46  ILE B CG2 1 
ATOM   1133 C CD1 . ILE B 1 45 ? -19.307 12.536  7.055   1.000 57.020  ? 46  ILE B CD1 1 
ATOM   1134 N N   . ILE B 1 46 ? -14.336 14.238  9.592   1.000 48.487  ? 47  ILE B N   1 
ATOM   1135 C CA  . ILE B 1 46 ? -13.095 14.981  9.408   1.000 45.940  ? 47  ILE B CA  1 
ATOM   1136 C C   . ILE B 1 46 ? -12.689 14.989  7.939   1.000 43.995  ? 47  ILE B C   1 
ATOM   1137 O O   . ILE B 1 46 ? -12.470 13.930  7.347   1.000 43.313  ? 47  ILE B O   1 
ATOM   1138 C CB  . ILE B 1 46 ? -11.944 14.363  10.216  1.000 45.203  ? 47  ILE B CB  1 
ATOM   1139 C CG1 . ILE B 1 46 ? -12.334 14.222  11.688  1.000 44.334  ? 47  ILE B CG1 1 
ATOM   1140 C CG2 . ILE B 1 46 ? -10.668 15.188  10.039  1.000 44.245  ? 47  ILE B CG2 1 
ATOM   1141 C CD1 . ILE B 1 46 ? -11.251 13.609  12.528  1.000 40.929  ? 47  ILE B CD1 1 
ATOM   1142 N N   . PRO B 1 47 ? -12.587 16.191  7.350   1.000 42.484  ? 48  PRO B N   1 
ATOM   1143 C CA  . PRO B 1 47 ? -12.239 16.396  5.936   1.000 40.705  ? 48  PRO B CA  1 
ATOM   1144 C C   . PRO B 1 47 ? -10.761 16.159  5.625   1.000 38.497  ? 48  PRO B C   1 
ATOM   1145 O O   . PRO B 1 47 ? -9.934  16.149  6.530   1.000 37.968  ? 48  PRO B O   1 
ATOM   1146 C CB  . PRO B 1 47 ? -12.592 17.872  5.707   1.000 41.363  ? 48  PRO B CB  1 
ATOM   1147 C CG  . PRO B 1 47 ? -12.466 18.494  7.044   1.000 42.479  ? 48  PRO B CG  1 
ATOM   1148 C CD  . PRO B 1 47 ? -12.951 17.456  8.012   1.000 44.053  ? 48  PRO B CD  1 
ATOM   1149 N N   . ASN B 1 48 ? -10.460 15.966  4.344   1.000 44.887  ? 49  ASN B N   1 
ATOM   1150 C CA  . ASN B 1 48 ? -9.086  15.812  3.846   1.000 43.079  ? 49  ASN B CA  1 
ATOM   1151 C C   . ASN B 1 48 ? -8.275  14.692  4.486   1.000 40.194  ? 49  ASN B C   1 
ATOM   1152 O O   . ASN B 1 48 ? -7.118  14.878  4.848   1.000 39.560  ? 49  ASN B O   1 
ATOM   1153 C CB  . ASN B 1 48 ? -8.323  17.135  3.943   1.000 44.358  ? 49  ASN B CB  1 
ATOM   1154 C CG  . ASN B 1 48 ? -8.946  18.227  3.097   1.000 45.763  ? 49  ASN B CG  1 
ATOM   1155 O OD1 . ASN B 1 48 ? -8.821  19.408  3.410   1.000 52.680  ? 49  ASN B OD1 1 
ATOM   1156 N ND2 . ASN B 1 48 ? -9.637  17.837  2.030   1.000 44.268  ? 49  ASN B ND2 1 
ATOM   1157 N N   . THR B 1 49 ? -8.880  13.523  4.616   1.000 36.615  ? 50  THR B N   1 
ATOM   1158 C CA  . THR B 1 49 ? -8.172  12.377  5.154   1.000 35.499  ? 50  THR B CA  1 
ATOM   1159 C C   . THR B 1 49 ? -7.455  11.654  4.025   1.000 34.923  ? 50  THR B C   1 
ATOM   1160 O O   . THR B 1 49 ? -7.787  11.832  2.862   1.000 34.591  ? 50  THR B O   1 
ATOM   1161 C CB  . THR B 1 49 ? -9.142  11.406  5.838   1.000 34.907  ? 50  THR B CB  1 
ATOM   1162 O OG1 . THR B 1 49 ? -10.058 10.891  4.867   1.000 31.499  ? 50  THR B OG1 1 
ATOM   1163 C CG2 . THR B 1 49 ? -9.928  12.120  6.922   1.000 35.336  ? 50  THR B CG2 1 
ATOM   1164 N N   . THR B 1 50 ? -6.470  10.837  4.374   1.000 33.133  ? 51  THR B N   1 
ATOM   1165 C CA  . THR B 1 50 ? -5.768  10.009  3.402   1.000 31.806  ? 51  THR B CA  1 
ATOM   1166 C C   . THR B 1 50 ? -6.175  8.544   3.549   1.000 31.351  ? 51  THR B C   1 
ATOM   1167 O O   . THR B 1 50 ? -6.214  8.017   4.658   1.000 32.149  ? 51  THR B O   1 
ATOM   1168 C CB  . THR B 1 50 ? -4.254  10.112  3.609   1.000 31.772  ? 51  THR B CB  1 
ATOM   1169 O OG1 . THR B 1 50 ? -3.842  11.469  3.414   1.000 32.009  ? 51  THR B OG1 1 
ATOM   1170 C CG2 . THR B 1 50 ? -3.500  9.207   2.638   1.000 30.796  ? 51  THR B CG2 1 
ATOM   1171 N N   . GLN B 1 51 ? -6.476  7.888   2.434   1.000 30.825  ? 52  GLN B N   1 
ATOM   1172 C CA  . GLN B 1 51 ? -6.757  6.460   2.463   1.000 30.406  ? 52  GLN B CA  1 
ATOM   1173 C C   . GLN B 1 51 ? -5.737  5.620   1.685   1.000 29.132  ? 52  GLN B C   1 
ATOM   1174 O O   . GLN B 1 51 ? -5.408  5.914   0.540   1.000 27.474  ? 52  GLN B O   1 
ATOM   1175 C CB  . GLN B 1 51 ? -8.165  6.170   1.960   1.000 31.609  ? 52  GLN B CB  1 
ATOM   1176 C CG  . GLN B 1 51 ? -8.638  4.763   2.312   1.000 35.317  ? 52  GLN B CG  1 
ATOM   1177 C CD  . GLN B 1 51 ? -10.123 4.556   2.062   1.000 42.387  ? 52  GLN B CD  1 
ATOM   1178 O OE1 . GLN B 1 51 ? -10.953 4.815   2.936   1.000 48.466  ? 52  GLN B OE1 1 
ATOM   1179 N NE2 . GLN B 1 51 ? -10.464 4.077   0.866   1.000 40.850  ? 52  GLN B NE2 1 
ATOM   1180 N N   . SER B 1 52 ? -5.242  4.567   2.321   1.000 26.301  ? 53  SER B N   1 
ATOM   1181 C CA  . SER B 1 52 ? -4.307  3.655   1.686   1.000 25.477  ? 53  SER B CA  1 
ATOM   1182 C C   . SER B 1 52 ? -4.986  2.938   0.532   1.000 25.108  ? 53  SER B C   1 
ATOM   1183 O O   . SER B 1 52 ? -6.206  3.009   0.380   1.000 25.114  ? 53  SER B O   1 
ATOM   1184 C CB  . SER B 1 52 ? -3.844  2.611   2.695   1.000 25.650  ? 53  SER B CB  1 
ATOM   1185 O OG  . SER B 1 52 ? -4.870  1.655   2.909   1.000 27.506  ? 53  SER B OG  1 
ATOM   1186 N N   . ASP B 1 53 ? -4.200  2.232   -0.270  1.000 26.990  ? 54  ASP B N   1 
ATOM   1187 C CA  . ASP B 1 53 ? -4.767  1.319   -1.251  1.000 28.309  ? 54  ASP B CA  1 
ATOM   1188 C C   . ASP B 1 53 ? -5.506  0.188   -0.543  1.000 28.546  ? 54  ASP B C   1 
ATOM   1189 O O   . ASP B 1 53 ? -5.235  -0.116  0.611   1.000 28.174  ? 54  ASP B O   1 
ATOM   1190 C CB  . ASP B 1 53 ? -3.668  0.722   -2.127  1.000 28.693  ? 54  ASP B CB  1 
ATOM   1191 C CG  . ASP B 1 53 ? -3.214  1.661   -3.212  1.000 32.407  ? 54  ASP B CG  1 
ATOM   1192 O OD1 . ASP B 1 53 ? -3.976  2.599   -3.545  1.000 34.683  ? 54  ASP B OD1 1 
ATOM   1193 O OD2 . ASP B 1 53 ? -2.099  1.455   -3.738  1.000 40.165  ? 54  ASP B OD2 1 
ATOM   1194 N N   . LEU B 1 54 ? -6.444  -0.428  -1.247  1.000 24.506  ? 55  LEU B N   1 
ATOM   1195 C CA  . LEU B 1 54 ? -7.074  -1.652  -0.779  1.000 25.877  ? 55  LEU B CA  1 
ATOM   1196 C C   . LEU B 1 54 ? -6.162  -2.836  -1.103  1.000 26.064  ? 55  LEU B C   1 
ATOM   1197 O O   . LEU B 1 54 ? -5.798  -3.055  -2.260  1.000 25.319  ? 55  LEU B O   1 
ATOM   1198 C CB  . LEU B 1 54 ? -8.438  -1.832  -1.459  1.000 25.916  ? 55  LEU B CB  1 
ATOM   1199 C CG  . LEU B 1 54 ? -9.257  -3.072  -1.110  1.000 28.280  ? 55  LEU B CG  1 
ATOM   1200 C CD1 . LEU B 1 54 ? -9.954  -2.884  0.240   1.000 28.419  ? 55  LEU B CD1 1 
ATOM   1201 C CD2 . LEU B 1 54 ? -10.264 -3.358  -2.210  1.000 28.711  ? 55  LEU B CD2 1 
ATOM   1202 N N   . SER B 1 55 ? -5.793  -3.588  -0.070  1.000 26.043  ? 56  SER B N   1 
ATOM   1203 C CA  . SER B 1 55 ? -4.918  -4.750  -0.221  1.000 27.501  ? 56  SER B CA  1 
ATOM   1204 C C   . SER B 1 55 ? -5.685  -6.061  -0.272  1.000 28.272  ? 56  SER B C   1 
ATOM   1205 O O   . SER B 1 55 ? -6.649  -6.269  0.465   1.000 26.687  ? 56  SER B O   1 
ATOM   1206 C CB  . SER B 1 55 ? -3.888  -4.815  0.907   1.000 26.111  ? 56  SER B CB  1 
ATOM   1207 O OG  . SER B 1 55 ? -3.051  -3.681  0.877   1.000 27.340  ? 56  SER B OG  1 
ATOM   1208 N N   . PHE B 1 56 ? -5.217  -6.942  -1.148  1.000 28.382  ? 57  PHE B N   1 
ATOM   1209 C CA  . PHE B 1 56 ? -5.814  -8.246  -1.360  1.000 29.554  ? 57  PHE B CA  1 
ATOM   1210 C C   . PHE B 1 56 ? -4.913  -9.252  -0.671  1.000 30.196  ? 57  PHE B C   1 
ATOM   1211 O O   . PHE B 1 56 ? -3.768  -9.423  -1.068  1.000 29.180  ? 57  PHE B O   1 
ATOM   1212 C CB  . PHE B 1 56 ? -5.870  -8.525  -2.858  1.000 29.151  ? 57  PHE B CB  1 
ATOM   1213 C CG  . PHE B 1 56 ? -6.875  -9.574  -3.259  1.000 31.606  ? 57  PHE B CG  1 
ATOM   1214 C CD1 . PHE B 1 56 ? -7.065  -10.708 -2.489  1.000 34.241  ? 57  PHE B CD1 1 
ATOM   1215 C CD2 . PHE B 1 56 ? -7.607  -9.433  -4.430  1.000 35.883  ? 57  PHE B CD2 1 
ATOM   1216 C CE1 . PHE B 1 56 ? -7.980  -11.675 -2.869  1.000 36.683  ? 57  PHE B CE1 1 
ATOM   1217 C CE2 . PHE B 1 56 ? -8.523  -10.393 -4.813  1.000 37.976  ? 57  PHE B CE2 1 
ATOM   1218 C CZ  . PHE B 1 56 ? -8.708  -11.518 -4.031  1.000 38.476  ? 57  PHE B CZ  1 
ATOM   1219 N N   . GLU B 1 57 ? -5.414  -9.901  0.373   1.000 36.191  ? 58  GLU B N   1 
ATOM   1220 C CA  . GLU B 1 57 ? -4.611  -10.865 1.120   1.000 38.502  ? 58  GLU B CA  1 
ATOM   1221 C C   . GLU B 1 57 ? -4.809  -12.300 0.604   1.000 39.844  ? 58  GLU B C   1 
ATOM   1222 O O   . GLU B 1 57 ? -5.881  -12.651 0.121   1.000 39.152  ? 58  GLU B O   1 
ATOM   1223 C CB  . GLU B 1 57 ? -4.932  -10.779 2.610   1.000 39.070  ? 58  GLU B CB  1 
ATOM   1224 C CG  . GLU B 1 57 ? -4.858  -9.366  3.184   1.000 42.424  ? 58  GLU B CG  1 
ATOM   1225 C CD  . GLU B 1 57 ? -3.434  -8.872  3.397   1.000 48.435  ? 58  GLU B CD  1 
ATOM   1226 O OE1 . GLU B 1 57 ? -2.470  -9.650  3.208   1.000 50.174  ? 58  GLU B OE1 1 
ATOM   1227 O OE2 . GLU B 1 57 ? -3.277  -7.693  3.762   1.000 53.691  ? 58  GLU B OE2 1 
ATOM   1228 N N   . SER B 1 58 ? -3.767  -13.119 0.716   1.000 40.179  ? 59  SER B N   1 
ATOM   1229 C CA  . SER B 1 58 ? -3.775  -14.473 0.158   1.000 42.179  ? 59  SER B CA  1 
ATOM   1230 C C   . SER B 1 58 ? -5.003  -15.298 0.545   1.000 42.134  ? 59  SER B C   1 
ATOM   1231 O O   . SER B 1 58 ? -5.415  -16.185 -0.202  1.000 42.313  ? 59  SER B O   1 
ATOM   1232 C CB  . SER B 1 58 ? -2.505  -15.229 0.558   1.000 42.818  ? 59  SER B CB  1 
ATOM   1233 O OG  . SER B 1 58 ? -2.530  -15.565 1.936   1.000 45.521  ? 59  SER B OG  1 
ATOM   1234 N N   . ASP B 1 59 ? -5.575  -15.008 1.712   1.000 42.600  ? 60  ASP B N   1 
ATOM   1235 C CA  . ASP B 1 59 ? -6.772  -15.708 2.182   1.000 41.644  ? 60  ASP B CA  1 
ATOM   1236 C C   . ASP B 1 59 ? -8.059  -15.048 1.675   1.000 40.742  ? 60  ASP B C   1 
ATOM   1237 O O   . ASP B 1 59 ? -9.160  -15.426 2.073   1.000 40.447  ? 60  ASP B O   1 
ATOM   1238 C CB  . ASP B 1 59 ? -6.786  -15.803 3.714   1.000 42.497  ? 60  ASP B CB  1 
ATOM   1239 C CG  . ASP B 1 59 ? -7.051  -14.459 4.393   1.000 44.590  ? 60  ASP B CG  1 
ATOM   1240 O OD1 . ASP B 1 59 ? -7.436  -14.466 5.584   1.000 47.650  ? 60  ASP B OD1 1 
ATOM   1241 O OD2 . ASP B 1 59 ? -6.877  -13.401 3.744   1.000 44.387  ? 60  ASP B OD2 1 
ATOM   1242 N N   . TRP B 1 60 ? -7.912  -14.051 0.809   1.000 35.507  ? 61  TRP B N   1 
ATOM   1243 C CA  . TRP B 1 60 ? -9.054  -13.424 0.167   1.000 34.201  ? 61  TRP B CA  1 
ATOM   1244 C C   . TRP B 1 60 ? -9.879  -12.566 1.116   1.000 33.651  ? 61  TRP B C   1 
ATOM   1245 O O   . TRP B 1 60 ? -11.073 -12.351 0.899   1.000 34.923  ? 61  TRP B O   1 
ATOM   1246 C CB  . TRP B 1 60 ? -9.930  -14.478 -0.510  1.000 34.538  ? 61  TRP B CB  1 
ATOM   1247 C CG  . TRP B 1 60 ? -9.377  -14.925 -1.820  1.000 32.646  ? 61  TRP B CG  1 
ATOM   1248 C CD1 . TRP B 1 60 ? -8.211  -15.609 -2.032  1.000 30.390  ? 61  TRP B CD1 1 
ATOM   1249 C CD2 . TRP B 1 60 ? -9.961  -14.711 -3.108  1.000 31.130  ? 61  TRP B CD2 1 
ATOM   1250 N NE1 . TRP B 1 60 ? -8.034  -15.829 -3.378  1.000 31.054  ? 61  TRP B NE1 1 
ATOM   1251 C CE2 . TRP B 1 60 ? -9.096  -15.289 -4.059  1.000 32.196  ? 61  TRP B CE2 1 
ATOM   1252 C CE3 . TRP B 1 60 ? -11.129 -14.086 -3.552  1.000 28.014  ? 61  TRP B CE3 1 
ATOM   1253 C CZ2 . TRP B 1 60 ? -9.367  -15.262 -5.423  1.000 33.133  ? 61  TRP B CZ2 1 
ATOM   1254 C CZ3 . TRP B 1 60 ? -11.395 -14.063 -4.899  1.000 29.719  ? 61  TRP B CZ3 1 
ATOM   1255 C CH2 . TRP B 1 60 ? -10.522 -14.644 -5.822  1.000 31.901  ? 61  TRP B CH2 1 
ATOM   1256 N N   . SER B 1 61 ? -9.247  -12.087 2.174   1.000 31.322  ? 62  SER B N   1 
ATOM   1257 C CA  . SER B 1 61 ? -9.814  -11.004 2.957   1.000 30.906  ? 62  SER B CA  1 
ATOM   1258 C C   . SER B 1 61 ? -9.121  -9.748  2.456   1.000 29.519  ? 62  SER B C   1 
ATOM   1259 O O   . SER B 1 61 ? -8.180  -9.836  1.662   1.000 29.175  ? 62  SER B O   1 
ATOM   1260 C CB  . SER B 1 61 ? -9.566  -11.209 4.456   1.000 31.625  ? 62  SER B CB  1 
ATOM   1261 O OG  . SER B 1 61 ? -8.180  -11.354 4.741   1.000 33.778  ? 62  SER B OG  1 
ATOM   1262 N N   . PHE B 1 62 ? -9.582  -8.586  2.903   1.000 28.498  ? 63  PHE B N   1 
ATOM   1263 C CA  . PHE B 1 62 ? -8.996  -7.330  2.451   1.000 28.609  ? 63  PHE B CA  1 
ATOM   1264 C C   . PHE B 1 62 ? -8.547  -6.449  3.612   1.000 28.953  ? 63  PHE B C   1 
ATOM   1265 O O   . PHE B 1 62 ? -8.942  -6.667  4.757   1.000 29.219  ? 63  PHE B O   1 
ATOM   1266 C CB  . PHE B 1 62 ? -9.958  -6.602  1.509   1.000 27.369  ? 63  PHE B CB  1 
ATOM   1267 C CG  . PHE B 1 62 ? -10.326 -7.412  0.301   1.000 29.198  ? 63  PHE B CG  1 
ATOM   1268 C CD1 . PHE B 1 62 ? -9.567  -7.336  -0.862  1.000 26.198  ? 63  PHE B CD1 1 
ATOM   1269 C CD2 . PHE B 1 62 ? -11.404 -8.280  0.335   1.000 27.822  ? 63  PHE B CD2 1 
ATOM   1270 C CE1 . PHE B 1 62 ? -9.897  -8.097  -1.967  1.000 26.479  ? 63  PHE B CE1 1 
ATOM   1271 C CE2 . PHE B 1 62 ? -11.731 -9.044  -0.773  1.000 27.424  ? 63  PHE B CE2 1 
ATOM   1272 C CZ  . PHE B 1 62 ? -10.977 -8.951  -1.920  1.000 26.961  ? 63  PHE B CZ  1 
ATOM   1273 N N   . LYS B 1 63 ? -7.698  -5.471  3.298   1.000 30.127  ? 64  LYS B N   1 
ATOM   1274 C CA  . LYS B 1 63 ? -7.125  -4.550  4.280   1.000 30.667  ? 64  LYS B CA  1 
ATOM   1275 C C   . LYS B 1 63 ? -7.216  -3.145  3.728   1.000 29.075  ? 64  LYS B C   1 
ATOM   1276 O O   . LYS B 1 63 ? -7.037  -2.938  2.538   1.000 27.540  ? 64  LYS B O   1 
ATOM   1277 C CB  . LYS B 1 63 ? -5.648  -4.863  4.514   1.000 31.317  ? 64  LYS B CB  1 
ATOM   1278 C CG  . LYS B 1 63 ? -5.345  -5.659  5.750   1.000 36.483  ? 64  LYS B CG  1 
ATOM   1279 C CD  . LYS B 1 63 ? -3.845  -5.951  5.839   1.000 40.976  ? 64  LYS B CD  1 
ATOM   1280 C CE  . LYS B 1 63 ? -3.015  -4.943  5.036   1.000 44.179  ? 64  LYS B CE  1 
ATOM   1281 N NZ  . LYS B 1 63 ? -1.574  -5.295  4.959   1.000 49.348  ? 64  LYS B NZ  1 
ATOM   1282 N N   . LEU B 1 64 ? -7.483  -2.183  4.603   1.000 32.296  ? 65  LEU B N   1 
ATOM   1283 C CA  . LEU B 1 64 ? -7.592  -0.792  4.218   1.000 32.099  ? 65  LEU B CA  1 
ATOM   1284 C C   . LEU B 1 64 ? -7.299  0.048   5.448   1.000 32.359  ? 65  LEU B C   1 
ATOM   1285 O O   . LEU B 1 64 ? -7.544  -0.396  6.561   1.000 33.543  ? 65  LEU B O   1 
ATOM   1286 C CB  . LEU B 1 64 ? -9.002  -0.497  3.708   1.000 31.717  ? 65  LEU B CB  1 
ATOM   1287 C CG  . LEU B 1 64 ? -9.247  0.905   3.146   1.000 30.714  ? 65  LEU B CG  1 
ATOM   1288 C CD1 . LEU B 1 64 ? -8.473  1.086   1.861   1.000 31.151  ? 65  LEU B CD1 1 
ATOM   1289 C CD2 . LEU B 1 64 ? -10.723 1.150   2.908   1.000 24.982  ? 65  LEU B CD2 1 
ATOM   1290 N N   . THR B 1 65 ? -6.790  1.259   5.237   1.000 30.438  ? 66  THR B N   1 
ATOM   1291 C CA  . THR B 1 65 ? -6.478  2.183   6.322   1.000 31.283  ? 66  THR B CA  1 
ATOM   1292 C C   . THR B 1 65 ? -6.802  3.618   5.919   1.000 31.835  ? 66  THR B C   1 
ATOM   1293 O O   . THR B 1 65 ? -6.374  4.089   4.877   1.000 31.649  ? 66  THR B O   1 
ATOM   1294 C CB  . THR B 1 65 ? -4.975  2.129   6.701   1.000 31.559  ? 66  THR B CB  1 
ATOM   1295 O OG1 . THR B 1 65 ? -4.585  0.772   6.916   1.000 33.809  ? 66  THR B OG1 1 
ATOM   1296 C CG2 . THR B 1 65 ? -4.695  2.919   7.971   1.000 32.485  ? 66  THR B CG2 1 
ATOM   1297 N N   . ARG B 1 66 ? -7.558  4.315   6.748   1.000 33.336  ? 67  ARG B N   1 
ATOM   1298 C CA  . ARG B 1 66 ? -7.716  5.750   6.566   1.000 33.691  ? 67  ARG B CA  1 
ATOM   1299 C C   . ARG B 1 66 ? -7.082  6.495   7.732   1.000 34.370  ? 67  ARG B C   1 
ATOM   1300 O O   . ARG B 1 66 ? -7.182  6.073   8.884   1.000 34.346  ? 67  ARG B O   1 
ATOM   1301 C CB  . ARG B 1 66 ? -9.187  6.151   6.419   1.000 33.180  ? 67  ARG B CB  1 
ATOM   1302 C CG  . ARG B 1 66 ? -9.339  7.608   6.058   1.000 33.920  ? 67  ARG B CG  1 
ATOM   1303 C CD  . ARG B 1 66 ? -10.780 8.005   5.904   1.000 35.320  ? 67  ARG B CD  1 
ATOM   1304 N NE  . ARG B 1 66 ? -11.430 7.355   4.769   1.000 36.402  ? 67  ARG B NE  1 
ATOM   1305 C CZ  . ARG B 1 66 ? -11.460 7.850   3.537   1.000 37.876  ? 67  ARG B CZ  1 
ATOM   1306 N NH1 . ARG B 1 66 ? -10.859 9.001   3.267   1.000 40.315  ? 67  ARG B NH1 1 
ATOM   1307 N NH2 . ARG B 1 66 ? -12.091 7.191   2.572   1.000 32.114  ? 67  ARG B NH2 1 
ATOM   1308 N N   . TYR B 1 67 ? -6.420  7.604   7.426   1.000 33.091  ? 68  TYR B N   1 
ATOM   1309 C CA  . TYR B 1 67 ? -5.757  8.382   8.460   1.000 33.430  ? 68  TYR B CA  1 
ATOM   1310 C C   . TYR B 1 67 ? -5.765  9.869   8.135   1.000 33.559  ? 68  TYR B C   1 
ATOM   1311 O O   . TYR B 1 67 ? -6.064  10.271  7.014   1.000 32.567  ? 68  TYR B O   1 
ATOM   1312 C CB  . TYR B 1 67 ? -4.333  7.873   8.699   1.000 32.707  ? 68  TYR B CB  1 
ATOM   1313 C CG  . TYR B 1 67 ? -3.449  7.859   7.475   1.000 33.954  ? 68  TYR B CG  1 
ATOM   1314 C CD1 . TYR B 1 67 ? -2.565  8.900   7.222   1.000 35.075  ? 68  TYR B CD1 1 
ATOM   1315 C CD2 . TYR B 1 67 ? -3.491  6.800   6.575   1.000 34.557  ? 68  TYR B CD2 1 
ATOM   1316 C CE1 . TYR B 1 67 ? -1.752  8.893   6.104   1.000 39.086  ? 68  TYR B CE1 1 
ATOM   1317 C CE2 . TYR B 1 67 ? -2.679  6.777   5.455   1.000 36.394  ? 68  TYR B CE2 1 
ATOM   1318 C CZ  . TYR B 1 67 ? -1.810  7.825   5.225   1.000 40.057  ? 68  TYR B CZ  1 
ATOM   1319 O OH  . TYR B 1 67 ? -1.004  7.812   4.109   1.000 44.908  ? 68  TYR B OH  1 
ATOM   1320 N N   . VAL B 1 68 ? -5.453  10.677  9.137   1.000 31.662  ? 69  VAL B N   1 
ATOM   1321 C CA  . VAL B 1 68 ? -5.348  12.120  8.970   1.000 33.672  ? 69  VAL B CA  1 
ATOM   1322 C C   . VAL B 1 68 ? -4.523  12.688  10.116  1.000 35.202  ? 69  VAL B C   1 
ATOM   1323 O O   . VAL B 1 68 ? -4.605  12.213  11.247  1.000 36.554  ? 69  VAL B O   1 
ATOM   1324 C CB  . VAL B 1 68 ? -6.735  12.800  8.950   1.000 34.244  ? 69  VAL B CB  1 
ATOM   1325 C CG1 . VAL B 1 68 ? -7.402  12.683  10.320  1.000 36.102  ? 69  VAL B CG1 1 
ATOM   1326 C CG2 . VAL B 1 68 ? -6.622  14.275  8.508   1.000 33.696  ? 69  VAL B CG2 1 
ATOM   1327 N N   . GLU B 1 69 ? -3.703  13.686  9.811   1.000 46.845  ? 70  GLU B N   1 
ATOM   1328 C CA  . GLU B 1 69 ? -2.983  14.403  10.848  1.000 48.885  ? 70  GLU B CA  1 
ATOM   1329 C C   . GLU B 1 69 ? -3.996  15.247  11.612  1.000 49.969  ? 70  GLU B C   1 
ATOM   1330 O O   . GLU B 1 69 ? -4.955  15.759  11.028  1.000 48.945  ? 70  GLU B O   1 
ATOM   1331 C CB  . GLU B 1 69 ? -1.887  15.272  10.230  1.000 48.474  ? 70  GLU B CB  1 
ATOM   1332 C CG  . GLU B 1 69 ? -1.995  16.750  10.547  1.000 53.083  ? 70  GLU B CG  1 
ATOM   1333 C CD  . GLU B 1 69 ? -1.240  17.141  11.805  1.000 56.688  ? 70  GLU B CD  1 
ATOM   1334 O OE1 . GLU B 1 69 ? -0.242  16.454  12.134  1.000 56.896  ? 70  GLU B OE1 1 
ATOM   1335 O OE2 . GLU B 1 69 ? -1.641  18.138  12.453  1.000 58.675  ? 70  GLU B OE2 1 
ATOM   1336 N N   . PHE B 1 70 ? -3.798  15.374  12.919  1.000 43.882  ? 71  PHE B N   1 
ATOM   1337 C CA  . PHE B 1 70 ? -4.718  16.146  13.743  1.000 46.750  ? 71  PHE B CA  1 
ATOM   1338 C C   . PHE B 1 70 ? -4.045  16.643  15.017  1.000 49.427  ? 71  PHE B C   1 
ATOM   1339 O O   . PHE B 1 70 ? -2.976  16.166  15.400  1.000 50.209  ? 71  PHE B O   1 
ATOM   1340 C CB  . PHE B 1 70 ? -5.967  15.317  14.081  1.000 46.619  ? 71  PHE B CB  1 
ATOM   1341 C CG  . PHE B 1 70 ? -5.752  14.301  15.172  1.000 45.011  ? 71  PHE B CG  1 
ATOM   1342 C CD1 . PHE B 1 70 ? -4.942  13.197  14.965  1.000 43.560  ? 71  PHE B CD1 1 
ATOM   1343 C CD2 . PHE B 1 70 ? -6.371  14.448  16.407  1.000 46.900  ? 71  PHE B CD2 1 
ATOM   1344 C CE1 . PHE B 1 70 ? -4.743  12.258  15.972  1.000 42.379  ? 71  PHE B CE1 1 
ATOM   1345 C CE2 . PHE B 1 70 ? -6.171  13.510  17.423  1.000 44.771  ? 71  PHE B CE2 1 
ATOM   1346 C CZ  . PHE B 1 70 ? -5.358  12.415  17.201  1.000 43.166  ? 71  PHE B CZ  1 
ATOM   1347 N N   . THR B 1 71 ? -4.674  17.616  15.664  1.000 59.276  ? 72  THR B N   1 
ATOM   1348 C CA  . THR B 1 71 ? -4.200  18.120  16.942  1.000 62.081  ? 72  THR B CA  1 
ATOM   1349 C C   . THR B 1 71 ? -5.202  17.725  18.015  1.000 63.939  ? 72  THR B C   1 
ATOM   1350 O O   . THR B 1 71 ? -6.320  18.237  18.037  1.000 63.887  ? 72  THR B O   1 
ATOM   1351 C CB  . THR B 1 71 ? -4.055  19.654  16.920  1.000 62.921  ? 72  THR B CB  1 
ATOM   1352 O OG1 . THR B 1 71 ? -3.115  20.035  15.906  1.000 63.081  ? 72  THR B OG1 1 
ATOM   1353 C CG2 . THR B 1 71 ? -3.573  20.173  18.270  1.000 64.763  ? 72  THR B CG2 1 
ATOM   1354 N N   . PRO B 1 72 ? -4.815  16.795  18.899  1.000 65.866  ? 73  PRO B N   1 
ATOM   1355 C CA  . PRO B 1 72 ? -5.714  16.337  19.968  1.000 68.456  ? 73  PRO B CA  1 
ATOM   1356 C C   . PRO B 1 72 ? -6.113  17.472  20.914  1.000 71.311  ? 73  PRO B C   1 
ATOM   1357 O O   . PRO B 1 72 ? -5.247  18.181  21.432  1.000 71.945  ? 73  PRO B O   1 
ATOM   1358 C CB  . PRO B 1 72 ? -4.877  15.287  20.711  1.000 67.937  ? 73  PRO B CB  1 
ATOM   1359 C CG  . PRO B 1 72 ? -3.829  14.855  19.724  1.000 67.221  ? 73  PRO B CG  1 
ATOM   1360 C CD  . PRO B 1 72 ? -3.530  16.077  18.903  1.000 65.958  ? 73  PRO B CD  1 
ATOM   1361 N N   . GLN B 1 73 ? -7.416  17.631  21.133  1.000 107.723 ? 74  GLN B N   1 
ATOM   1362 C CA  . GLN B 1 73 ? -7.939  18.704  21.972  1.000 110.771 ? 74  GLN B CA  1 
ATOM   1363 C C   . GLN B 1 73 ? -8.694  18.160  23.188  1.000 112.395 ? 74  GLN B C   1 
ATOM   1364 O O   . GLN B 1 73 ? -9.324  17.103  23.119  1.000 111.958 ? 74  GLN B O   1 
ATOM   1365 C CB  . GLN B 1 73 ? -8.852  19.616  21.151  1.000 111.361 ? 74  GLN B CB  1 
ATOM   1366 C CG  . GLN B 1 73 ? -8.232  20.084  19.843  1.000 112.298 ? 74  GLN B CG  1 
ATOM   1367 C CD  . GLN B 1 73 ? -9.131  21.032  19.072  1.000 116.603 ? 74  GLN B CD  1 
ATOM   1368 O OE1 . GLN B 1 73 ? -10.103 21.560  19.611  1.000 120.499 ? 74  GLN B OE1 1 
ATOM   1369 N NE2 . GLN B 1 73 ? -8.805  21.255  17.805  1.000 114.708 ? 74  GLN B NE2 1 
ATOM   1370 N N   . SER B 1 74 ? -8.621  18.891  24.298  1.000 92.703  ? 75  SER B N   1 
ATOM   1371 C CA  . SER B 1 74 ? -9.293  18.497  25.532  1.000 93.667  ? 75  SER B CA  1 
ATOM   1372 C C   . SER B 1 74 ? -10.806 18.510  25.351  1.000 93.974  ? 75  SER B C   1 
ATOM   1373 O O   . SER B 1 74 ? -11.381 19.525  24.960  1.000 94.117  ? 75  SER B O   1 
ATOM   1374 C CB  . SER B 1 74 ? -8.893  19.432  26.677  1.000 94.967  ? 75  SER B CB  1 
ATOM   1375 O OG  . SER B 1 74 ? -9.574  19.103  27.876  1.000 96.035  ? 75  SER B OG  1 
ATOM   1376 N N   . GLY B 1 75 ? -11.446 17.379  25.631  1.000 86.818  ? 76  GLY B N   1 
ATOM   1377 C CA  . GLY B 1 75 ? -12.893 17.281  25.530  1.000 87.684  ? 76  GLY B CA  1 
ATOM   1378 C C   . GLY B 1 75 ? -13.386 16.649  24.239  1.000 86.971  ? 76  GLY B C   1 
ATOM   1379 O O   . GLY B 1 75 ? -14.561 16.290  24.123  1.000 87.403  ? 76  GLY B O   1 
ATOM   1380 N N   . TYR B 1 76 ? -12.485 16.514  23.270  1.000 84.752  ? 77  TYR B N   1 
ATOM   1381 C CA  . TYR B 1 76 ? -12.814 15.917  21.980  1.000 82.905  ? 77  TYR B CA  1 
ATOM   1382 C C   . TYR B 1 76 ? -12.743 14.396  22.034  1.000 81.215  ? 77  TYR B C   1 
ATOM   1383 O O   . TYR B 1 76 ? -11.868 13.827  22.690  1.000 80.920  ? 77  TYR B O   1 
ATOM   1384 C CB  . TYR B 1 76 ? -11.869 16.436  20.897  1.000 82.265  ? 77  TYR B CB  1 
ATOM   1385 C CG  . TYR B 1 76 ? -12.200 17.818  20.391  1.000 83.894  ? 77  TYR B CG  1 
ATOM   1386 C CD1 . TYR B 1 76 ? -12.111 18.925  21.221  1.000 87.392  ? 77  TYR B CD1 1 
ATOM   1387 C CD2 . TYR B 1 76 ? -12.586 18.018  19.074  1.000 84.668  ? 77  TYR B CD2 1 
ATOM   1388 C CE1 . TYR B 1 76 ? -12.409 20.194  20.756  1.000 88.003  ? 77  TYR B CE1 1 
ATOM   1389 C CE2 . TYR B 1 76 ? -12.884 19.282  18.599  1.000 86.455  ? 77  TYR B CE2 1 
ATOM   1390 C CZ  . TYR B 1 76 ? -12.795 20.366  19.445  1.000 87.753  ? 77  TYR B CZ  1 
ATOM   1391 O OH  . TYR B 1 76 ? -13.089 21.624  18.971  1.000 88.142  ? 77  TYR B OH  1 
ATOM   1392 N N   . LYS B 1 77 ? -13.671 13.745  21.343  1.000 74.064  ? 78  LYS B N   1 
ATOM   1393 C CA  . LYS B 1 77 ? -13.675 12.291  21.245  1.000 72.553  ? 78  LYS B CA  1 
ATOM   1394 C C   . LYS B 1 77 ? -13.522 11.837  19.790  1.000 69.785  ? 78  LYS B C   1 
ATOM   1395 O O   . LYS B 1 77 ? -14.305 12.220  18.915  1.000 69.493  ? 78  LYS B O   1 
ATOM   1396 C CB  . LYS B 1 77 ? -14.931 11.693  21.901  1.000 73.761  ? 78  LYS B CB  1 
ATOM   1397 C CG  . LYS B 1 77 ? -16.263 12.248  21.396  1.000 76.712  ? 78  LYS B CG  1 
ATOM   1398 C CD  . LYS B 1 77 ? -17.069 12.897  22.526  1.000 79.796  ? 78  LYS B CD  1 
ATOM   1399 C CE  . LYS B 1 77 ? -18.581 12.822  22.280  1.000 81.744  ? 78  LYS B CE  1 
ATOM   1400 N NZ  . LYS B 1 77 ? -19.032 13.521  21.039  1.000 79.954  ? 78  LYS B NZ  1 
ATOM   1401 N N   . TYR B 1 78 ? -12.498 11.024  19.547  1.000 67.021  ? 79  TYR B N   1 
ATOM   1402 C CA  . TYR B 1 78 ? -12.144 10.592  18.196  1.000 63.884  ? 79  TYR B CA  1 
ATOM   1403 C C   . TYR B 1 78 ? -12.557 9.154   17.919  1.000 62.352  ? 79  TYR B C   1 
ATOM   1404 O O   . TYR B 1 78 ? -12.255 8.246   18.694  1.000 62.752  ? 79  TYR B O   1 
ATOM   1405 C CB  . TYR B 1 78 ? -10.644 10.794  17.951  1.000 62.829  ? 79  TYR B CB  1 
ATOM   1406 C CG  . TYR B 1 78 ? -10.240 12.228  18.168  1.000 64.326  ? 79  TYR B CG  1 
ATOM   1407 C CD1 . TYR B 1 78 ? -10.396 13.173  17.164  1.000 63.966  ? 79  TYR B CD1 1 
ATOM   1408 C CD2 . TYR B 1 78 ? -9.747  12.650  19.396  1.000 64.634  ? 79  TYR B CD2 1 
ATOM   1409 C CE1 . TYR B 1 78 ? -10.053 14.494  17.369  1.000 64.402  ? 79  TYR B CE1 1 
ATOM   1410 C CE2 . TYR B 1 78 ? -9.401  13.967  19.610  1.000 65.081  ? 79  TYR B CE2 1 
ATOM   1411 C CZ  . TYR B 1 78 ? -9.556  14.886  18.596  1.000 64.642  ? 79  TYR B CZ  1 
ATOM   1412 O OH  . TYR B 1 78 ? -9.211  16.202  18.815  1.000 64.913  ? 79  TYR B OH  1 
ATOM   1413 N N   . SER B 1 79 ? -13.258 8.957   16.809  1.000 53.554  ? 80  SER B N   1 
ATOM   1414 C CA  . SER B 1 79 ? -13.710 7.628   16.426  1.000 51.356  ? 80  SER B CA  1 
ATOM   1415 C C   . SER B 1 79 ? -13.657 7.428   14.914  1.000 49.032  ? 80  SER B C   1 
ATOM   1416 O O   . SER B 1 79 ? -13.231 8.310   14.169  1.000 49.122  ? 80  SER B O   1 
ATOM   1417 C CB  . SER B 1 79 ? -15.131 7.382   16.925  1.000 51.106  ? 80  SER B CB  1 
ATOM   1418 O OG  . SER B 1 79 ? -16.047 8.238   16.272  1.000 51.988  ? 80  SER B OG  1 
ATOM   1419 N N   . CYS B 1 80 ? -14.111 6.262   14.478  1.000 49.393  ? 81  CYS B N   1 
ATOM   1420 C CA  . CYS B 1 80 ? -14.156 5.914   13.074  1.000 47.666  ? 81  CYS B CA  1 
ATOM   1421 C C   . CYS B 1 80 ? -15.442 5.131   12.832  1.000 47.703  ? 81  CYS B C   1 
ATOM   1422 O O   . CYS B 1 80 ? -15.736 4.165   13.536  1.000 48.951  ? 81  CYS B O   1 
ATOM   1423 C CB  . CYS B 1 80 ? -12.917 5.084   12.701  1.000 46.174  ? 81  CYS B CB  1 
ATOM   1424 S SG  . CYS B 1 80 ? -12.822 4.487   10.975  1.000 46.248  ? 81  CYS B SG  1 
ATOM   1425 N N   . MET B 1 81 ? -16.216 5.570   11.848  1.000 44.463  ? 82  MET B N   1 
ATOM   1426 C CA  . MET B 1 81 ? -17.430 4.878   11.449  1.000 45.263  ? 82  MET B CA  1 
ATOM   1427 C C   . MET B 1 81 ? -17.096 3.941   10.291  1.000 44.129  ? 82  MET B C   1 
ATOM   1428 O O   . MET B 1 81 ? -16.590 4.380   9.258   1.000 43.350  ? 82  MET B O   1 
ATOM   1429 C CB  . MET B 1 81 ? -18.492 5.902   11.038  1.000 45.777  ? 82  MET B CB  1 
ATOM   1430 C CG  . MET B 1 81 ? -19.868 5.327   10.699  1.000 50.330  ? 82  MET B CG  1 
ATOM   1431 S SD  . MET B 1 81 ? -20.722 4.564   12.096  1.000 58.973  ? 82  MET B SD  1 
ATOM   1432 C CE  . MET B 1 81 ? -22.415 5.030   11.728  1.000 58.423  ? 82  MET B CE  1 
ATOM   1433 N N   . VAL B 1 82 ? -17.361 2.649   10.475  1.000 43.550  ? 83  VAL B N   1 
ATOM   1434 C CA  . VAL B 1 82 ? -17.048 1.640   9.469   1.000 42.960  ? 83  VAL B CA  1 
ATOM   1435 C C   . VAL B 1 82 ? -18.316 1.040   8.865   1.000 44.261  ? 83  VAL B C   1 
ATOM   1436 O O   . VAL B 1 82 ? -19.091 0.388   9.559   1.000 45.263  ? 83  VAL B O   1 
ATOM   1437 C CB  . VAL B 1 82 ? -16.178 0.498   10.062  1.000 42.571  ? 83  VAL B CB  1 
ATOM   1438 C CG1 . VAL B 1 82 ? -15.917 -0.585  9.026   1.000 40.571  ? 83  VAL B CG1 1 
ATOM   1439 C CG2 . VAL B 1 82 ? -14.867 1.045   10.589  1.000 40.931  ? 83  VAL B CG2 1 
ATOM   1440 N N   . THR B 1 83 ? -18.520 1.258   7.570   1.000 39.647  ? 84  THR B N   1 
ATOM   1441 C CA  . THR B 1 83 ? -19.671 0.686   6.878   1.000 40.986  ? 84  THR B CA  1 
ATOM   1442 C C   . THR B 1 83 ? -19.288 -0.521  6.021   1.000 40.539  ? 84  THR B C   1 
ATOM   1443 O O   . THR B 1 83 ? -18.480 -0.410  5.097   1.000 39.418  ? 84  THR B O   1 
ATOM   1444 C CB  . THR B 1 83 ? -20.355 1.715   5.974   1.000 41.073  ? 84  THR B CB  1 
ATOM   1445 O OG1 . THR B 1 83 ? -20.591 2.918   6.713   1.000 43.234  ? 84  THR B OG1 1 
ATOM   1446 C CG2 . THR B 1 83 ? -21.673 1.160   5.459   1.000 42.953  ? 84  THR B CG2 1 
ATOM   1447 N N   . HIS B 1 84 ? -19.882 -1.669  6.324   1.000 42.750  ? 85  HIS B N   1 
ATOM   1448 C CA  . HIS B 1 84 ? -19.610 -2.883  5.571   1.000 43.247  ? 85  HIS B CA  1 
ATOM   1449 C C   . HIS B 1 84 ? -20.835 -3.801  5.523   1.000 45.598  ? 85  HIS B C   1 
ATOM   1450 O O   . HIS B 1 84 ? -21.467 -4.069  6.547   1.000 46.482  ? 85  HIS B O   1 
ATOM   1451 C CB  . HIS B 1 84 ? -18.404 -3.614  6.166   1.000 41.105  ? 85  HIS B CB  1 
ATOM   1452 C CG  . HIS B 1 84 ? -17.963 -4.807  5.372   1.000 37.783  ? 85  HIS B CG  1 
ATOM   1453 N ND1 . HIS B 1 84 ? -18.276 -6.100  5.733   1.000 35.765  ? 85  HIS B ND1 1 
ATOM   1454 C CD2 . HIS B 1 84 ? -17.224 -4.900  4.238   1.000 33.607  ? 85  HIS B CD2 1 
ATOM   1455 C CE1 . HIS B 1 84 ? -17.752 -6.938  4.856   1.000 34.709  ? 85  HIS B CE1 1 
ATOM   1456 N NE2 . HIS B 1 84 ? -17.108 -6.237  3.940   1.000 30.906  ? 85  HIS B NE2 1 
ATOM   1457 N N   . ASN B 1 85 ? -21.166 -4.270  4.322   1.000 56.023  ? 86  ASN B N   1 
ATOM   1458 C CA  . ASN B 1 85 ? -22.267 -5.211  4.124   1.000 58.365  ? 86  ASN B CA  1 
ATOM   1459 C C   . ASN B 1 85 ? -23.619 -4.658  4.565   1.000 60.586  ? 86  ASN B C   1 
ATOM   1460 O O   . ASN B 1 85 ? -24.462 -5.395  5.081   1.000 61.244  ? 86  ASN B O   1 
ATOM   1461 C CB  . ASN B 1 85 ? -21.977 -6.541  4.828   1.000 58.707  ? 86  ASN B CB  1 
ATOM   1462 C CG  . ASN B 1 85 ? -22.871 -7.670  4.340   1.000 59.689  ? 86  ASN B CG  1 
ATOM   1463 O OD1 . ASN B 1 85 ? -23.515 -7.561  3.297   1.000 59.299  ? 86  ASN B OD1 1 
ATOM   1464 N ND2 . ASN B 1 85 ? -22.909 -8.764  5.093   1.000 60.162  ? 86  ASN B ND2 1 
ATOM   1465 N N   . GLY B 1 86 ? -23.819 -3.360  4.355   1.000 72.222  ? 87  GLY B N   1 
ATOM   1466 C CA  . GLY B 1 86 ? -25.077 -2.714  4.688   1.000 75.267  ? 87  GLY B CA  1 
ATOM   1467 C C   . GLY B 1 86 ? -25.204 -2.342  6.155   1.000 76.964  ? 87  GLY B C   1 
ATOM   1468 O O   . GLY B 1 86 ? -26.259 -1.893  6.603   1.000 77.754  ? 87  GLY B O   1 
ATOM   1469 N N   . ASP B 1 87 ? -24.128 -2.529  6.908   1.000 76.970  ? 88  ASP B N   1 
ATOM   1470 C CA  . ASP B 1 87 ? -24.138 -2.218  8.329   1.000 78.596  ? 88  ASP B CA  1 
ATOM   1471 C C   . ASP B 1 87 ? -23.041 -1.223  8.691   1.000 78.286  ? 88  ASP B C   1 
ATOM   1472 O O   . ASP B 1 87 ? -21.976 -1.206  8.077   1.000 77.999  ? 88  ASP B O   1 
ATOM   1473 C CB  . ASP B 1 87 ? -23.999 -3.498  9.160   1.000 79.467  ? 88  ASP B CB  1 
ATOM   1474 C CG  . ASP B 1 87 ? -25.305 -4.270  9.264   1.000 81.960  ? 88  ASP B CG  1 
ATOM   1475 O OD1 . ASP B 1 87 ? -26.261 -3.741  9.876   1.000 84.752  ? 88  ASP B OD1 1 
ATOM   1476 O OD2 . ASP B 1 87 ? -25.376 -5.405  8.741   1.000 83.347  ? 88  ASP B OD2 1 
ATOM   1477 N N   . SER B 1 88 ? -23.313 -0.394  9.692   1.000 53.564  ? 89  SER B N   1 
ATOM   1478 C CA  . SER B 1 88 ? -22.357 0.605   10.138  1.000 52.501  ? 89  SER B CA  1 
ATOM   1479 C C   . SER B 1 88 ? -22.028 0.397   11.610  1.000 52.956  ? 89  SER B C   1 
ATOM   1480 O O   . SER B 1 88 ? -22.918 0.281   12.445  1.000 53.980  ? 89  SER B O   1 
ATOM   1481 C CB  . SER B 1 88 ? -22.921 2.006   9.913   1.000 52.567  ? 89  SER B CB  1 
ATOM   1482 O OG  . SER B 1 88 ? -23.422 2.151   8.595   1.000 50.967  ? 89  SER B OG  1 
ATOM   1483 N N   . LYS B 1 89 ? -20.740 0.346   11.923  1.000 64.721  ? 90  LYS B N   1 
ATOM   1484 C CA  . LYS B 1 89 ? -20.284 0.141   13.289  1.000 64.963  ? 90  LYS B CA  1 
ATOM   1485 C C   . LYS B 1 89 ? -19.266 1.221   13.647  1.000 64.439  ? 90  LYS B C   1 
ATOM   1486 O O   . LYS B 1 89 ? -18.287 1.416   12.933  1.000 63.592  ? 90  LYS B O   1 
ATOM   1487 C CB  . LYS B 1 89 ? -19.661 -1.252  13.427  1.000 64.960  ? 90  LYS B CB  1 
ATOM   1488 C CG  . LYS B 1 89 ? -19.291 -1.646  14.845  1.000 66.929  ? 90  LYS B CG  1 
ATOM   1489 C CD  . LYS B 1 89 ? -20.527 -1.826  15.722  1.000 68.629  ? 90  LYS B CD  1 
ATOM   1490 C CE  . LYS B 1 89 ? -20.146 -1.902  17.201  1.000 70.885  ? 90  LYS B CE  1 
ATOM   1491 N NZ  . LYS B 1 89 ? -21.324 -1.921  18.115  1.000 69.761  ? 90  LYS B NZ  1 
ATOM   1492 N N   . GLU B 1 90 ? -19.502 1.935   14.740  1.000 56.409  ? 91  GLU B N   1 
ATOM   1493 C CA  . GLU B 1 90 ? -18.581 2.983   15.157  1.000 55.659  ? 91  GLU B CA  1 
ATOM   1494 C C   . GLU B 1 90 ? -17.610 2.450   16.196  1.000 55.270  ? 91  GLU B C   1 
ATOM   1495 O O   . GLU B 1 90 ? -18.008 1.773   17.140  1.000 55.728  ? 91  GLU B O   1 
ATOM   1496 C CB  . GLU B 1 90 ? -19.335 4.197   15.705  1.000 56.894  ? 91  GLU B CB  1 
ATOM   1497 C CG  . GLU B 1 90 ? -18.424 5.318   16.175  1.000 57.641  ? 91  GLU B CG  1 
ATOM   1498 C CD  . GLU B 1 90 ? -19.169 6.602   16.495  1.000 60.373  ? 91  GLU B CD  1 
ATOM   1499 O OE1 . GLU B 1 90 ? -18.640 7.418   17.279  1.000 62.981  ? 91  GLU B OE1 1 
ATOM   1500 O OE2 . GLU B 1 90 ? -20.283 6.800   15.963  1.000 58.452  ? 91  GLU B OE2 1 
ATOM   1501 N N   . ILE B 1 91 ? -16.333 2.754   16.011  1.000 47.764  ? 92  ILE B N   1 
ATOM   1502 C CA  . ILE B 1 91 ? -15.298 2.298   16.923  1.000 47.171  ? 92  ILE B CA  1 
ATOM   1503 C C   . ILE B 1 91 ? -14.579 3.510   17.507  1.000 47.882  ? 92  ILE B C   1 
ATOM   1504 O O   . ILE B 1 91 ? -14.253 4.459   16.790  1.000 46.856  ? 92  ILE B O   1 
ATOM   1505 C CB  . ILE B 1 91 ? -14.275 1.386   16.207  1.000 45.832  ? 92  ILE B CB  1 
ATOM   1506 C CG1 . ILE B 1 91 ? -14.977 0.396   15.265  1.000 44.682  ? 92  ILE B CG1 1 
ATOM   1507 C CG2 . ILE B 1 91 ? -13.392 0.667   17.216  1.000 46.048  ? 92  ILE B CG2 1 
ATOM   1508 C CD1 . ILE B 1 91 ? -15.791 -0.677  15.965  1.000 45.040  ? 92  ILE B CD1 1 
ATOM   1509 N N   . GLN B 1 92 ? -14.327 3.470   18.811  1.000 50.835  ? 93  GLN B N   1 
ATOM   1510 C CA  . GLN B 1 92 ? -13.714 4.588   19.523  1.000 52.401  ? 93  GLN B CA  1 
ATOM   1511 C C   . GLN B 1 92 ? -12.199 4.476   19.644  1.000 53.230  ? 93  GLN B C   1 
ATOM   1512 O O   . GLN B 1 92 ? -11.636 3.380   19.660  1.000 52.362  ? 93  GLN B O   1 
ATOM   1513 C CB  . GLN B 1 92 ? -14.307 4.697   20.928  1.000 53.585  ? 93  GLN B CB  1 
ATOM   1514 C CG  . GLN B 1 92 ? -15.778 5.039   20.959  1.000 54.943  ? 93  GLN B CG  1 
ATOM   1515 C CD  . GLN B 1 92 ? -16.052 6.421   20.415  1.000 58.023  ? 93  GLN B CD  1 
ATOM   1516 O OE1 . GLN B 1 92 ? -15.355 7.384   20.750  1.000 60.076  ? 93  GLN B OE1 1 
ATOM   1517 N NE2 . GLN B 1 92 ? -17.072 6.532   19.570  1.000 57.931  ? 93  GLN B NE2 1 
ATOM   1518 N N   . LEU B 1 93 ? -11.544 5.629   19.732  1.000 51.683  ? 94  LEU B N   1 
ATOM   1519 C CA  . LEU B 1 93 ? -10.156 5.693   20.158  1.000 53.741  ? 94  LEU B CA  1 
ATOM   1520 C C   . LEU B 1 93 ? -10.174 5.593   21.682  1.000 57.488  ? 94  LEU B C   1 
ATOM   1521 O O   . LEU B 1 93 ? -11.192 5.901   22.314  1.000 58.152  ? 94  LEU B O   1 
ATOM   1522 C CB  . LEU B 1 93 ? -9.533  7.020   19.714  1.000 52.696  ? 94  LEU B CB  1 
ATOM   1523 C CG  . LEU B 1 93 ? -8.078  7.320   20.082  1.000 50.496  ? 94  LEU B CG  1 
ATOM   1524 C CD1 . LEU B 1 93 ? -7.115  6.412   19.334  1.000 47.908  ? 94  LEU B CD1 1 
ATOM   1525 C CD2 . LEU B 1 93 ? -7.763  8.778   19.798  1.000 47.537  ? 94  LEU B CD2 1 
ATOM   1526 N N   . ASP B 1 94 ? -9.068  5.156   22.277  1.000 136.719 ? 95  ASP B N   1 
ATOM   1527 C CA  . ASP B 1 94 ? -9.005  5.017   23.730  1.000 140.806 ? 95  ASP B CA  1 
ATOM   1528 C C   . ASP B 1 94 ? -7.768  5.702   24.311  1.000 142.662 ? 95  ASP B C   1 
ATOM   1529 O O   . ASP B 1 94 ? -6.649  5.452   23.865  1.000 142.280 ? 95  ASP B O   1 
ATOM   1530 C CB  . ASP B 1 94 ? -9.027  3.539   24.127  1.000 141.230 ? 95  ASP B CB  1 
ATOM   1531 C CG  . ASP B 1 94 ? -9.300  3.334   25.606  1.000 143.730 ? 95  ASP B CG  1 
ATOM   1532 O OD1 . ASP B 1 94 ? -9.603  4.328   26.300  1.000 145.454 ? 95  ASP B OD1 1 
ATOM   1533 O OD2 . ASP B 1 94 ? -9.217  2.178   26.072  1.000 144.962 ? 95  ASP B OD2 1 
ATOM   1534 N N   . ARG B 1 95 ? -7.972  6.567   25.303  1.000 112.387 ? 96  ARG B N   1 
ATOM   1535 C CA  . ARG B 1 95 ? -6.854  7.262   25.947  1.000 114.287 ? 96  ARG B CA  1 
ATOM   1536 C C   . ARG B 1 95 ? -7.161  7.731   27.371  1.000 116.461 ? 96  ARG B C   1 
ATOM   1537 O O   . ARG B 1 95 ? -8.223  8.290   27.640  1.000 117.204 ? 96  ARG B O   1 
ATOM   1538 C CB  . ARG B 1 95 ? -6.361  8.428   25.076  1.000 113.574 ? 96  ARG B CB  1 
ATOM   1539 C CG  . ARG B 1 95 ? -7.422  9.448   24.676  1.000 113.903 ? 96  ARG B CG  1 
ATOM   1540 C CD  . ARG B 1 95 ? -7.584  10.528  25.733  1.000 115.459 ? 96  ARG B CD  1 
ATOM   1541 N NE  . ARG B 1 95 ? -6.298  10.943  26.285  1.000 115.014 ? 96  ARG B NE  1 
ATOM   1542 C CZ  . ARG B 1 95 ? -5.555  11.933  25.799  1.000 114.622 ? 96  ARG B CZ  1 
ATOM   1543 N NH1 . ARG B 1 95 ? -5.972  12.620  24.744  1.000 112.563 ? 96  ARG B NH1 1 
ATOM   1544 N NH2 . ARG B 1 95 ? -4.397  12.237  26.370  1.000 113.700 ? 96  ARG B NH2 1 
HETATM 1545 O O   . HOH C 2 .  ? 0.525   3.701   -17.622 1.000 42.720  ? 101 HOH A O   1 
HETATM 1546 O O   . HOH C 2 .  ? -7.847  -4.819  -19.542 1.000 42.480  ? 102 HOH A O   1 
HETATM 1547 O O   . HOH C 2 .  ? 1.036   -14.469 -21.478 1.000 42.720  ? 103 HOH A O   1 
HETATM 1548 O O   . HOH C 2 .  ? -0.013  -2.470  2.885   1.000 42.480  ? 104 HOH A O   1 
HETATM 1549 O O   . HOH C 2 .  ? 4.127   1.254   -13.782 1.000 42.480  ? 105 HOH A O   1 
HETATM 1550 O O   . HOH C 2 .  ? 31.474  -1.311  -10.801 1.000 42.480  ? 106 HOH A O   1 
HETATM 1551 O O   . HOH C 2 .  ? 19.963  -7.663  -1.443  1.000 42.720  ? 107 HOH A O   1 
HETATM 1552 O O   . HOH C 2 .  ? 14.758  -6.098  1.251   1.000 42.480  ? 108 HOH A O   1 
HETATM 1553 O O   . HOH C 2 .  ? 29.737  3.954   -1.303  1.000 42.480  ? 109 HOH A O   1 
HETATM 1554 O O   . HOH C 2 .  ? -6.245  -13.045 -23.624 1.000 42.480  ? 110 HOH A O   1 
HETATM 1555 O O   . HOH C 2 .  ? -9.364  -8.718  -12.125 1.000 42.480  ? 111 HOH A O   1 
HETATM 1556 O O   . HOH C 2 .  ? 31.929  5.142   -9.840  1.000 42.480  ? 112 HOH A O   1 
HETATM 1557 O O   . HOH C 2 .  ? 19.472  -6.286  -19.780 1.000 42.480  ? 113 HOH A O   1 
HETATM 1558 O O   . HOH C 2 .  ? 27.899  -0.572  -4.392  1.000 42.480  ? 114 HOH A O   1 
HETATM 1559 O O   . HOH C 2 .  ? 9.816   -5.019  -26.277 1.000 42.500  ? 115 HOH A O   1 
HETATM 1560 O O   . HOH C 2 .  ? 19.210  -0.256  -16.552 1.000 42.720  ? 116 HOH A O   1 
HETATM 1561 O O   . HOH C 2 .  ? 16.677  -6.834  -22.159 1.000 42.500  ? 117 HOH A O   1 
HETATM 1562 O O   . HOH C 2 .  ? 3.181   -15.877 -15.835 1.000 42.480  ? 118 HOH A O   1 
HETATM 1563 O O   . HOH C 2 .  ? 14.931  8.605   -9.159  1.000 42.500  ? 119 HOH A O   1 
HETATM 1564 O O   . HOH C 2 .  ? -10.096 -5.739  -14.971 1.000 42.480  ? 120 HOH A O   1 
HETATM 1565 O O   . HOH C 2 .  ? 2.469   -1.025  -5.435  1.000 42.480  ? 121 HOH A O   1 
HETATM 1566 O O   . HOH C 2 .  ? 0.374   -11.817 -7.301  1.000 42.480  ? 122 HOH A O   1 
HETATM 1567 O O   . HOH C 2 .  ? 31.138  2.592   -8.632  1.000 42.480  ? 123 HOH A O   1 
HETATM 1568 O O   . HOH C 2 .  ? -1.933  -2.532  -1.272  1.000 42.480  ? 124 HOH A O   1 
HETATM 1569 O O   . HOH C 2 .  ? 24.252  5.520   3.499   1.000 42.480  ? 125 HOH A O   1 
HETATM 1570 O O   . HOH C 2 .  ? 15.334  -11.229 -3.663  1.000 42.480  ? 126 HOH A O   1 
HETATM 1571 O O   . HOH C 2 .  ? -8.346  -7.312  -18.371 0.50  42.500  ? 127 HOH A O   1 
HETATM 1572 O O   . HOH C 2 .  ? 0.549   -2.346  -4.073  1.000 42.480  ? 128 HOH A O   1 
HETATM 1573 O O   . HOH C 2 .  ? 13.150  -1.313  -20.644 1.000 42.480  ? 129 HOH A O   1 
HETATM 1574 O O   . HOH C 2 .  ? 0.960   -10.395 -19.695 1.000 42.480  ? 130 HOH A O   1 
HETATM 1575 O O   . HOH C 2 .  ? 8.500   0.513   0.813   1.000 42.720  ? 131 HOH A O   1 
HETATM 1576 O O   . HOH C 2 .  ? 10.887  1.821   -16.409 1.000 42.480  ? 132 HOH A O   1 
HETATM 1577 O O   . HOH C 2 .  ? 19.244  -9.277  -17.161 1.000 42.480  ? 133 HOH A O   1 
HETATM 1578 O O   . HOH C 2 .  ? 15.083  -4.846  -21.642 1.000 42.480  ? 134 HOH A O   1 
HETATM 1579 O O   . HOH C 2 .  ? 8.719   -8.788  1.147   1.000 42.480  ? 135 HOH A O   1 
HETATM 1580 O O   . HOH C 2 .  ? 14.599  -9.634  -6.923  1.000 42.480  ? 136 HOH A O   1 
HETATM 1581 O O   . HOH C 2 .  ? 20.786  11.756  -5.311  1.000 42.480  ? 137 HOH A O   1 
HETATM 1582 O O   . HOH C 2 .  ? 5.960   -2.122  -19.051 1.000 42.480  ? 138 HOH A O   1 
HETATM 1583 O O   . HOH C 2 .  ? 22.400  7.142   -5.110  1.000 42.480  ? 139 HOH A O   1 
HETATM 1584 O O   . HOH C 2 .  ? 9.901   -12.361 -13.232 1.000 42.480  ? 140 HOH A O   1 
HETATM 1585 O O   . HOH C 2 .  ? 16.018  -3.347  1.397   1.000 42.480  ? 141 HOH A O   1 
HETATM 1586 O O   . HOH C 2 .  ? -7.399  -6.113  -21.601 0.50  42.500  ? 142 HOH A O   1 
HETATM 1587 O O   . HOH C 2 .  ? -3.725  -1.127  -11.160 1.000 42.480  ? 143 HOH A O   1 
HETATM 1588 O O   . HOH C 2 .  ? 15.142  6.363   -11.624 1.000 42.480  ? 144 HOH A O   1 
HETATM 1589 O O   . HOH C 2 .  ? 9.120   -17.283 -14.126 1.000 42.500  ? 145 HOH A O   1 
HETATM 1590 O O   . HOH C 2 .  ? 1.417   5.329   -11.346 1.000 42.480  ? 146 HOH A O   1 
HETATM 1591 O O   . HOH C 2 .  ? 20.419  -6.346  -15.072 1.000 42.480  ? 147 HOH A O   1 
HETATM 1592 O O   . HOH C 2 .  ? 21.027  0.387   -15.337 1.000 42.480  ? 148 HOH A O   1 
HETATM 1593 O O   . HOH C 2 .  ? 20.697  -15.054 -10.792 1.000 42.480  ? 149 HOH A O   1 
HETATM 1594 O O   . HOH C 2 .  ? 25.441  -2.816  -7.126  1.000 42.480  ? 150 HOH A O   1 
HETATM 1595 O O   . HOH C 2 .  ? 24.248  -2.857  -3.467  1.000 42.480  ? 151 HOH A O   1 
HETATM 1596 O O   . HOH C 2 .  ? 26.172  -6.247  -5.256  1.000 42.500  ? 152 HOH A O   1 
HETATM 1597 O O   . HOH C 2 .  ? 12.332  -7.520  -22.827 1.000 42.480  ? 153 HOH A O   1 
HETATM 1598 O O   . HOH C 2 .  ? 9.220   1.768   -18.431 1.000 42.480  ? 154 HOH A O   1 
HETATM 1599 O O   . HOH C 2 .  ? 6.896   -10.918 -7.312  1.000 42.480  ? 155 HOH A O   1 
HETATM 1600 O O   . HOH C 2 .  ? 20.861  -4.818  -3.192  1.000 42.480  ? 156 HOH A O   1 
HETATM 1601 O O   . HOH C 2 .  ? 18.630  7.495   -11.395 1.000 42.720  ? 157 HOH A O   1 
HETATM 1602 O O   . HOH C 2 .  ? 26.907  2.360   0.921   1.000 42.480  ? 158 HOH A O   1 
HETATM 1603 O O   . HOH C 2 .  ? 25.412  2.323   -12.285 1.000 42.500  ? 159 HOH A O   1 
HETATM 1604 O O   . HOH C 2 .  ? 0.720   3.748   -9.765  1.000 42.500  ? 160 HOH A O   1 
HETATM 1605 O O   . HOH C 2 .  ? 2.596   -2.477  1.020   1.000 42.480  ? 161 HOH A O   1 
HETATM 1606 O O   . HOH C 2 .  ? 23.203  12.785  -6.792  1.000 42.720  ? 162 HOH A O   1 
HETATM 1607 O O   . HOH C 2 .  ? -14.343 -4.191  -6.438  1.000 42.480  ? 163 HOH A O   1 
HETATM 1608 O O   . HOH C 2 .  ? 5.487   -1.716  0.738   1.000 42.500  ? 164 HOH A O   1 
HETATM 1609 O O   . HOH C 2 .  ? -12.107 -2.407  -5.761  1.000 42.480  ? 165 HOH A O   1 
HETATM 1610 O O   . HOH C 2 .  ? 22.651  -4.964  -5.025  1.000 42.480  ? 166 HOH A O   1 
HETATM 1611 O O   . HOH C 2 .  ? 21.705  3.995   -15.065 1.000 42.480  ? 167 HOH A O   1 
HETATM 1612 O O   . HOH C 2 .  ? 6.848   -16.924 -13.111 1.000 42.720  ? 168 HOH A O   1 
HETATM 1613 O O   . HOH C 2 .  ? 1.709   -6.958  5.688   1.000 42.720  ? 169 HOH A O   1 
HETATM 1614 O O   . HOH C 2 .  ? 12.592  1.379   -20.360 1.000 42.480  ? 170 HOH A O   1 
HETATM 1615 O O   . HOH C 2 .  ? 12.909  -11.795 -6.383  1.000 42.480  ? 171 HOH A O   1 
HETATM 1616 O O   . HOH C 2 .  ? -2.146  3.395   -10.415 1.000 42.500  ? 172 HOH A O   1 
HETATM 1617 O O   . HOH C 2 .  ? 23.094  3.057   -14.051 1.000 42.480  ? 173 HOH A O   1 
HETATM 1618 O O   . HOH C 2 .  ? -1.980  -13.643 -6.318  1.000 42.720  ? 174 HOH A O   1 
HETATM 1619 O O   . HOH C 2 .  ? 1.223   -0.748  -1.197  1.000 42.720  ? 175 HOH A O   1 
HETATM 1620 O O   . HOH C 2 .  ? 8.619   1.962   -0.776  1.000 42.480  ? 176 HOH A O   1 
HETATM 1621 O O   . HOH C 2 .  ? 0.586   -11.599 -5.102  1.000 42.480  ? 177 HOH A O   1 
HETATM 1622 O O   . HOH C 2 .  ? 10.627  2.215   -0.371  1.000 42.480  ? 178 HOH A O   1 
HETATM 1623 O O   . HOH C 2 .  ? 12.217  4.591   0.340   1.000 42.480  ? 179 HOH A O   1 
HETATM 1624 O O   . HOH D 2 .  ? -5.035  -8.479  11.121  1.000 42.720  ? 101 HOH B O   1 
HETATM 1625 O O   . HOH D 2 .  ? -19.076 4.061   6.829   1.000 42.480  ? 102 HOH B O   1 
HETATM 1626 O O   . HOH D 2 .  ? -6.876  6.790   16.139  1.000 42.480  ? 103 HOH B O   1 
HETATM 1627 O O   . HOH D 2 .  ? -1.760  -11.379 2.641   1.000 42.500  ? 104 HOH B O   1 
HETATM 1628 O O   . HOH D 2 .  ? -18.331 4.942   19.349  1.000 42.720  ? 105 HOH B O   1 
HETATM 1629 O O   . HOH D 2 .  ? -1.473  -7.194  5.735   1.000 42.480  ? 106 HOH B O   1 
HETATM 1630 O O   . HOH D 2 .  ? -13.554 19.612  24.445  1.000 42.480  ? 107 HOH B O   1 
HETATM 1631 O O   . HOH D 2 .  ? -3.813  -2.028  2.286   1.000 42.480  ? 108 HOH B O   1 
HETATM 1632 O O   . HOH D 2 .  ? -15.770 11.193  17.443  1.000 42.720  ? 109 HOH B O   1 
HETATM 1633 O O   . HOH D 2 .  ? -19.266 -4.779  1.724   1.000 42.500  ? 110 HOH B O   1 
HETATM 1634 O O   . HOH D 2 .  ? -13.268 -12.631 -0.069  1.000 42.480  ? 111 HOH B O   1 
HETATM 1635 O O   . HOH D 2 .  ? -12.203 15.822  2.669   1.000 42.500  ? 112 HOH B O   1 
HETATM 1636 O O   . HOH D 2 .  ? -6.785  18.321  14.523  1.000 42.480  ? 113 HOH B O   1 
HETATM 1637 O O   . HOH D 2 .  ? -5.925  -8.709  15.185  1.000 42.720  ? 114 HOH B O   1 
HETATM 1638 O O   . HOH D 2 .  ? -3.714  -0.884  5.216   1.000 42.480  ? 115 HOH B O   1 
HETATM 1639 O O   . HOH D 2 .  ? -14.055 -10.954 10.470  1.000 42.480  ? 116 HOH B O   1 
HETATM 1640 O O   . HOH D 2 .  ? -19.996 -6.915  8.099   1.000 42.480  ? 117 HOH B O   1 
HETATM 1641 O O   . HOH D 2 .  ? -20.042 15.217  10.289  1.000 42.480  ? 118 HOH B O   1 
HETATM 1642 O O   . HOH D 2 .  ? -8.722  3.287   20.423  1.000 42.480  ? 119 HOH B O   1 
HETATM 1643 O O   . HOH D 2 .  ? -19.968 -19.215 2.509   1.000 42.720  ? 120 HOH B O   1 
HETATM 1644 O O   . HOH D 2 .  ? -8.553  -12.863 7.469   1.000 42.500  ? 121 HOH B O   1 
HETATM 1645 O O   . HOH D 2 .  ? -13.736 4.582   2.832   1.000 42.480  ? 122 HOH B O   1 
HETATM 1646 O O   . HOH D 2 .  ? -12.840 10.300  7.166   1.000 42.480  ? 123 HOH B O   1 
HETATM 1647 O O   . HOH D 2 .  ? -8.899  17.882  8.427   1.000 42.500  ? 124 HOH B O   1 
HETATM 1648 O O   . HOH D 2 .  ? -2.263  -0.317  9.917   1.000 42.500  ? 125 HOH B O   1 
HETATM 1649 O O   . HOH D 2 .  ? -13.695 -4.689  15.022  1.000 42.480  ? 126 HOH B O   1 
HETATM 1650 O O   . HOH D 2 .  ? -7.091  -8.614  6.061   1.000 42.480  ? 127 HOH B O   1 
HETATM 1651 O O   . HOH D 2 .  ? -4.573  13.671  5.187   1.000 42.500  ? 128 HOH B O   1 
HETATM 1652 O O   . HOH D 2 .  ? -3.156  14.450  7.102   1.000 42.500  ? 129 HOH B O   1 
HETATM 1653 O O   . HOH D 2 .  ? -1.386  1.959   0.221   1.000 42.480  ? 130 HOH B O   1 
HETATM 1654 O O   . HOH D 2 .  ? -16.673 -3.919  12.616  1.000 42.500  ? 131 HOH B O   1 
HETATM 1655 O O   . HOH D 2 .  ? -13.583 -0.931  -0.780  1.000 42.480  ? 132 HOH B O   1 
HETATM 1656 O O   . HOH D 2 .  ? -7.778  16.505  11.153  1.000 42.500  ? 133 HOH B O   1 
HETATM 1657 O O   . HOH D 2 .  ? -4.335  5.103   -2.065  1.000 42.480  ? 134 HOH B O   1 
HETATM 1658 O O   . HOH D 2 .  ? -6.467  9.540   -0.027  1.000 42.500  ? 135 HOH B O   1 
HETATM 1659 O O   . HOH D 2 .  ? -1.481  5.469   2.330   1.000 42.480  ? 136 HOH B O   1 
HETATM 1660 O O   . HOH D 2 .  ? -15.366 8.314   3.752   1.000 42.720  ? 137 HOH B O   1 
HETATM 1661 O O   . HOH D 2 .  ? -8.654  -0.014  18.581  1.000 42.480  ? 138 HOH B O   1 
HETATM 1662 O O   . HOH D 2 .  ? -4.471  19.585  12.708  1.000 42.500  ? 139 HOH B O   1 
HETATM 1663 O O   . HOH D 2 .  ? -1.970  -1.616  11.709  1.000 42.500  ? 140 HOH B O   1 
HETATM 1664 O O   . HOH D 2 .  ? -15.969 -3.770  14.345  1.000 42.720  ? 141 HOH B O   1 
HETATM 1665 O O   . HOH D 2 .  ? -2.724  -12.609 -2.623  1.000 42.720  ? 142 HOH B O   1 
HETATM 1666 O O   . HOH D 2 .  ? -2.258  -0.844  14.448  1.000 42.500  ? 143 HOH B O   1 
HETATM 1667 O O   . HOH D 2 .  ? -1.251  -0.381  1.801   1.000 42.500  ? 144 HOH B O   1 
HETATM 1668 O O   . HOH D 2 .  ? -4.570  -13.603 -3.987  1.000 42.720  ? 145 HOH B O   1 
HETATM 1669 O O   . HOH D 2 .  ? -0.098  3.634   2.602   1.000 42.500  ? 146 HOH B O   1 
HETATM 1670 O O   . HOH D 2 .  ? -0.788  -3.052  11.284  1.000 42.500  ? 147 HOH B O   1 
HETATM 1671 O O   . HOH D 2 .  ? -0.814  -12.228 -3.293  1.000 42.720  ? 148 HOH B O   1 
# 
